data_3L7L
#
_entry.id   3L7L
#
_cell.length_a   222.880
_cell.length_b   222.880
_cell.length_c   100.750
_cell.angle_alpha   90.00
_cell.angle_beta   90.00
_cell.angle_gamma   90.00
#
_symmetry.space_group_name_H-M   'P 41 21 2'
#
loop_
_entity.id
_entity.type
_entity.pdbx_description
1 polymer 'Teichoic acid biosynthesis protein F'
2 non-polymer 'SULFATE ION'
3 non-polymer 'CHLORIDE ION'
4 non-polymer "[CYTIDINE-5'-PHOSPHATE] GLYCERYLPHOSPHORIC ACID ESTER"
5 non-polymer 1,2-ETHANEDIOL
6 water water
#
_entity_poly.entity_id   1
_entity_poly.type   'polypeptide(L)'
_entity_poly.pdbx_seq_one_letter_code
;MNKLTIIVTYYNAEEYITGCLESIKQQRTQDFNLIIVNDGSTDQSKKLMDEAIKDYDKNIRFIDLDENSGHAHARNIALE
EVETPYFMFLDADDELASYAITFYLEKFNNTDGLIAPIHSFTTQRPQFVDLDRVRVEYFNAKENINSFLRKQSACNIIFR
TAIVRAHHIRFNENLNTYVDWSFVLEYMKYVNKFVRIFNFPFYFRGEVYDPFETLTLSEQNFDILFKDYVNSFYDAIKRA
TNPKVREFIVTKMGNKIANEFEPTRYDINERYQTHKDTLVELSKFLHVHLVKNQKLINKIETILLMNNETDKAFKVNQFR
KTLRHVKNIVLRRKNKERSLYDLTDKEDNVKPKTIVFESFGGKNYSDSPKYIYEYMQKYYPNYRYIWSFKNPDKNVVPGS
AEKVKRNSAEYYQAYSEASHWVSNARTPLYLNKKENQTYIQTWNGTPLKRLANDMKVVRMPGTTTPKYKRNFNRETSRWD
YLISPNRYSTEIFRSAFWMDEERILEIGYPRNDVLVNRANDQEYLDEIRTHLNLPSDKKVIMYAPTWRDDEFVSKGKYLF
ELKIDLDNLYKELGDDYVILLRMHYLISNALDLSGYENFAIDVSNYNDVSELFLISDCLITDYSSVMFDYGILKRPQFFF
AYDIDKYDKGLRGFYMNYMEDLPGPIYTEPYGLAKELKNLDKVQQQYQEKIDAFYDRFCSVDNGKASQYIGDLIHKDIKE
QLEHHHHHH
;
_entity_poly.pdbx_strand_id   A,B,C,D
#
loop_
_chem_comp.id
_chem_comp.type
_chem_comp.name
_chem_comp.formula
C2G non-polymer '[CYTIDINE-5'-PHOSPHATE] GLYCERYLPHOSPHORIC ACID ESTER' 'C12 H21 N3 O13 P2'
CL non-polymer 'CHLORIDE ION' 'Cl -1'
EDO non-polymer 1,2-ETHANEDIOL 'C2 H6 O2'
SO4 non-polymer 'SULFATE ION' 'O4 S -2'
#
# COMPACT_ATOMS: atom_id res chain seq x y z
N PHE A 314 -5.29 -16.14 -1.02
CA PHE A 314 -5.15 -14.98 -1.90
C PHE A 314 -3.95 -15.12 -2.84
N LYS A 315 -4.26 -15.38 -4.11
CA LYS A 315 -3.25 -15.79 -5.10
C LYS A 315 -2.34 -14.65 -5.62
N VAL A 316 -1.05 -14.94 -5.78
CA VAL A 316 -0.06 -13.93 -6.15
C VAL A 316 -0.36 -13.28 -7.51
N ASN A 317 -0.87 -14.05 -8.46
CA ASN A 317 -1.23 -13.44 -9.73
C ASN A 317 -2.34 -12.40 -9.61
N GLN A 318 -3.36 -12.67 -8.79
CA GLN A 318 -4.46 -11.73 -8.58
C GLN A 318 -4.04 -10.49 -7.80
N PHE A 319 -3.23 -10.69 -6.77
CA PHE A 319 -2.70 -9.60 -5.97
C PHE A 319 -1.99 -8.57 -6.83
N ARG A 320 -1.24 -9.04 -7.81
CA ARG A 320 -0.52 -8.14 -8.72
C ARG A 320 -1.46 -7.31 -9.60
N LYS A 321 -2.43 -7.99 -10.21
CA LYS A 321 -3.41 -7.32 -11.03
C LYS A 321 -4.14 -6.34 -10.17
N THR A 322 -4.26 -6.69 -8.90
CA THR A 322 -5.10 -5.93 -7.98
C THR A 322 -4.46 -4.61 -7.58
N LEU A 323 -3.18 -4.67 -7.26
CA LEU A 323 -2.48 -3.46 -6.96
C LEU A 323 -2.49 -2.60 -8.22
N ARG A 324 -2.29 -3.20 -9.39
CA ARG A 324 -2.09 -2.37 -10.58
C ARG A 324 -3.32 -1.52 -10.83
N HIS A 325 -4.47 -2.08 -10.52
CA HIS A 325 -5.75 -1.41 -10.76
C HIS A 325 -6.00 -0.26 -9.76
N VAL A 326 -5.62 -0.48 -8.51
CA VAL A 326 -5.68 0.55 -7.49
C VAL A 326 -4.83 1.71 -7.90
N LYS A 327 -3.64 1.42 -8.40
CA LYS A 327 -2.78 2.44 -9.00
C LYS A 327 -3.57 3.22 -10.04
N ASN A 328 -4.16 2.50 -10.98
CA ASN A 328 -4.86 3.14 -12.07
C ASN A 328 -6.08 3.93 -11.62
N ILE A 329 -6.84 3.35 -10.71
CA ILE A 329 -8.01 4.01 -10.16
C ILE A 329 -7.68 5.30 -9.38
N VAL A 330 -6.69 5.25 -8.51
CA VAL A 330 -6.36 6.39 -7.68
C VAL A 330 -5.61 7.45 -8.45
N LEU A 331 -4.83 7.05 -9.45
CA LEU A 331 -4.02 7.98 -10.21
C LEU A 331 -4.76 8.50 -11.44
N ARG A 332 -5.97 7.99 -11.66
CA ARG A 332 -6.84 8.47 -12.72
C ARG A 332 -6.21 8.22 -14.07
N ARG A 333 -5.49 7.11 -14.16
CA ARG A 333 -4.89 6.64 -15.39
C ARG A 333 -5.98 6.26 -16.41
N LYS A 334 -5.76 6.56 -17.69
CA LYS A 334 -6.76 6.25 -18.69
C LYS A 334 -6.88 4.74 -18.84
N ASN A 335 -5.89 4.05 -18.28
CA ASN A 335 -5.81 2.60 -18.37
C ASN A 335 -6.67 1.82 -17.39
N LYS A 336 -7.28 2.50 -16.44
CA LYS A 336 -8.16 1.83 -15.49
C LYS A 336 -9.14 0.87 -16.19
N GLU A 337 -9.59 1.24 -17.38
CA GLU A 337 -10.58 0.40 -18.04
C GLU A 337 -10.07 -1.02 -18.27
N ARG A 338 -8.76 -1.10 -18.38
CA ARG A 338 -8.07 -2.32 -18.72
C ARG A 338 -7.78 -3.15 -17.49
N SER A 339 -7.27 -2.47 -16.45
CA SER A 339 -6.85 -3.14 -15.22
C SER A 339 -8.05 -3.78 -14.56
N LEU A 340 -9.19 -3.13 -14.72
CA LEU A 340 -10.41 -3.65 -14.16
C LEU A 340 -10.80 -4.91 -14.91
N TYR A 341 -10.57 -4.89 -16.22
CA TYR A 341 -10.93 -6.01 -17.09
C TYR A 341 -10.03 -7.19 -16.77
N ASP A 342 -8.75 -6.92 -16.62
CA ASP A 342 -7.77 -7.94 -16.35
C ASP A 342 -8.12 -8.69 -15.07
N LEU A 343 -8.79 -7.99 -14.15
CA LEU A 343 -9.18 -8.56 -12.86
C LEU A 343 -10.37 -9.50 -12.94
N THR A 344 -11.46 -9.00 -13.53
CA THR A 344 -12.73 -9.71 -13.49
C THR A 344 -12.84 -10.70 -14.62
N ASP A 345 -11.93 -10.62 -15.59
CA ASP A 345 -12.05 -11.48 -16.75
C ASP A 345 -11.94 -12.94 -16.37
N LYS A 346 -13.09 -13.63 -16.33
CA LYS A 346 -13.13 -15.05 -15.98
C LYS A 346 -13.77 -15.84 -17.11
N GLU A 347 -13.47 -17.13 -17.16
CA GLU A 347 -13.95 -17.97 -18.26
C GLU A 347 -15.48 -17.94 -18.41
N ASP A 348 -16.16 -17.53 -17.36
CA ASP A 348 -17.63 -17.60 -17.31
C ASP A 348 -18.35 -16.48 -18.04
N ASN A 349 -17.63 -15.41 -18.39
CA ASN A 349 -18.27 -14.28 -19.06
C ASN A 349 -18.58 -14.62 -20.51
N VAL A 350 -17.96 -15.69 -21.02
CA VAL A 350 -18.10 -16.05 -22.41
C VAL A 350 -19.52 -16.49 -22.70
N LYS A 351 -20.22 -15.70 -23.50
CA LYS A 351 -21.50 -16.10 -24.02
C LYS A 351 -21.17 -16.77 -25.35
N PRO A 352 -21.64 -18.01 -25.55
CA PRO A 352 -21.14 -18.78 -26.70
C PRO A 352 -21.58 -18.19 -28.02
N LYS A 353 -22.58 -17.31 -28.02
CA LYS A 353 -23.06 -16.74 -29.26
C LYS A 353 -22.72 -15.27 -29.54
N THR A 354 -21.65 -14.76 -28.89
CA THR A 354 -21.09 -13.44 -29.18
C THR A 354 -19.88 -13.56 -30.10
N ILE A 355 -19.83 -12.74 -31.14
CA ILE A 355 -18.65 -12.68 -31.99
C ILE A 355 -18.13 -11.25 -32.21
N VAL A 356 -16.85 -11.02 -31.97
CA VAL A 356 -16.26 -9.71 -32.22
C VAL A 356 -15.42 -9.69 -33.49
N PHE A 357 -15.54 -8.62 -34.27
CA PHE A 357 -14.75 -8.43 -35.48
C PHE A 357 -13.96 -7.16 -35.37
N GLU A 358 -12.72 -7.18 -35.82
CA GLU A 358 -11.97 -5.95 -35.94
C GLU A 358 -11.09 -6.11 -37.14
N SER A 359 -10.91 -5.05 -37.90
CA SER A 359 -10.06 -5.18 -39.07
C SER A 359 -8.99 -4.10 -39.10
N PHE A 360 -7.77 -4.49 -39.41
CA PHE A 360 -6.64 -3.58 -39.36
C PHE A 360 -6.55 -2.80 -38.07
N GLY A 361 -6.81 -3.50 -36.96
CA GLY A 361 -6.68 -2.90 -35.65
C GLY A 361 -7.71 -1.82 -35.44
N GLY A 362 -8.87 -1.99 -36.06
CA GLY A 362 -10.04 -1.17 -35.78
C GLY A 362 -10.02 0.21 -36.40
N LYS A 363 -9.50 0.30 -37.61
CA LYS A 363 -9.48 1.55 -38.31
C LYS A 363 -10.54 1.54 -39.39
N ASN A 364 -11.12 0.38 -39.62
CA ASN A 364 -11.91 0.14 -40.78
C ASN A 364 -12.98 -0.87 -40.54
N TYR A 365 -14.04 -0.78 -41.32
CA TYR A 365 -14.92 -1.92 -41.52
C TYR A 365 -14.59 -2.37 -42.91
N SER A 366 -13.70 -3.35 -43.03
CA SER A 366 -13.12 -3.69 -44.34
C SER A 366 -12.59 -5.11 -44.38
N ASP A 367 -12.05 -5.50 -45.53
CA ASP A 367 -11.28 -6.73 -45.63
C ASP A 367 -12.04 -7.96 -45.15
N SER A 368 -11.30 -9.05 -44.99
CA SER A 368 -11.92 -10.34 -44.80
C SER A 368 -12.90 -10.44 -43.60
N PRO A 369 -12.62 -9.73 -42.49
CA PRO A 369 -13.61 -9.73 -41.42
C PRO A 369 -14.96 -9.14 -41.85
N LYS A 370 -14.94 -8.26 -42.84
CA LYS A 370 -16.17 -7.66 -43.33
C LYS A 370 -16.98 -8.69 -44.09
N TYR A 371 -16.28 -9.48 -44.89
CA TYR A 371 -16.94 -10.45 -45.74
C TYR A 371 -17.38 -11.69 -44.98
N ILE A 372 -16.65 -12.00 -43.91
CA ILE A 372 -17.07 -13.05 -43.01
C ILE A 372 -18.29 -12.55 -42.28
N TYR A 373 -18.29 -11.27 -41.92
CA TYR A 373 -19.44 -10.69 -41.23
C TYR A 373 -20.68 -10.58 -42.12
N GLU A 374 -20.51 -10.19 -43.36
CA GLU A 374 -21.67 -10.02 -44.21
C GLU A 374 -22.30 -11.38 -44.58
N TYR A 375 -21.48 -12.43 -44.56
CA TYR A 375 -22.00 -13.75 -44.80
C TYR A 375 -22.79 -14.22 -43.59
N MET A 376 -22.31 -13.94 -42.39
CA MET A 376 -23.00 -14.43 -41.21
C MET A 376 -24.27 -13.66 -40.92
N GLN A 377 -24.30 -12.40 -41.32
CA GLN A 377 -25.53 -11.62 -41.21
C GLN A 377 -26.69 -12.26 -41.96
N LYS A 378 -26.42 -12.64 -43.21
CA LYS A 378 -27.40 -13.28 -44.05
C LYS A 378 -27.95 -14.60 -43.45
N TYR A 379 -27.06 -15.49 -43.03
CA TYR A 379 -27.43 -16.86 -42.65
C TYR A 379 -27.45 -17.14 -41.15
N TYR A 380 -27.06 -16.16 -40.35
CA TYR A 380 -27.01 -16.38 -38.91
C TYR A 380 -27.32 -15.10 -38.15
N PRO A 381 -28.46 -14.46 -38.48
CA PRO A 381 -28.82 -13.14 -37.96
C PRO A 381 -28.86 -13.11 -36.45
N ASN A 382 -29.07 -14.26 -35.82
CA ASN A 382 -29.46 -14.25 -34.42
C ASN A 382 -28.33 -14.38 -33.40
N TYR A 383 -27.13 -13.97 -33.78
CA TYR A 383 -25.98 -13.93 -32.88
C TYR A 383 -25.63 -12.50 -32.46
N ARG A 384 -24.93 -12.34 -31.35
CA ARG A 384 -24.46 -11.00 -31.01
C ARG A 384 -23.26 -10.66 -31.91
N TYR A 385 -23.42 -9.69 -32.80
CA TYR A 385 -22.31 -9.23 -33.62
C TYR A 385 -21.73 -7.89 -33.15
N ILE A 386 -20.47 -7.91 -32.75
CA ILE A 386 -19.80 -6.73 -32.23
C ILE A 386 -18.64 -6.36 -33.13
N TRP A 387 -18.56 -5.08 -33.52
CA TRP A 387 -17.39 -4.57 -34.25
C TRP A 387 -16.52 -3.59 -33.42
N SER A 388 -15.21 -3.68 -33.60
CA SER A 388 -14.25 -2.95 -32.78
C SER A 388 -13.59 -1.86 -33.59
N PHE A 389 -13.64 -0.61 -33.14
CA PHE A 389 -13.14 0.53 -33.92
C PHE A 389 -12.32 1.53 -33.09
N LYS A 390 -11.43 2.25 -33.76
CA LYS A 390 -10.77 3.37 -33.11
C LYS A 390 -11.75 4.50 -32.90
N ASN A 391 -12.56 4.77 -33.92
CA ASN A 391 -13.53 5.85 -33.91
C ASN A 391 -14.87 5.34 -34.38
N PRO A 392 -15.57 4.55 -33.55
CA PRO A 392 -16.80 3.89 -33.98
C PRO A 392 -17.76 4.83 -34.72
N ASP A 393 -17.89 6.06 -34.26
CA ASP A 393 -18.89 6.95 -34.82
C ASP A 393 -18.52 7.47 -36.21
N LYS A 394 -17.33 7.11 -36.70
CA LYS A 394 -16.91 7.46 -38.05
C LYS A 394 -16.83 6.22 -38.90
N ASN A 395 -17.61 5.20 -38.55
CA ASN A 395 -17.63 3.94 -39.27
C ASN A 395 -19.03 3.42 -39.43
N VAL A 396 -19.41 3.12 -40.66
CA VAL A 396 -20.77 2.72 -40.98
C VAL A 396 -20.83 1.22 -41.16
N VAL A 397 -21.58 0.53 -40.29
CA VAL A 397 -21.72 -0.91 -40.42
C VAL A 397 -23.15 -1.37 -40.71
N PRO A 398 -23.34 -2.17 -41.78
CA PRO A 398 -24.67 -2.74 -42.06
C PRO A 398 -25.02 -3.83 -41.05
N GLY A 399 -26.27 -3.86 -40.60
CA GLY A 399 -26.77 -5.04 -39.90
C GLY A 399 -26.99 -4.98 -38.40
N SER A 400 -27.03 -6.17 -37.81
CA SER A 400 -27.40 -6.33 -36.42
C SER A 400 -26.20 -6.05 -35.54
N ALA A 401 -25.07 -5.71 -36.13
CA ALA A 401 -23.87 -5.51 -35.33
C ALA A 401 -23.94 -4.18 -34.58
N GLU A 402 -23.42 -4.19 -33.35
CA GLU A 402 -23.24 -2.97 -32.59
C GLU A 402 -21.76 -2.75 -32.45
N LYS A 403 -21.32 -1.50 -32.27
CA LYS A 403 -19.90 -1.20 -32.28
C LYS A 403 -19.31 -0.65 -30.99
N VAL A 404 -18.02 -0.88 -30.79
CA VAL A 404 -17.34 -0.45 -29.57
C VAL A 404 -16.05 0.34 -29.83
N LYS A 405 -15.77 1.31 -28.97
CA LYS A 405 -14.50 2.02 -29.06
C LYS A 405 -13.34 1.26 -28.41
N ARG A 406 -12.22 1.22 -29.09
CA ARG A 406 -11.12 0.48 -28.59
C ARG A 406 -10.70 1.02 -27.24
N ASN A 407 -10.42 0.13 -26.30
CA ASN A 407 -9.84 0.51 -25.01
C ASN A 407 -10.87 1.03 -24.02
N SER A 408 -12.13 1.00 -24.43
CA SER A 408 -13.24 1.47 -23.60
C SER A 408 -13.83 0.35 -22.77
N ALA A 409 -14.77 0.71 -21.90
CA ALA A 409 -15.41 -0.28 -21.07
C ALA A 409 -15.98 -1.40 -21.95
N GLU A 410 -16.92 -1.03 -22.81
CA GLU A 410 -17.57 -1.96 -23.71
C GLU A 410 -16.63 -2.80 -24.56
N TYR A 411 -15.43 -2.28 -24.81
CA TYR A 411 -14.45 -2.98 -25.64
C TYR A 411 -14.00 -4.24 -24.92
N TYR A 412 -13.60 -4.09 -23.67
CA TYR A 412 -13.15 -5.22 -22.91
C TYR A 412 -14.27 -6.20 -22.63
N GLN A 413 -15.48 -5.69 -22.48
CA GLN A 413 -16.64 -6.57 -22.34
C GLN A 413 -16.68 -7.47 -23.55
N ALA A 414 -16.77 -6.83 -24.71
CA ALA A 414 -16.97 -7.52 -25.96
C ALA A 414 -15.97 -8.64 -26.04
N TYR A 415 -14.71 -8.30 -25.81
CA TYR A 415 -13.64 -9.27 -25.93
C TYR A 415 -13.63 -10.34 -24.84
N SER A 416 -14.20 -10.03 -23.67
CA SER A 416 -14.32 -11.00 -22.61
C SER A 416 -15.47 -11.97 -22.85
N GLU A 417 -16.61 -11.45 -23.30
CA GLU A 417 -17.80 -12.26 -23.57
C GLU A 417 -17.68 -13.19 -24.78
N ALA A 418 -17.00 -12.74 -25.82
CA ALA A 418 -17.06 -13.43 -27.12
C ALA A 418 -16.53 -14.87 -27.13
N SER A 419 -17.21 -15.72 -27.88
CA SER A 419 -16.77 -17.08 -28.08
C SER A 419 -15.79 -17.11 -29.23
N HIS A 420 -15.86 -16.09 -30.09
CA HIS A 420 -15.04 -16.02 -31.29
C HIS A 420 -14.47 -14.64 -31.59
N TRP A 421 -13.17 -14.59 -31.87
CA TRP A 421 -12.51 -13.39 -32.35
C TRP A 421 -12.19 -13.54 -33.84
N VAL A 422 -12.64 -12.59 -34.65
CA VAL A 422 -12.29 -12.58 -36.06
C VAL A 422 -11.48 -11.33 -36.36
N SER A 423 -10.27 -11.49 -36.89
CA SER A 423 -9.52 -10.33 -37.38
C SER A 423 -8.37 -10.62 -38.33
N ASN A 424 -7.89 -9.58 -38.99
CA ASN A 424 -6.92 -9.73 -40.05
C ASN A 424 -5.58 -9.10 -39.70
N ALA A 425 -5.35 -8.91 -38.41
CA ALA A 425 -4.10 -8.36 -37.95
C ALA A 425 -3.92 -8.75 -36.51
N ARG A 426 -2.72 -8.51 -36.01
CA ARG A 426 -2.42 -8.87 -34.64
C ARG A 426 -3.39 -8.15 -33.75
N THR A 427 -4.03 -8.85 -32.83
CA THR A 427 -4.80 -8.17 -31.79
C THR A 427 -3.93 -8.14 -30.53
N PRO A 428 -4.05 -7.07 -29.72
CA PRO A 428 -3.15 -6.75 -28.60
C PRO A 428 -2.98 -7.87 -27.59
N LEU A 429 -1.83 -7.93 -26.93
CA LEU A 429 -1.53 -8.99 -25.97
C LEU A 429 -2.20 -8.77 -24.59
N TYR A 430 -2.45 -7.54 -24.20
CA TYR A 430 -3.10 -7.32 -22.92
C TYR A 430 -4.54 -7.85 -22.92
N LEU A 431 -5.06 -8.20 -24.09
CA LEU A 431 -6.35 -8.87 -24.21
C LEU A 431 -6.22 -10.36 -23.90
N ASN A 432 -7.06 -10.85 -23.01
CA ASN A 432 -6.94 -12.24 -22.56
C ASN A 432 -7.72 -13.22 -23.41
N LYS A 433 -7.00 -14.04 -24.18
CA LYS A 433 -7.62 -15.08 -24.99
C LYS A 433 -7.74 -16.40 -24.22
N LYS A 434 -8.88 -16.62 -23.59
CA LYS A 434 -9.04 -17.80 -22.76
C LYS A 434 -9.19 -19.09 -23.59
N GLU A 435 -9.03 -20.25 -22.94
CA GLU A 435 -9.14 -21.57 -23.56
C GLU A 435 -10.51 -21.75 -24.15
N ASN A 436 -11.44 -21.13 -23.45
CA ASN A 436 -12.82 -20.94 -23.80
C ASN A 436 -13.16 -20.43 -25.21
N GLN A 437 -12.34 -19.49 -25.72
CA GLN A 437 -12.65 -18.71 -26.91
C GLN A 437 -11.88 -19.13 -28.16
N THR A 438 -12.50 -19.01 -29.32
CA THR A 438 -11.83 -19.27 -30.60
C THR A 438 -11.43 -17.98 -31.35
N TYR A 439 -10.12 -17.79 -31.52
CA TYR A 439 -9.54 -16.63 -32.23
C TYR A 439 -9.16 -17.06 -33.65
N ILE A 440 -9.87 -16.52 -34.65
CA ILE A 440 -9.64 -16.87 -36.05
C ILE A 440 -8.89 -15.74 -36.74
N GLN A 441 -7.73 -16.04 -37.31
CA GLN A 441 -6.89 -15.05 -37.96
C GLN A 441 -6.94 -15.21 -39.46
N THR A 442 -7.40 -14.17 -40.17
CA THR A 442 -7.47 -14.23 -41.61
C THR A 442 -6.14 -13.76 -42.14
N TRP A 443 -5.49 -12.91 -41.36
CA TRP A 443 -4.32 -12.16 -41.80
C TRP A 443 -4.70 -11.35 -43.04
N ASN A 444 -3.71 -10.75 -43.69
CA ASN A 444 -4.00 -9.73 -44.67
C ASN A 444 -3.28 -9.87 -45.99
N GLY A 445 -2.72 -11.03 -46.28
CA GLY A 445 -2.20 -11.24 -47.61
C GLY A 445 -1.06 -12.23 -47.83
N THR A 446 -1.03 -12.80 -49.04
CA THR A 446 0.12 -13.56 -49.51
C THR A 446 1.32 -12.65 -49.42
N PRO A 447 2.37 -13.07 -48.68
CA PRO A 447 3.54 -12.24 -48.40
C PRO A 447 4.51 -12.19 -49.57
N LEU A 448 5.14 -11.04 -49.76
CA LEU A 448 6.22 -10.91 -50.71
C LEU A 448 7.46 -10.52 -49.91
N LYS A 449 7.29 -9.62 -48.94
CA LYS A 449 8.38 -9.33 -48.03
C LYS A 449 8.38 -10.29 -46.82
N ARG A 450 9.58 -10.68 -46.40
CA ARG A 450 9.73 -11.55 -45.24
C ARG A 450 9.13 -10.89 -44.02
N LEU A 451 8.34 -11.64 -43.25
CA LEU A 451 7.74 -11.11 -42.02
C LEU A 451 8.02 -11.95 -40.80
N ALA A 452 7.77 -11.36 -39.63
CA ALA A 452 7.89 -12.01 -38.34
C ALA A 452 9.23 -12.75 -38.16
N ASN A 453 9.17 -14.06 -37.99
CA ASN A 453 10.36 -14.84 -37.66
C ASN A 453 11.43 -14.73 -38.74
N ASP A 454 10.97 -14.58 -39.97
CA ASP A 454 11.83 -14.70 -41.13
C ASP A 454 12.68 -13.46 -41.34
N MET A 455 12.29 -12.36 -40.71
CA MET A 455 13.08 -11.15 -40.83
C MET A 455 14.45 -11.37 -40.20
N LYS A 456 15.44 -10.60 -40.64
CA LYS A 456 16.81 -10.73 -40.11
C LYS A 456 17.13 -9.65 -39.07
N VAL A 457 17.10 -8.38 -39.48
CA VAL A 457 17.28 -7.28 -38.55
C VAL A 457 16.00 -6.45 -38.42
N VAL A 458 15.79 -5.87 -37.25
CA VAL A 458 14.61 -5.04 -37.01
C VAL A 458 15.00 -3.83 -36.17
N ARG A 459 15.49 -2.79 -36.83
CA ARG A 459 15.93 -1.59 -36.13
C ARG A 459 14.74 -0.70 -35.73
N MET A 460 13.61 -1.34 -35.42
CA MET A 460 12.39 -0.61 -35.09
C MET A 460 12.42 -0.04 -33.67
N PRO A 461 12.18 1.27 -33.57
CA PRO A 461 12.39 2.04 -32.33
C PRO A 461 11.74 1.44 -31.09
N GLY A 462 12.43 1.53 -29.96
CA GLY A 462 11.86 1.18 -28.67
C GLY A 462 12.06 -0.25 -28.26
N THR A 463 12.42 -1.09 -29.24
CA THR A 463 12.50 -2.53 -29.00
C THR A 463 13.65 -3.16 -29.78
N THR A 464 14.14 -4.29 -29.27
CA THR A 464 15.14 -5.09 -29.95
C THR A 464 14.44 -6.02 -30.94
N THR A 465 15.21 -6.82 -31.66
CA THR A 465 14.63 -7.83 -32.55
C THR A 465 14.20 -9.11 -31.85
N PRO A 466 15.03 -9.60 -30.93
CA PRO A 466 14.60 -10.79 -30.17
C PRO A 466 13.29 -10.54 -29.45
N LYS A 467 13.09 -9.31 -28.96
CA LYS A 467 11.92 -8.97 -28.16
C LYS A 467 10.72 -8.87 -29.08
N TYR A 468 10.91 -8.23 -30.22
CA TYR A 468 9.84 -8.06 -31.19
C TYR A 468 9.35 -9.40 -31.74
N LYS A 469 10.27 -10.30 -32.04
CA LYS A 469 9.90 -11.68 -32.34
C LYS A 469 9.25 -12.38 -31.14
N ARG A 470 9.77 -12.21 -29.94
CA ARG A 470 9.13 -12.79 -28.78
C ARG A 470 7.66 -12.40 -28.72
N ASN A 471 7.34 -11.13 -28.93
CA ASN A 471 5.97 -10.69 -28.77
C ASN A 471 5.10 -11.17 -29.91
N PHE A 472 5.67 -11.24 -31.11
CA PHE A 472 4.95 -11.74 -32.25
C PHE A 472 4.68 -13.20 -32.01
N ASN A 473 5.70 -13.93 -31.59
CA ASN A 473 5.50 -15.34 -31.34
C ASN A 473 4.38 -15.59 -30.34
N ARG A 474 4.28 -14.69 -29.36
CA ARG A 474 3.22 -14.72 -28.36
C ARG A 474 1.83 -14.50 -28.94
N GLU A 475 1.69 -13.59 -29.89
CA GLU A 475 0.43 -13.38 -30.57
C GLU A 475 0.06 -14.59 -31.38
N THR A 476 0.99 -15.11 -32.17
CA THR A 476 0.58 -16.18 -33.07
C THR A 476 0.25 -17.48 -32.35
N SER A 477 0.81 -17.65 -31.16
CA SER A 477 0.54 -18.84 -30.39
C SER A 477 -0.94 -18.90 -30.02
N ARG A 478 -1.62 -17.76 -30.04
CA ARG A 478 -3.01 -17.67 -29.62
C ARG A 478 -3.94 -17.87 -30.79
N TRP A 479 -3.42 -17.79 -32.00
CA TRP A 479 -4.24 -17.96 -33.19
C TRP A 479 -4.73 -19.40 -33.32
N ASP A 480 -6.01 -19.61 -33.06
CA ASP A 480 -6.59 -20.95 -33.13
C ASP A 480 -6.66 -21.44 -34.57
N TYR A 481 -7.12 -20.56 -35.46
CA TYR A 481 -7.12 -20.80 -36.90
C TYR A 481 -6.37 -19.70 -37.63
N LEU A 482 -5.71 -20.04 -38.72
CA LEU A 482 -5.03 -19.06 -39.56
C LEU A 482 -5.33 -19.32 -41.03
N ILE A 483 -5.94 -18.36 -41.71
CA ILE A 483 -6.31 -18.57 -43.11
C ILE A 483 -5.13 -18.43 -44.05
N SER A 484 -5.15 -19.15 -45.16
CA SER A 484 -4.06 -19.07 -46.11
C SER A 484 -4.59 -19.17 -47.53
N PRO A 485 -4.07 -18.34 -48.42
CA PRO A 485 -4.56 -18.20 -49.79
C PRO A 485 -3.92 -19.22 -50.74
N ASN A 486 -2.88 -19.92 -50.27
CA ASN A 486 -2.17 -20.87 -51.11
C ASN A 486 -1.09 -21.68 -50.40
N ARG A 487 -0.51 -22.62 -51.15
CA ARG A 487 0.50 -23.52 -50.62
C ARG A 487 1.73 -22.74 -50.18
N TYR A 488 2.09 -21.76 -50.99
CA TYR A 488 3.29 -20.97 -50.76
C TYR A 488 3.16 -20.09 -49.53
N SER A 489 1.99 -19.48 -49.37
CA SER A 489 1.76 -18.74 -48.16
C SER A 489 1.79 -19.69 -46.99
N THR A 490 1.18 -20.86 -47.15
CA THR A 490 1.17 -21.85 -46.09
C THR A 490 2.58 -22.19 -45.63
N GLU A 491 3.43 -22.63 -46.55
CA GLU A 491 4.80 -23.01 -46.20
C GLU A 491 5.49 -21.87 -45.43
N ILE A 492 5.26 -20.64 -45.87
CA ILE A 492 5.85 -19.45 -45.26
C ILE A 492 5.29 -19.20 -43.85
N PHE A 493 3.97 -19.21 -43.72
CA PHE A 493 3.34 -19.02 -42.42
C PHE A 493 3.89 -20.01 -41.40
N ARG A 494 3.97 -21.27 -41.82
CA ARG A 494 4.42 -22.33 -40.95
C ARG A 494 5.72 -21.99 -40.24
N SER A 495 6.65 -21.33 -40.92
CA SER A 495 7.89 -20.87 -40.29
C SER A 495 7.83 -19.43 -39.74
N ALA A 496 7.30 -18.52 -40.57
CA ALA A 496 7.30 -17.10 -40.25
C ALA A 496 6.49 -16.78 -39.00
N PHE A 497 5.43 -17.54 -38.79
CA PHE A 497 4.50 -17.30 -37.70
C PHE A 497 4.54 -18.43 -36.69
N TRP A 498 5.65 -19.15 -36.63
CA TRP A 498 5.73 -20.38 -35.86
C TRP A 498 4.35 -21.05 -35.78
N MET A 499 3.78 -21.46 -36.91
CA MET A 499 2.46 -22.09 -36.93
C MET A 499 2.50 -23.60 -37.13
N ASP A 500 1.43 -24.28 -36.77
CA ASP A 500 1.32 -25.71 -37.05
C ASP A 500 0.44 -25.87 -38.26
N GLU A 501 0.83 -26.73 -39.20
CA GLU A 501 -0.01 -26.95 -40.37
C GLU A 501 -1.44 -27.27 -39.96
N GLU A 502 -1.58 -28.01 -38.86
CA GLU A 502 -2.89 -28.36 -38.32
C GLU A 502 -3.84 -27.16 -38.28
N ARG A 503 -3.38 -26.05 -37.71
CA ARG A 503 -4.20 -24.87 -37.47
C ARG A 503 -4.41 -23.94 -38.68
N ILE A 504 -3.75 -24.25 -39.80
CA ILE A 504 -3.88 -23.47 -41.01
C ILE A 504 -5.06 -23.89 -41.89
N LEU A 505 -5.81 -22.92 -42.39
CA LEU A 505 -6.91 -23.20 -43.30
C LEU A 505 -6.65 -22.68 -44.71
N GLU A 506 -6.35 -23.57 -45.66
CA GLU A 506 -6.20 -23.13 -47.04
C GLU A 506 -7.53 -23.06 -47.74
N ILE A 507 -8.09 -21.87 -47.84
CA ILE A 507 -9.39 -21.70 -48.47
C ILE A 507 -9.41 -20.44 -49.32
N GLY A 508 -8.45 -19.56 -49.06
CA GLY A 508 -8.36 -18.27 -49.75
C GLY A 508 -8.97 -17.16 -48.93
N TYR A 509 -8.87 -15.94 -49.42
CA TYR A 509 -9.31 -14.79 -48.64
C TYR A 509 -10.77 -14.48 -48.88
N PRO A 510 -11.54 -14.35 -47.80
CA PRO A 510 -12.97 -14.05 -47.87
C PRO A 510 -13.21 -12.74 -48.60
N ARG A 511 -12.20 -11.88 -48.59
CA ARG A 511 -12.30 -10.58 -49.23
C ARG A 511 -12.08 -10.71 -50.72
N ASN A 512 -11.57 -11.86 -51.14
CA ASN A 512 -11.35 -12.11 -52.57
C ASN A 512 -12.55 -12.77 -53.19
N ASP A 513 -13.52 -13.12 -52.35
CA ASP A 513 -14.68 -13.84 -52.82
C ASP A 513 -15.38 -13.13 -54.01
N VAL A 514 -15.53 -11.82 -53.91
CA VAL A 514 -16.10 -11.04 -55.01
C VAL A 514 -15.28 -11.17 -56.29
N LEU A 515 -13.95 -11.29 -56.18
CA LEU A 515 -13.11 -11.43 -57.36
C LEU A 515 -13.50 -12.69 -58.16
N VAL A 516 -14.08 -13.67 -57.48
CA VAL A 516 -14.52 -14.87 -58.16
C VAL A 516 -16.01 -14.84 -58.45
N ASN A 517 -16.82 -14.49 -57.46
CA ASN A 517 -18.28 -14.48 -57.61
C ASN A 517 -18.85 -13.38 -58.50
N ARG A 518 -18.26 -12.20 -58.43
CA ARG A 518 -18.94 -11.01 -58.92
C ARG A 518 -18.27 -10.36 -60.11
N ALA A 519 -17.20 -10.95 -60.62
CA ALA A 519 -16.40 -10.28 -61.63
C ALA A 519 -17.17 -10.02 -62.93
N ASN A 520 -18.21 -10.80 -63.17
CA ASN A 520 -19.01 -10.63 -64.38
C ASN A 520 -20.38 -10.07 -64.11
N ASP A 521 -20.63 -9.74 -62.84
CA ASP A 521 -21.84 -9.06 -62.44
C ASP A 521 -21.75 -7.60 -62.89
N GLN A 522 -22.69 -7.17 -63.72
CA GLN A 522 -22.56 -5.88 -64.34
C GLN A 522 -23.24 -4.74 -63.58
N GLU A 523 -24.45 -4.96 -63.08
CA GLU A 523 -25.10 -3.94 -62.27
C GLU A 523 -24.16 -3.55 -61.13
N TYR A 524 -23.35 -4.50 -60.71
CA TYR A 524 -22.39 -4.28 -59.62
C TYR A 524 -21.20 -3.47 -60.12
N LEU A 525 -20.58 -3.92 -61.21
CA LEU A 525 -19.49 -3.15 -61.81
C LEU A 525 -19.94 -1.69 -62.05
N ASP A 526 -21.19 -1.52 -62.48
CA ASP A 526 -21.73 -0.21 -62.81
C ASP A 526 -21.90 0.72 -61.62
N GLU A 527 -22.29 0.19 -60.47
CA GLU A 527 -22.37 0.99 -59.26
C GLU A 527 -21.00 1.54 -58.92
N ILE A 528 -20.10 0.62 -58.60
CA ILE A 528 -18.74 0.95 -58.26
C ILE A 528 -18.16 1.96 -59.24
N ARG A 529 -18.53 1.84 -60.51
CA ARG A 529 -17.96 2.74 -61.50
C ARG A 529 -18.56 4.12 -61.35
N THR A 530 -19.85 4.19 -61.13
CA THR A 530 -20.51 5.49 -61.09
C THR A 530 -20.46 6.07 -59.68
N HIS A 531 -20.27 5.22 -58.68
CA HIS A 531 -20.05 5.73 -57.34
C HIS A 531 -18.75 6.52 -57.35
N LEU A 532 -17.89 6.20 -58.32
CA LEU A 532 -16.62 6.88 -58.48
C LEU A 532 -16.64 7.97 -59.55
N ASN A 533 -17.81 8.16 -60.18
CA ASN A 533 -18.03 9.21 -61.18
C ASN A 533 -17.14 9.07 -62.40
N LEU A 534 -17.00 7.86 -62.89
CA LEU A 534 -16.03 7.59 -63.95
C LEU A 534 -16.63 7.73 -65.35
N PRO A 535 -15.83 8.31 -66.27
CA PRO A 535 -16.06 8.24 -67.71
C PRO A 535 -16.65 6.91 -68.13
N SER A 536 -17.52 6.89 -69.13
CA SER A 536 -18.19 5.67 -69.50
C SER A 536 -17.47 4.90 -70.59
N ASP A 537 -16.82 5.62 -71.49
CA ASP A 537 -16.13 5.00 -72.60
C ASP A 537 -14.74 4.50 -72.24
N LYS A 538 -14.27 4.89 -71.06
CA LYS A 538 -12.85 4.72 -70.72
C LYS A 538 -12.49 3.47 -69.90
N LYS A 539 -11.39 2.85 -70.27
CA LYS A 539 -10.83 1.72 -69.55
C LYS A 539 -10.08 2.21 -68.31
N VAL A 540 -9.77 1.30 -67.40
CA VAL A 540 -9.32 1.70 -66.08
C VAL A 540 -7.98 1.08 -65.67
N ILE A 541 -6.99 1.92 -65.40
CA ILE A 541 -5.71 1.46 -64.91
C ILE A 541 -5.70 1.73 -63.43
N MET A 542 -5.21 0.79 -62.65
CA MET A 542 -5.03 1.09 -61.24
C MET A 542 -3.58 1.09 -60.83
N TYR A 543 -3.17 2.17 -60.18
CA TYR A 543 -1.80 2.34 -59.79
C TYR A 543 -1.70 2.29 -58.28
N ALA A 544 -0.82 1.46 -57.74
CA ALA A 544 -0.81 1.28 -56.30
C ALA A 544 0.59 0.96 -55.78
N PRO A 545 1.44 1.99 -55.73
CA PRO A 545 2.82 1.82 -55.28
C PRO A 545 2.87 1.57 -53.79
N THR A 546 3.84 0.80 -53.33
CA THR A 546 4.02 0.69 -51.88
C THR A 546 4.76 1.88 -51.34
N TRP A 547 4.69 2.05 -50.02
CA TRP A 547 5.33 3.17 -49.34
C TRP A 547 6.86 3.11 -49.38
N ARG A 548 7.45 4.29 -49.21
CA ARG A 548 8.89 4.47 -49.26
C ARG A 548 9.29 5.71 -48.45
N ASP A 549 10.12 5.52 -47.44
CA ASP A 549 10.55 6.61 -46.57
C ASP A 549 11.36 7.65 -47.34
N ASP A 550 12.28 7.20 -48.17
CA ASP A 550 13.15 8.09 -48.94
C ASP A 550 12.42 9.27 -49.60
N GLU A 551 11.09 9.20 -49.65
CA GLU A 551 10.30 10.16 -50.42
C GLU A 551 9.41 11.10 -49.57
N PHE A 552 9.55 10.98 -48.26
CA PHE A 552 8.88 11.87 -47.31
C PHE A 552 9.81 13.05 -46.99
N VAL A 553 9.44 14.25 -47.43
CA VAL A 553 10.25 15.45 -47.18
C VAL A 553 9.36 16.69 -47.07
N SER A 554 9.79 17.67 -46.27
CA SER A 554 9.08 18.94 -46.09
C SER A 554 7.88 18.86 -45.17
N LYS A 555 7.92 17.95 -44.19
CA LYS A 555 6.75 17.65 -43.35
C LYS A 555 5.63 16.96 -44.14
N GLY A 556 5.80 16.86 -45.46
CA GLY A 556 4.77 16.29 -46.33
C GLY A 556 3.78 17.31 -46.87
N LYS A 557 4.22 18.54 -47.10
CA LYS A 557 3.35 19.62 -47.63
C LYS A 557 3.27 19.63 -49.16
N TYR A 558 4.41 19.54 -49.83
CA TYR A 558 4.41 19.42 -51.29
C TYR A 558 5.42 18.37 -51.76
N LEU A 559 4.92 17.37 -52.47
CA LEU A 559 5.77 16.27 -52.93
C LEU A 559 6.19 16.47 -54.38
N PHE A 560 7.21 15.74 -54.80
CA PHE A 560 7.56 15.74 -56.21
C PHE A 560 6.64 14.77 -56.93
N GLU A 561 5.96 15.29 -57.94
CA GLU A 561 5.09 14.52 -58.80
C GLU A 561 5.58 13.08 -58.95
N LEU A 562 4.65 12.14 -58.85
CA LEU A 562 4.96 10.72 -58.95
C LEU A 562 5.93 10.49 -60.10
N LYS A 563 6.79 9.50 -59.97
CA LYS A 563 7.77 9.29 -61.01
C LYS A 563 7.10 8.68 -62.19
N ILE A 564 5.86 8.24 -62.00
CA ILE A 564 5.13 7.61 -63.11
C ILE A 564 4.81 8.62 -64.23
N ASP A 565 4.87 9.90 -63.86
CA ASP A 565 4.70 10.98 -64.82
C ASP A 565 3.26 11.10 -65.33
N LEU A 566 2.38 11.64 -64.49
CA LEU A 566 0.98 11.87 -64.88
C LEU A 566 0.82 12.71 -66.15
N ASP A 567 1.58 13.80 -66.24
CA ASP A 567 1.59 14.64 -67.42
C ASP A 567 1.72 13.82 -68.69
N ASN A 568 2.60 12.83 -68.63
CA ASN A 568 2.86 12.01 -69.79
C ASN A 568 1.73 11.08 -70.06
N LEU A 569 1.33 10.37 -69.00
CA LEU A 569 0.26 9.41 -69.06
C LEU A 569 -0.98 10.08 -69.59
N TYR A 570 -1.19 11.34 -69.19
CA TYR A 570 -2.32 12.12 -69.66
C TYR A 570 -2.25 12.28 -71.17
N LYS A 571 -1.14 12.84 -71.65
CA LYS A 571 -0.88 12.97 -73.07
C LYS A 571 -1.12 11.67 -73.84
N GLU A 572 -0.57 10.58 -73.31
CA GLU A 572 -0.49 9.29 -74.01
C GLU A 572 -1.75 8.46 -73.91
N LEU A 573 -2.45 8.56 -72.79
CA LEU A 573 -3.56 7.65 -72.53
C LEU A 573 -4.84 8.36 -72.14
N GLY A 574 -4.75 9.67 -71.97
CA GLY A 574 -5.86 10.46 -71.49
C GLY A 574 -7.14 10.28 -72.27
N ASP A 575 -7.05 9.64 -73.42
CA ASP A 575 -8.24 9.48 -74.26
C ASP A 575 -8.82 8.07 -74.19
N ASP A 576 -7.98 7.08 -73.95
CA ASP A 576 -8.46 5.70 -73.87
C ASP A 576 -8.76 5.33 -72.41
N TYR A 577 -7.97 5.87 -71.50
CA TYR A 577 -7.97 5.43 -70.12
C TYR A 577 -8.31 6.48 -69.06
N VAL A 578 -8.65 6.00 -67.88
CA VAL A 578 -8.67 6.83 -66.71
C VAL A 578 -7.82 6.04 -65.71
N ILE A 579 -7.07 6.71 -64.84
CA ILE A 579 -6.13 5.98 -63.97
C ILE A 579 -6.39 6.19 -62.49
N LEU A 580 -6.51 5.09 -61.73
CA LEU A 580 -6.82 5.16 -60.30
C LEU A 580 -5.60 5.13 -59.41
N LEU A 581 -5.38 6.22 -58.68
CA LEU A 581 -4.23 6.35 -57.82
C LEU A 581 -4.53 5.90 -56.39
N ARG A 582 -4.01 4.74 -56.02
CA ARG A 582 -4.19 4.24 -54.68
C ARG A 582 -2.88 4.35 -53.92
N MET A 583 -2.77 5.43 -53.17
CA MET A 583 -1.52 5.84 -52.53
C MET A 583 -1.61 5.73 -51.03
N HIS A 584 -0.46 5.70 -50.36
CA HIS A 584 -0.47 5.75 -48.91
C HIS A 584 -1.11 7.05 -48.43
N TYR A 585 -1.77 7.02 -47.29
CA TYR A 585 -2.59 8.15 -46.90
C TYR A 585 -1.80 9.46 -46.77
N LEU A 586 -0.52 9.37 -46.46
CA LEU A 586 0.33 10.56 -46.36
C LEU A 586 0.65 11.19 -47.71
N ILE A 587 0.77 10.36 -48.73
CA ILE A 587 1.01 10.86 -50.07
C ILE A 587 -0.29 11.40 -50.59
N SER A 588 -1.39 10.76 -50.21
CA SER A 588 -2.66 11.15 -50.76
C SER A 588 -2.93 12.61 -50.50
N ASN A 589 -3.06 12.98 -49.24
CA ASN A 589 -3.46 14.35 -48.93
C ASN A 589 -2.35 15.39 -49.13
N ALA A 590 -1.33 15.01 -49.90
CA ALA A 590 -0.22 15.89 -50.22
C ALA A 590 -0.08 15.95 -51.73
N LEU A 591 -1.09 15.45 -52.42
CA LEU A 591 -1.02 15.18 -53.85
C LEU A 591 -1.93 16.12 -54.59
N ASP A 592 -1.35 17.01 -55.40
CA ASP A 592 -2.18 17.94 -56.15
C ASP A 592 -2.57 17.39 -57.52
N LEU A 593 -3.86 17.20 -57.73
CA LEU A 593 -4.34 16.64 -59.00
C LEU A 593 -5.18 17.66 -59.79
N SER A 594 -4.92 18.94 -59.57
CA SER A 594 -5.53 19.98 -60.36
C SER A 594 -4.94 19.92 -61.75
N GLY A 595 -5.78 19.70 -62.76
CA GLY A 595 -5.29 19.65 -64.12
C GLY A 595 -5.41 18.24 -64.67
N TYR A 596 -6.07 17.36 -63.91
CA TYR A 596 -6.16 15.96 -64.27
C TYR A 596 -7.56 15.43 -63.97
N GLU A 597 -8.44 16.34 -63.59
CA GLU A 597 -9.82 15.98 -63.39
C GLU A 597 -10.29 15.09 -64.51
N ASN A 598 -10.90 13.96 -64.15
CA ASN A 598 -11.50 13.04 -65.11
C ASN A 598 -10.45 12.18 -65.81
N PHE A 599 -9.21 12.34 -65.38
CA PHE A 599 -8.13 11.48 -65.84
C PHE A 599 -7.58 10.68 -64.71
N ALA A 600 -6.84 11.34 -63.82
CA ALA A 600 -6.29 10.68 -62.66
C ALA A 600 -7.20 10.92 -61.46
N ILE A 601 -7.78 9.84 -60.93
CA ILE A 601 -8.75 9.95 -59.85
C ILE A 601 -8.07 9.49 -58.58
N ASP A 602 -8.14 10.26 -57.50
CA ASP A 602 -7.53 9.79 -56.26
C ASP A 602 -8.46 8.85 -55.56
N VAL A 603 -8.00 7.64 -55.32
CA VAL A 603 -8.86 6.58 -54.85
C VAL A 603 -8.29 5.97 -53.56
N SER A 604 -7.45 6.76 -52.87
CA SER A 604 -6.65 6.32 -51.72
C SER A 604 -7.44 5.98 -50.47
N ASN A 605 -8.57 6.64 -50.27
CA ASN A 605 -9.37 6.42 -49.07
C ASN A 605 -10.61 5.56 -49.30
N TYR A 606 -10.70 4.95 -50.47
CA TYR A 606 -11.87 4.14 -50.82
C TYR A 606 -11.93 2.91 -49.92
N ASN A 607 -13.10 2.64 -49.35
CA ASN A 607 -13.24 1.62 -48.31
C ASN A 607 -12.74 0.24 -48.71
N ASP A 608 -13.19 -0.22 -49.88
CA ASP A 608 -13.03 -1.61 -50.31
C ASP A 608 -12.12 -1.79 -51.54
N VAL A 609 -10.96 -2.36 -51.34
CA VAL A 609 -10.01 -2.41 -52.42
C VAL A 609 -10.41 -3.46 -53.47
N SER A 610 -11.19 -4.45 -53.06
CA SER A 610 -11.54 -5.53 -53.96
C SER A 610 -12.43 -4.97 -55.05
N GLU A 611 -13.30 -4.05 -54.67
CA GLU A 611 -14.14 -3.38 -55.64
C GLU A 611 -13.31 -2.61 -56.65
N LEU A 612 -12.26 -1.95 -56.22
CA LEU A 612 -11.40 -1.26 -57.18
C LEU A 612 -10.74 -2.23 -58.18
N PHE A 613 -10.45 -3.46 -57.73
CA PHE A 613 -9.79 -4.43 -58.62
C PHE A 613 -10.74 -4.91 -59.71
N LEU A 614 -12.02 -5.00 -59.36
CA LEU A 614 -13.02 -5.55 -60.26
C LEU A 614 -13.26 -4.66 -61.46
N ILE A 615 -13.00 -3.37 -61.29
CA ILE A 615 -13.24 -2.45 -62.38
C ILE A 615 -11.93 -2.07 -63.08
N SER A 616 -10.82 -2.62 -62.58
CA SER A 616 -9.51 -2.37 -63.16
C SER A 616 -9.16 -3.33 -64.26
N ASP A 617 -8.63 -2.76 -65.35
CA ASP A 617 -8.32 -3.49 -66.56
C ASP A 617 -6.88 -3.89 -66.50
N CYS A 618 -6.14 -3.24 -65.63
CA CYS A 618 -4.79 -3.69 -65.31
C CYS A 618 -4.33 -3.02 -64.03
N LEU A 619 -3.37 -3.65 -63.35
CA LEU A 619 -2.78 -3.11 -62.14
C LEU A 619 -1.33 -2.74 -62.37
N ILE A 620 -0.94 -1.53 -62.02
CA ILE A 620 0.48 -1.16 -61.93
C ILE A 620 0.87 -1.07 -60.47
N THR A 621 1.85 -1.86 -60.08
CA THR A 621 2.32 -1.85 -58.72
C THR A 621 3.81 -2.10 -58.74
N ASP A 622 4.42 -2.34 -57.58
CA ASP A 622 5.82 -2.71 -57.54
C ASP A 622 6.07 -3.90 -56.63
N TYR A 623 6.21 -3.61 -55.33
CA TYR A 623 6.45 -4.65 -54.35
C TYR A 623 5.23 -4.79 -53.47
N SER A 624 4.21 -5.51 -53.91
CA SER A 624 3.03 -5.55 -53.08
C SER A 624 2.31 -6.89 -52.94
N SER A 625 1.73 -7.12 -51.77
CA SER A 625 0.88 -8.26 -51.56
C SER A 625 -0.39 -8.20 -52.42
N VAL A 626 -0.60 -7.11 -53.15
CA VAL A 626 -1.81 -6.98 -53.95
C VAL A 626 -1.74 -7.69 -55.29
N MET A 627 -0.57 -7.70 -55.92
CA MET A 627 -0.45 -8.40 -57.19
C MET A 627 -1.00 -9.81 -57.02
N PHE A 628 -0.83 -10.38 -55.83
CA PHE A 628 -1.32 -11.72 -55.56
C PHE A 628 -2.85 -11.74 -55.53
N ASP A 629 -3.47 -10.63 -55.18
CA ASP A 629 -4.93 -10.57 -55.12
C ASP A 629 -5.51 -10.38 -56.51
N TYR A 630 -4.96 -9.40 -57.22
CA TYR A 630 -5.44 -9.01 -58.54
C TYR A 630 -5.25 -10.14 -59.54
N GLY A 631 -4.47 -11.13 -59.15
CA GLY A 631 -4.14 -12.24 -60.02
C GLY A 631 -5.33 -13.10 -60.33
N ILE A 632 -6.24 -13.17 -59.37
CA ILE A 632 -7.42 -14.00 -59.49
C ILE A 632 -8.20 -13.68 -60.77
N LEU A 633 -8.07 -12.44 -61.26
CA LEU A 633 -8.83 -12.00 -62.44
C LEU A 633 -8.13 -12.26 -63.77
N LYS A 634 -6.92 -12.83 -63.72
CA LYS A 634 -6.15 -13.14 -64.93
C LYS A 634 -6.00 -11.94 -65.87
N ARG A 635 -5.87 -10.76 -65.28
CA ARG A 635 -5.71 -9.54 -66.07
C ARG A 635 -4.22 -9.20 -66.05
N PRO A 636 -3.79 -8.25 -66.89
CA PRO A 636 -2.39 -7.84 -67.02
C PRO A 636 -1.85 -7.04 -65.83
N GLN A 637 -0.62 -7.29 -65.41
CA GLN A 637 -0.01 -6.45 -64.38
C GLN A 637 1.27 -5.84 -64.90
N PHE A 638 1.64 -4.66 -64.39
CA PHE A 638 2.92 -4.04 -64.71
C PHE A 638 3.63 -3.69 -63.43
N PHE A 639 4.95 -3.81 -63.41
CA PHE A 639 5.68 -3.47 -62.21
C PHE A 639 6.66 -2.38 -62.51
N PHE A 640 6.37 -1.22 -61.95
CA PHE A 640 7.18 -0.06 -62.19
C PHE A 640 8.17 0.08 -61.03
N ALA A 641 9.20 -0.76 -61.02
CA ALA A 641 10.22 -0.70 -59.97
C ALA A 641 11.30 0.35 -60.30
N TYR A 642 10.98 1.63 -60.16
CA TYR A 642 11.94 2.66 -60.54
C TYR A 642 13.13 2.72 -59.59
N ASP A 643 12.89 2.48 -58.31
CA ASP A 643 13.98 2.49 -57.33
C ASP A 643 14.51 1.10 -57.07
N ILE A 644 14.34 0.21 -58.05
CA ILE A 644 14.63 -1.19 -57.86
C ILE A 644 16.09 -1.47 -57.61
N ASP A 645 16.96 -0.55 -57.99
CA ASP A 645 18.37 -0.78 -57.78
C ASP A 645 18.73 -0.56 -56.33
N LYS A 646 18.03 0.37 -55.70
CA LYS A 646 18.23 0.58 -54.27
C LYS A 646 18.07 -0.77 -53.57
N TYR A 647 16.98 -1.46 -53.87
CA TYR A 647 16.58 -2.67 -53.16
C TYR A 647 17.53 -3.87 -53.23
N ASP A 648 18.72 -3.71 -52.66
CA ASP A 648 19.57 -4.84 -52.26
C ASP A 648 20.17 -5.70 -53.37
N LYS A 649 20.24 -5.14 -54.58
CA LYS A 649 20.97 -5.78 -55.68
C LYS A 649 20.36 -7.09 -56.20
N GLY A 650 20.33 -8.13 -55.37
CA GLY A 650 19.71 -9.40 -55.74
C GLY A 650 18.62 -9.81 -54.77
N LEU A 651 18.50 -9.02 -53.69
CA LEU A 651 17.51 -9.20 -52.62
C LEU A 651 16.77 -10.55 -52.54
N ARG A 652 17.21 -11.33 -51.57
CA ARG A 652 16.59 -12.60 -51.22
C ARG A 652 15.60 -12.31 -50.11
N GLY A 653 15.56 -11.03 -49.72
CA GLY A 653 14.60 -10.55 -48.74
C GLY A 653 13.19 -10.61 -49.32
N PHE A 654 13.04 -11.38 -50.39
CA PHE A 654 11.75 -11.74 -50.94
C PHE A 654 11.62 -13.24 -50.91
N TYR A 655 10.41 -13.70 -50.71
CA TYR A 655 10.14 -15.11 -50.68
C TYR A 655 10.19 -15.67 -52.07
N MET A 656 9.63 -14.92 -53.00
CA MET A 656 9.59 -15.35 -54.38
C MET A 656 10.65 -14.67 -55.19
N ASN A 657 10.80 -15.14 -56.43
CA ASN A 657 11.83 -14.64 -57.33
C ASN A 657 11.30 -13.56 -58.25
N TYR A 658 11.49 -12.31 -57.82
CA TYR A 658 10.94 -11.13 -58.49
C TYR A 658 11.33 -11.08 -59.95
N MET A 659 12.62 -11.26 -60.21
CA MET A 659 13.14 -11.15 -61.55
C MET A 659 12.45 -12.09 -62.49
N GLU A 660 11.99 -13.23 -61.98
CA GLU A 660 11.65 -14.36 -62.83
C GLU A 660 10.16 -14.58 -63.05
N ASP A 661 9.41 -14.70 -61.96
CA ASP A 661 8.03 -15.16 -62.09
C ASP A 661 6.95 -14.28 -61.47
N LEU A 662 6.74 -13.13 -62.09
CA LEU A 662 5.53 -12.33 -61.86
C LEU A 662 4.90 -12.08 -63.23
N PRO A 663 3.59 -11.74 -63.22
CA PRO A 663 2.69 -11.87 -64.37
C PRO A 663 2.83 -10.76 -65.38
N GLY A 664 3.83 -9.90 -65.20
CA GLY A 664 4.00 -8.77 -66.08
C GLY A 664 5.44 -8.34 -66.17
N PRO A 665 5.71 -7.39 -67.06
CA PRO A 665 7.02 -6.79 -67.29
C PRO A 665 7.51 -5.94 -66.11
N ILE A 666 8.79 -5.98 -65.77
CA ILE A 666 9.32 -4.96 -64.86
C ILE A 666 9.78 -3.74 -65.68
N TYR A 667 9.14 -2.61 -65.48
CA TYR A 667 9.68 -1.39 -66.08
C TYR A 667 10.40 -0.64 -64.98
N THR A 668 11.48 0.05 -65.29
CA THR A 668 12.08 0.93 -64.29
C THR A 668 11.93 2.38 -64.72
N GLU A 669 11.31 2.56 -65.87
CA GLU A 669 11.08 3.89 -66.42
C GLU A 669 9.65 3.96 -66.99
N PRO A 670 8.94 5.05 -66.72
CA PRO A 670 7.50 5.17 -67.02
C PRO A 670 7.16 5.14 -68.50
N TYR A 671 8.11 5.46 -69.36
CA TYR A 671 7.81 5.72 -70.77
C TYR A 671 7.64 4.47 -71.61
N GLY A 672 8.34 3.40 -71.27
CA GLY A 672 8.09 2.16 -71.95
C GLY A 672 6.73 1.67 -71.50
N LEU A 673 6.44 1.92 -70.23
CA LEU A 673 5.20 1.51 -69.59
C LEU A 673 3.97 2.15 -70.25
N ALA A 674 4.12 3.43 -70.59
CA ALA A 674 3.06 4.19 -71.22
C ALA A 674 2.78 3.66 -72.63
N LYS A 675 3.82 3.50 -73.44
CA LYS A 675 3.65 2.95 -74.78
C LYS A 675 2.91 1.62 -74.72
N GLU A 676 3.38 0.76 -73.83
CA GLU A 676 2.84 -0.58 -73.65
C GLU A 676 1.34 -0.57 -73.35
N LEU A 677 0.93 0.34 -72.48
CA LEU A 677 -0.46 0.51 -72.08
C LEU A 677 -1.40 0.88 -73.22
N LYS A 678 -0.88 1.57 -74.22
CA LYS A 678 -1.68 2.05 -75.34
C LYS A 678 -2.63 0.95 -75.77
N ASN A 679 -2.08 -0.25 -75.87
CA ASN A 679 -2.78 -1.41 -76.42
C ASN A 679 -2.74 -2.58 -75.46
N LEU A 680 -3.76 -2.69 -74.60
CA LEU A 680 -3.78 -3.75 -73.59
C LEU A 680 -3.82 -5.15 -74.19
N ASP A 681 -4.73 -5.36 -75.15
CA ASP A 681 -4.94 -6.68 -75.71
C ASP A 681 -3.64 -7.34 -76.13
N LYS A 682 -2.68 -6.52 -76.55
CA LYS A 682 -1.39 -7.02 -76.99
C LYS A 682 -0.53 -7.47 -75.81
N VAL A 683 -0.69 -6.81 -74.67
CA VAL A 683 0.03 -7.19 -73.45
C VAL A 683 -0.55 -8.46 -72.87
N GLN A 684 -1.88 -8.54 -72.87
CA GLN A 684 -2.63 -9.73 -72.46
C GLN A 684 -2.14 -11.02 -73.17
N GLN A 685 -2.00 -10.98 -74.50
CA GLN A 685 -1.49 -12.12 -75.26
C GLN A 685 -0.02 -12.37 -74.96
N GLN A 686 0.78 -11.32 -75.10
CA GLN A 686 2.21 -11.42 -74.91
C GLN A 686 2.59 -12.00 -73.55
N TYR A 687 1.72 -11.84 -72.56
CA TYR A 687 2.03 -12.29 -71.20
C TYR A 687 1.05 -13.31 -70.65
N GLN A 688 0.17 -13.78 -71.51
CA GLN A 688 -0.83 -14.76 -71.12
C GLN A 688 -0.15 -15.98 -70.48
N GLU A 689 0.98 -16.40 -71.03
CA GLU A 689 1.71 -17.53 -70.48
C GLU A 689 2.08 -17.34 -69.02
N LYS A 690 2.70 -16.19 -68.73
CA LYS A 690 3.17 -15.86 -67.37
C LYS A 690 2.04 -15.50 -66.40
N ILE A 691 0.98 -14.87 -66.89
CA ILE A 691 -0.18 -14.57 -66.07
C ILE A 691 -0.73 -15.87 -65.54
N ASP A 692 -0.80 -16.86 -66.42
CA ASP A 692 -1.34 -18.16 -66.07
C ASP A 692 -0.47 -18.89 -65.05
N ALA A 693 0.81 -19.03 -65.33
CA ALA A 693 1.73 -19.65 -64.37
C ALA A 693 1.56 -19.06 -62.96
N PHE A 694 1.42 -17.73 -62.91
CA PHE A 694 1.25 -16.98 -61.68
C PHE A 694 -0.13 -17.23 -61.10
N TYR A 695 -1.14 -17.36 -61.95
CA TYR A 695 -2.49 -17.65 -61.46
C TYR A 695 -2.54 -19.02 -60.84
N ASP A 696 -1.81 -19.95 -61.44
CA ASP A 696 -1.78 -21.33 -60.97
C ASP A 696 -1.15 -21.36 -59.60
N ARG A 697 0.02 -20.75 -59.49
CA ARG A 697 0.83 -20.86 -58.30
C ARG A 697 0.20 -20.21 -57.07
N PHE A 698 -0.57 -19.15 -57.26
CA PHE A 698 -1.03 -18.33 -56.12
C PHE A 698 -2.53 -18.20 -55.95
N CYS A 699 -3.27 -18.16 -57.04
CA CYS A 699 -4.67 -17.77 -56.96
C CYS A 699 -5.66 -18.90 -57.17
N SER A 700 -5.14 -20.11 -57.37
CA SER A 700 -5.97 -21.26 -57.73
C SER A 700 -6.74 -21.83 -56.54
N VAL A 701 -6.31 -21.50 -55.34
CA VAL A 701 -6.96 -21.97 -54.13
C VAL A 701 -8.31 -21.31 -53.88
N ASP A 702 -8.61 -20.21 -54.58
CA ASP A 702 -9.76 -19.35 -54.21
C ASP A 702 -11.15 -19.71 -54.78
N ASN A 703 -11.88 -20.52 -54.03
CA ASN A 703 -13.25 -20.97 -54.31
C ASN A 703 -14.20 -19.86 -54.66
N GLY A 704 -14.08 -18.76 -53.93
CA GLY A 704 -15.14 -17.78 -53.83
C GLY A 704 -16.04 -18.17 -52.67
N LYS A 705 -15.59 -19.14 -51.89
CA LYS A 705 -16.39 -19.72 -50.81
C LYS A 705 -15.85 -19.43 -49.39
N ALA A 706 -14.67 -18.81 -49.32
CA ALA A 706 -14.02 -18.55 -48.05
C ALA A 706 -14.88 -17.89 -46.95
N SER A 707 -15.52 -16.76 -47.24
CA SER A 707 -16.32 -16.11 -46.20
C SER A 707 -17.48 -17.00 -45.73
N GLN A 708 -17.89 -17.92 -46.59
CA GLN A 708 -18.84 -18.94 -46.21
C GLN A 708 -18.24 -20.02 -45.32
N TYR A 709 -17.07 -20.53 -45.70
CA TYR A 709 -16.36 -21.53 -44.90
C TYR A 709 -16.16 -21.10 -43.42
N ILE A 710 -15.57 -19.90 -43.20
CA ILE A 710 -15.45 -19.35 -41.84
C ILE A 710 -16.81 -19.18 -41.14
N GLY A 711 -17.71 -18.40 -41.73
CA GLY A 711 -19.04 -18.29 -41.15
C GLY A 711 -19.65 -19.62 -40.73
N ASP A 712 -19.36 -20.69 -41.47
CA ASP A 712 -19.88 -22.01 -41.12
C ASP A 712 -19.02 -22.63 -40.03
N LEU A 713 -17.70 -22.54 -40.17
CA LEU A 713 -16.80 -23.03 -39.12
C LEU A 713 -17.20 -22.46 -37.77
N ILE A 714 -17.55 -21.18 -37.75
CA ILE A 714 -17.96 -20.50 -36.53
C ILE A 714 -19.32 -21.00 -36.07
N HIS A 715 -20.23 -21.19 -37.02
CA HIS A 715 -21.55 -21.70 -36.67
C HIS A 715 -21.43 -23.10 -36.10
N LYS A 716 -20.71 -23.97 -36.79
CA LYS A 716 -20.51 -25.31 -36.31
C LYS A 716 -19.89 -25.25 -34.93
N ASP A 717 -18.84 -24.44 -34.79
CA ASP A 717 -18.15 -24.26 -33.51
C ASP A 717 -19.09 -23.98 -32.36
N ILE A 718 -20.05 -23.08 -32.56
CA ILE A 718 -20.86 -22.62 -31.43
C ILE A 718 -22.15 -23.40 -31.18
N LYS A 719 -22.41 -24.41 -32.01
CA LYS A 719 -23.43 -25.40 -31.69
C LYS A 719 -23.01 -26.32 -30.56
N GLU A 720 -21.73 -26.70 -30.51
CA GLU A 720 -21.24 -27.56 -29.44
C GLU A 720 -21.34 -26.84 -28.11
N GLN A 721 -20.70 -25.68 -28.03
CA GLN A 721 -20.66 -24.90 -26.79
C GLN A 721 -22.06 -24.72 -26.17
N LEU A 722 -23.08 -24.83 -27.02
CA LEU A 722 -24.49 -24.70 -26.60
C LEU A 722 -25.07 -25.97 -25.96
N GLU A 723 -24.43 -26.39 -24.86
CA GLU A 723 -24.83 -27.57 -24.09
C GLU A 723 -24.34 -27.46 -22.66
N ALA B 313 -2.83 18.53 -1.18
CA ALA B 313 -2.14 18.23 -2.45
C ALA B 313 -1.67 16.79 -2.45
N PHE B 314 -2.30 15.96 -3.27
CA PHE B 314 -1.92 14.55 -3.34
C PHE B 314 -0.46 14.38 -3.77
N LYS B 315 0.29 13.61 -3.01
CA LYS B 315 1.68 13.40 -3.37
C LYS B 315 1.81 12.11 -4.19
N VAL B 316 1.74 12.26 -5.52
CA VAL B 316 1.63 11.12 -6.41
C VAL B 316 2.89 10.27 -6.50
N ASN B 317 4.06 10.89 -6.51
CA ASN B 317 5.26 10.09 -6.49
C ASN B 317 5.40 9.22 -5.23
N GLN B 318 4.97 9.74 -4.10
CA GLN B 318 5.00 8.97 -2.86
C GLN B 318 4.03 7.79 -2.86
N PHE B 319 2.84 8.03 -3.37
CA PHE B 319 1.86 6.98 -3.47
C PHE B 319 2.47 5.84 -4.26
N ARG B 320 3.12 6.19 -5.37
CA ARG B 320 3.68 5.19 -6.25
C ARG B 320 4.63 4.24 -5.54
N LYS B 321 5.55 4.83 -4.78
CA LYS B 321 6.50 4.10 -3.97
C LYS B 321 5.84 3.22 -2.95
N THR B 322 4.92 3.78 -2.17
CA THR B 322 4.18 2.98 -1.19
C THR B 322 3.60 1.71 -1.82
N LEU B 323 3.08 1.83 -3.03
CA LEU B 323 2.53 0.66 -3.69
C LEU B 323 3.63 -0.32 -4.06
N ARG B 324 4.70 0.14 -4.69
CA ARG B 324 5.73 -0.80 -5.03
C ARG B 324 6.17 -1.50 -3.75
N HIS B 325 6.36 -0.72 -2.68
CA HIS B 325 6.86 -1.32 -1.46
C HIS B 325 5.92 -2.35 -0.86
N VAL B 326 4.62 -2.09 -0.93
CA VAL B 326 3.65 -3.04 -0.41
C VAL B 326 3.74 -4.31 -1.24
N LYS B 327 3.86 -4.12 -2.55
CA LYS B 327 3.88 -5.23 -3.49
C LYS B 327 5.02 -6.15 -3.11
N ASN B 328 6.18 -5.55 -2.89
CA ASN B 328 7.39 -6.31 -2.61
C ASN B 328 7.27 -7.03 -1.29
N ILE B 329 6.85 -6.31 -0.26
CA ILE B 329 6.78 -6.87 1.08
C ILE B 329 5.81 -8.05 1.16
N VAL B 330 4.65 -7.91 0.51
CA VAL B 330 3.63 -8.94 0.53
C VAL B 330 4.08 -10.14 -0.30
N LEU B 331 4.77 -9.87 -1.41
CA LEU B 331 5.13 -10.93 -2.35
C LEU B 331 6.40 -11.67 -1.94
N ARG B 332 7.03 -11.18 -0.87
CA ARG B 332 8.28 -11.74 -0.35
C ARG B 332 9.47 -11.51 -1.29
N ARG B 333 9.35 -10.56 -2.20
CA ARG B 333 10.44 -10.11 -3.07
C ARG B 333 11.71 -9.71 -2.30
N LYS B 334 12.89 -10.06 -2.84
CA LYS B 334 14.15 -9.70 -2.19
C LYS B 334 14.37 -8.20 -2.18
N ASN B 335 13.70 -7.49 -3.07
CA ASN B 335 13.88 -6.05 -3.17
C ASN B 335 13.07 -5.21 -2.21
N LYS B 336 12.42 -5.85 -1.25
CA LYS B 336 11.68 -5.15 -0.22
C LYS B 336 12.61 -4.12 0.43
N GLU B 337 13.88 -4.48 0.53
CA GLU B 337 14.85 -3.59 1.17
C GLU B 337 15.07 -2.33 0.34
N ARG B 338 15.03 -2.49 -0.97
CA ARG B 338 15.20 -1.37 -1.87
C ARG B 338 13.99 -0.43 -1.84
N SER B 339 12.79 -1.00 -1.97
CA SER B 339 11.56 -0.21 -2.00
C SER B 339 11.30 0.54 -0.71
N LEU B 340 11.75 -0.02 0.41
CA LEU B 340 11.69 0.70 1.68
C LEU B 340 12.70 1.86 1.70
N TYR B 341 13.91 1.62 1.20
CA TYR B 341 14.93 2.68 1.05
C TYR B 341 14.30 3.86 0.36
N ASP B 342 13.72 3.58 -0.80
CA ASP B 342 13.21 4.59 -1.71
C ASP B 342 12.06 5.41 -1.11
N LEU B 343 11.26 4.75 -0.27
CA LEU B 343 10.02 5.32 0.30
C LEU B 343 10.36 6.36 1.36
N THR B 344 11.44 6.07 2.08
CA THR B 344 11.76 6.79 3.31
C THR B 344 12.99 7.66 3.17
N ASP B 345 13.75 7.46 2.10
CA ASP B 345 14.97 8.21 1.89
C ASP B 345 14.70 9.72 1.97
N LYS B 346 14.96 10.32 3.13
CA LYS B 346 14.73 11.74 3.26
C LYS B 346 16.07 12.42 3.10
N GLU B 347 16.05 13.69 2.74
CA GLU B 347 17.29 14.41 2.54
C GLU B 347 17.97 14.63 3.87
N ASP B 348 17.29 14.24 4.94
CA ASP B 348 17.80 14.51 6.27
C ASP B 348 18.71 13.44 6.83
N ASN B 349 18.64 12.23 6.29
CA ASN B 349 19.44 11.13 6.84
C ASN B 349 20.93 11.36 6.60
N VAL B 350 21.26 12.37 5.81
CA VAL B 350 22.66 12.61 5.53
C VAL B 350 23.38 13.08 6.78
N LYS B 351 24.54 12.49 7.03
CA LYS B 351 25.38 12.85 8.15
C LYS B 351 26.72 13.18 7.58
N PRO B 352 27.07 14.47 7.57
CA PRO B 352 28.30 15.01 6.99
C PRO B 352 29.55 14.15 7.17
N LYS B 353 29.67 13.47 8.31
CA LYS B 353 30.91 12.75 8.65
C LYS B 353 31.05 11.37 8.00
N THR B 354 30.01 10.94 7.29
CA THR B 354 29.96 9.59 6.70
C THR B 354 30.30 9.57 5.23
N ILE B 355 31.10 8.57 4.87
CA ILE B 355 31.59 8.39 3.50
C ILE B 355 31.50 6.91 3.08
N VAL B 356 30.84 6.62 1.95
CA VAL B 356 30.88 5.28 1.38
C VAL B 356 31.88 5.12 0.23
N PHE B 357 32.48 3.94 0.20
CA PHE B 357 33.36 3.53 -0.88
C PHE B 357 32.89 2.21 -1.46
N GLU B 358 33.01 2.07 -2.77
CA GLU B 358 33.08 0.76 -3.38
C GLU B 358 33.86 0.88 -4.66
N SER B 359 34.54 -0.20 -5.03
CA SER B 359 35.28 -0.22 -6.27
C SER B 359 34.76 -1.35 -7.11
N PHE B 360 34.75 -1.13 -8.41
CA PHE B 360 34.29 -2.12 -9.36
C PHE B 360 33.03 -2.88 -8.95
N GLY B 361 31.98 -2.13 -8.65
CA GLY B 361 30.68 -2.68 -8.33
C GLY B 361 30.73 -3.50 -7.07
N GLY B 362 31.73 -3.23 -6.24
CA GLY B 362 31.87 -3.92 -4.98
C GLY B 362 32.21 -5.38 -5.11
N LYS B 363 33.29 -5.66 -5.84
CA LYS B 363 33.85 -7.00 -5.90
C LYS B 363 35.14 -7.00 -5.13
N ASN B 364 35.65 -5.81 -4.85
CA ASN B 364 37.02 -5.67 -4.40
C ASN B 364 37.18 -4.67 -3.32
N TYR B 365 38.32 -4.78 -2.66
CA TYR B 365 38.89 -3.64 -1.96
C TYR B 365 40.14 -3.31 -2.78
N SER B 366 40.05 -2.32 -3.66
CA SER B 366 41.12 -2.08 -4.66
C SER B 366 41.02 -0.77 -5.42
N ASP B 367 41.88 -0.58 -6.40
CA ASP B 367 41.84 0.60 -7.25
C ASP B 367 41.83 1.91 -6.46
N SER B 368 41.53 3.00 -7.15
CA SER B 368 41.59 4.33 -6.56
C SER B 368 40.75 4.53 -5.28
N PRO B 369 39.52 3.99 -5.22
CA PRO B 369 38.82 4.22 -3.96
C PRO B 369 39.63 3.70 -2.77
N LYS B 370 40.19 2.51 -2.89
CA LYS B 370 41.10 1.99 -1.89
C LYS B 370 42.18 3.01 -1.44
N TYR B 371 42.81 3.66 -2.40
CA TYR B 371 43.88 4.58 -2.09
C TYR B 371 43.41 5.93 -1.60
N ILE B 372 42.17 6.27 -1.87
CA ILE B 372 41.62 7.47 -1.29
C ILE B 372 41.33 7.18 0.18
N TYR B 373 40.70 6.04 0.41
CA TYR B 373 40.36 5.58 1.76
C TYR B 373 41.57 5.51 2.69
N GLU B 374 42.64 4.89 2.23
CA GLU B 374 43.80 4.69 3.08
C GLU B 374 44.51 6.01 3.37
N TYR B 375 44.35 6.99 2.49
CA TYR B 375 44.88 8.32 2.77
C TYR B 375 44.05 8.96 3.88
N MET B 376 42.75 9.06 3.67
CA MET B 376 41.88 9.69 4.64
C MET B 376 41.93 9.05 6.02
N GLN B 377 42.23 7.77 6.04
CA GLN B 377 42.31 7.05 7.29
C GLN B 377 43.48 7.52 8.17
N LYS B 378 44.56 7.92 7.51
CA LYS B 378 45.77 8.39 8.18
C LYS B 378 45.65 9.84 8.70
N TYR B 379 44.94 10.70 7.96
CA TYR B 379 44.83 12.14 8.32
C TYR B 379 43.47 12.55 8.82
N TYR B 380 42.48 11.71 8.58
CA TYR B 380 41.10 12.04 8.94
C TYR B 380 40.40 10.89 9.67
N PRO B 381 41.07 10.33 10.70
CA PRO B 381 40.59 9.12 11.36
C PRO B 381 39.19 9.30 11.90
N ASN B 382 38.82 10.54 12.16
CA ASN B 382 37.57 10.92 12.83
C ASN B 382 36.24 10.57 12.12
N TYR B 383 36.25 10.51 10.80
CA TYR B 383 35.03 10.32 10.00
C TYR B 383 34.48 8.89 10.00
N ARG B 384 33.25 8.71 9.52
CA ARG B 384 32.67 7.36 9.44
C ARG B 384 32.83 6.73 8.07
N TYR B 385 33.65 5.70 7.99
CA TYR B 385 33.93 5.10 6.71
C TYR B 385 33.11 3.84 6.47
N ILE B 386 32.50 3.73 5.31
CA ILE B 386 31.80 2.49 4.96
C ILE B 386 32.22 1.93 3.61
N TRP B 387 32.55 0.64 3.57
CA TRP B 387 32.79 -0.05 2.29
C TRP B 387 31.67 -1.01 1.89
N SER B 388 31.26 -0.94 0.63
CA SER B 388 30.23 -1.82 0.14
C SER B 388 30.79 -2.97 -0.68
N PHE B 389 30.30 -4.17 -0.46
CA PHE B 389 30.83 -5.30 -1.20
C PHE B 389 29.72 -6.20 -1.74
N LYS B 390 30.05 -7.14 -2.62
CA LYS B 390 29.05 -8.14 -2.97
C LYS B 390 29.04 -9.11 -1.80
N ASN B 391 30.25 -9.42 -1.34
CA ASN B 391 30.48 -10.41 -0.28
C ASN B 391 31.51 -9.96 0.76
N PRO B 392 31.07 -9.17 1.74
CA PRO B 392 31.98 -8.60 2.75
C PRO B 392 32.85 -9.63 3.48
N ASP B 393 32.31 -10.81 3.76
CA ASP B 393 33.06 -11.81 4.52
C ASP B 393 34.33 -12.25 3.77
N LYS B 394 34.36 -11.96 2.48
CA LYS B 394 35.45 -12.40 1.61
C LYS B 394 36.38 -11.25 1.22
N ASN B 395 36.30 -10.14 1.93
CA ASN B 395 37.11 -8.96 1.62
C ASN B 395 37.68 -8.34 2.86
N VAL B 396 38.97 -8.04 2.86
CA VAL B 396 39.57 -7.46 4.04
C VAL B 396 40.00 -6.03 3.90
N VAL B 397 39.42 -5.17 4.73
CA VAL B 397 39.72 -3.75 4.75
C VAL B 397 40.50 -3.36 6.02
N PRO B 398 41.73 -2.88 5.82
CA PRO B 398 42.52 -2.23 6.87
C PRO B 398 41.71 -1.07 7.45
N GLY B 399 41.97 -0.70 8.69
CA GLY B 399 41.40 0.52 9.24
C GLY B 399 40.04 0.41 9.88
N SER B 400 39.39 1.56 10.04
CA SER B 400 38.21 1.69 10.87
C SER B 400 36.89 1.40 10.16
N ALA B 401 36.91 1.42 8.83
CA ALA B 401 35.68 1.35 8.02
C ALA B 401 34.83 0.12 8.31
N GLU B 402 33.51 0.27 8.22
CA GLU B 402 32.62 -0.89 8.32
C GLU B 402 32.23 -1.37 6.93
N LYS B 403 31.81 -2.63 6.82
CA LYS B 403 31.56 -3.25 5.52
C LYS B 403 30.10 -3.66 5.33
N VAL B 404 29.40 -3.05 4.40
CA VAL B 404 28.02 -3.46 4.11
C VAL B 404 28.00 -4.39 2.90
N LYS B 405 27.08 -5.35 2.90
CA LYS B 405 26.87 -6.21 1.73
C LYS B 405 25.91 -5.51 0.81
N ARG B 406 26.09 -5.69 -0.48
CA ARG B 406 25.27 -4.97 -1.42
C ARG B 406 23.83 -5.35 -1.27
N ASN B 407 22.96 -4.36 -1.46
CA ASN B 407 21.53 -4.58 -1.52
C ASN B 407 20.89 -4.84 -0.16
N SER B 408 21.72 -4.88 0.87
CA SER B 408 21.31 -5.20 2.23
C SER B 408 20.75 -3.98 2.94
N ALA B 409 19.91 -4.20 3.95
CA ALA B 409 19.33 -3.06 4.66
C ALA B 409 20.43 -2.09 5.07
N GLU B 410 21.54 -2.61 5.58
CA GLU B 410 22.67 -1.77 6.00
C GLU B 410 23.28 -0.96 4.86
N TYR B 411 23.24 -1.50 3.64
CA TYR B 411 23.85 -0.89 2.45
C TYR B 411 23.11 0.36 2.06
N TYR B 412 21.77 0.25 2.01
CA TYR B 412 20.93 1.39 1.68
C TYR B 412 21.04 2.46 2.75
N GLN B 413 21.23 2.05 4.01
CA GLN B 413 21.42 3.03 5.05
C GLN B 413 22.63 3.84 4.66
N ALA B 414 23.72 3.15 4.38
CA ALA B 414 25.02 3.79 4.18
C ALA B 414 24.91 4.78 3.06
N TYR B 415 24.15 4.41 2.05
CA TYR B 415 24.01 5.29 0.91
C TYR B 415 23.02 6.43 1.16
N SER B 416 22.01 6.18 1.99
CA SER B 416 21.11 7.22 2.45
C SER B 416 21.85 8.28 3.29
N GLU B 417 22.77 7.84 4.15
CA GLU B 417 23.41 8.71 5.14
C GLU B 417 24.62 9.49 4.65
N ALA B 418 25.47 8.83 3.88
CA ALA B 418 26.72 9.43 3.41
C ALA B 418 26.57 10.84 2.77
N SER B 419 27.49 11.73 3.12
CA SER B 419 27.56 13.04 2.49
C SER B 419 28.36 12.94 1.20
N HIS B 420 29.05 11.81 1.06
CA HIS B 420 30.00 11.57 -0.01
C HIS B 420 29.96 10.11 -0.45
N TRP B 421 29.89 9.94 -1.76
CA TRP B 421 29.98 8.64 -2.40
C TRP B 421 31.28 8.62 -3.15
N VAL B 422 32.07 7.56 -2.99
CA VAL B 422 33.28 7.47 -3.80
C VAL B 422 33.34 6.14 -4.51
N SER B 423 33.31 6.14 -5.84
CA SER B 423 33.58 4.89 -6.52
C SER B 423 34.30 5.09 -7.81
N ASN B 424 34.71 3.98 -8.42
CA ASN B 424 35.43 4.01 -9.69
C ASN B 424 34.62 3.48 -10.85
N ALA B 425 33.34 3.19 -10.62
CA ALA B 425 32.50 2.66 -11.67
C ALA B 425 31.10 3.21 -11.54
N ARG B 426 30.17 2.66 -12.29
CA ARG B 426 28.81 3.14 -12.20
C ARG B 426 28.18 2.59 -10.93
N THR B 427 27.51 3.43 -10.18
CA THR B 427 26.71 2.93 -9.06
C THR B 427 25.25 2.87 -9.54
N PRO B 428 24.43 2.03 -8.89
CA PRO B 428 23.13 1.75 -9.52
C PRO B 428 22.23 2.96 -9.60
N LEU B 429 21.29 2.88 -10.52
CA LEU B 429 20.37 3.96 -10.74
C LEU B 429 19.26 3.97 -9.68
N TYR B 430 19.05 2.84 -9.01
CA TYR B 430 18.06 2.82 -7.96
C TYR B 430 18.52 3.54 -6.70
N LEU B 431 19.83 3.72 -6.52
CA LEU B 431 20.28 4.53 -5.41
C LEU B 431 19.98 5.97 -5.69
N ASN B 432 19.56 6.75 -4.69
CA ASN B 432 19.22 8.17 -4.90
C ASN B 432 20.34 9.14 -4.53
N LYS B 433 20.84 9.89 -5.48
CA LYS B 433 21.81 10.91 -5.11
C LYS B 433 21.14 12.26 -4.83
N LYS B 434 20.89 12.52 -3.55
CA LYS B 434 20.21 13.74 -3.12
C LYS B 434 21.13 14.94 -3.36
N GLU B 435 20.57 16.14 -3.54
CA GLU B 435 21.42 17.31 -3.85
C GLU B 435 22.29 17.58 -2.66
N ASN B 436 21.93 16.87 -1.60
CA ASN B 436 22.58 16.82 -0.33
C ASN B 436 23.97 16.14 -0.36
N GLN B 437 24.16 15.23 -1.31
CA GLN B 437 25.34 14.36 -1.34
C GLN B 437 26.30 14.63 -2.52
N THR B 438 27.60 14.50 -2.28
CA THR B 438 28.58 14.68 -3.33
C THR B 438 29.10 13.33 -3.85
N TYR B 439 28.94 13.09 -5.15
CA TYR B 439 29.35 11.81 -5.74
C TYR B 439 30.63 12.00 -6.51
N ILE B 440 31.71 11.40 -6.02
CA ILE B 440 33.04 11.55 -6.63
C ILE B 440 33.42 10.32 -7.45
N GLN B 441 33.54 10.51 -8.75
CA GLN B 441 33.71 9.38 -9.66
C GLN B 441 35.13 9.39 -10.14
N THR B 442 35.86 8.35 -9.78
CA THR B 442 37.27 8.30 -10.11
C THR B 442 37.41 7.65 -11.44
N TRP B 443 36.36 6.95 -11.84
CA TRP B 443 36.43 6.10 -13.02
C TRP B 443 37.68 5.21 -12.93
N ASN B 444 38.08 4.60 -14.04
CA ASN B 444 38.96 3.48 -13.89
C ASN B 444 39.99 3.35 -14.96
N GLY B 445 40.11 4.36 -15.81
CA GLY B 445 41.24 4.37 -16.70
C GLY B 445 41.15 5.26 -17.92
N THR B 446 42.32 5.68 -18.37
CA THR B 446 42.48 6.35 -19.65
C THR B 446 41.98 5.42 -20.73
N PRO B 447 41.00 5.88 -21.53
CA PRO B 447 40.24 5.04 -22.48
C PRO B 447 41.00 4.79 -23.77
N LEU B 448 40.93 3.57 -24.28
CA LEU B 448 41.42 3.27 -25.61
C LEU B 448 40.23 2.93 -26.49
N LYS B 449 39.44 1.94 -26.11
CA LYS B 449 38.22 1.64 -26.85
C LYS B 449 37.16 2.73 -26.58
N ARG B 450 36.37 3.08 -27.59
CA ARG B 450 35.36 4.13 -27.42
C ARG B 450 34.18 3.68 -26.55
N LEU B 451 33.82 4.51 -25.57
CA LEU B 451 32.83 4.19 -24.54
C LEU B 451 31.61 5.11 -24.48
N ALA B 452 30.56 4.60 -23.84
CA ALA B 452 29.32 5.34 -23.62
C ALA B 452 28.79 6.05 -24.87
N ASN B 453 28.65 7.37 -24.78
CA ASN B 453 28.05 8.15 -25.86
C ASN B 453 28.72 7.96 -27.21
N ASP B 454 30.02 7.69 -27.22
CA ASP B 454 30.77 7.66 -28.45
C ASP B 454 30.70 6.34 -29.18
N MET B 455 30.00 5.37 -28.60
CA MET B 455 29.85 4.07 -29.27
C MET B 455 29.01 4.20 -30.54
N LYS B 456 28.80 3.09 -31.24
CA LYS B 456 27.93 3.14 -32.41
C LYS B 456 26.90 2.01 -32.42
N VAL B 457 27.25 0.87 -31.85
CA VAL B 457 26.27 -0.20 -31.68
C VAL B 457 26.43 -0.91 -30.34
N VAL B 458 25.30 -1.18 -29.69
CA VAL B 458 25.26 -1.94 -28.45
C VAL B 458 24.29 -3.10 -28.64
N ARG B 459 24.75 -4.13 -29.35
CA ARG B 459 23.93 -5.31 -29.62
C ARG B 459 23.73 -6.15 -28.37
N MET B 460 23.80 -5.50 -27.21
CA MET B 460 23.73 -6.17 -25.91
C MET B 460 22.30 -6.29 -25.41
N PRO B 461 21.92 -7.52 -24.99
CA PRO B 461 20.58 -8.06 -24.73
C PRO B 461 19.59 -7.11 -24.03
N GLY B 462 18.31 -7.45 -24.12
CA GLY B 462 17.23 -6.76 -23.42
C GLY B 462 17.14 -5.26 -23.63
N THR B 463 18.20 -4.69 -24.18
CA THR B 463 18.36 -3.26 -24.23
C THR B 463 19.00 -2.85 -25.56
N THR B 464 18.65 -1.67 -26.04
CA THR B 464 19.13 -1.16 -27.31
C THR B 464 20.13 -0.04 -27.11
N THR B 465 20.88 0.26 -28.15
CA THR B 465 21.92 1.29 -28.09
C THR B 465 21.40 2.59 -27.47
N PRO B 466 20.25 3.07 -27.96
CA PRO B 466 19.68 4.28 -27.36
C PRO B 466 19.30 4.17 -25.88
N LYS B 467 18.63 3.12 -25.43
CA LYS B 467 18.27 3.08 -24.00
C LYS B 467 19.48 2.77 -23.13
N TYR B 468 20.48 2.12 -23.71
CA TYR B 468 21.75 1.96 -23.01
C TYR B 468 22.47 3.29 -22.76
N LYS B 469 22.57 4.11 -23.80
CA LYS B 469 23.13 5.45 -23.66
C LYS B 469 22.28 6.32 -22.75
N ARG B 470 20.97 6.16 -22.84
CA ARG B 470 20.08 6.95 -22.00
C ARG B 470 20.41 6.75 -20.55
N ASN B 471 20.56 5.49 -20.15
CA ASN B 471 20.86 5.16 -18.77
C ASN B 471 22.26 5.62 -18.38
N PHE B 472 23.22 5.48 -19.30
CA PHE B 472 24.55 5.90 -18.98
C PHE B 472 24.51 7.39 -18.73
N ASN B 473 23.73 8.11 -19.52
CA ASN B 473 23.63 9.55 -19.31
C ASN B 473 23.03 9.86 -17.95
N ARG B 474 21.97 9.17 -17.57
CA ARG B 474 21.40 9.38 -16.23
C ARG B 474 22.49 9.28 -15.19
N GLU B 475 23.21 8.16 -15.19
CA GLU B 475 24.33 7.97 -14.28
C GLU B 475 25.34 9.13 -14.30
N THR B 476 25.99 9.41 -15.42
CA THR B 476 27.03 10.44 -15.42
C THR B 476 26.54 11.81 -14.95
N SER B 477 25.23 12.02 -15.01
CA SER B 477 24.72 13.33 -14.62
C SER B 477 24.64 13.48 -13.09
N ARG B 478 24.86 12.39 -12.36
CA ARG B 478 24.92 12.43 -10.90
C ARG B 478 26.33 12.57 -10.42
N TRP B 479 27.30 12.55 -11.34
CA TRP B 479 28.69 12.71 -10.97
C TRP B 479 28.99 14.17 -10.63
N ASP B 480 29.33 14.40 -9.38
CA ASP B 480 29.63 15.74 -8.91
C ASP B 480 31.06 16.10 -9.28
N TYR B 481 31.97 15.14 -9.20
CA TYR B 481 33.29 15.28 -9.78
C TYR B 481 33.71 13.99 -10.49
N LEU B 482 34.44 14.15 -11.59
CA LEU B 482 34.97 13.05 -12.35
C LEU B 482 36.46 13.27 -12.53
N ILE B 483 37.25 12.23 -12.24
CA ILE B 483 38.70 12.34 -12.25
C ILE B 483 39.35 12.05 -13.63
N SER B 484 40.27 12.90 -14.05
CA SER B 484 40.89 12.69 -15.34
C SER B 484 42.40 12.62 -15.26
N PRO B 485 42.99 11.71 -16.02
CA PRO B 485 44.41 11.34 -16.09
C PRO B 485 45.29 12.24 -16.96
N ASN B 486 44.70 12.94 -17.90
CA ASN B 486 45.48 13.67 -18.89
C ASN B 486 44.53 14.50 -19.74
N ARG B 487 45.08 15.40 -20.55
CA ARG B 487 44.24 16.23 -21.40
C ARG B 487 43.40 15.37 -22.36
N TYR B 488 44.00 14.29 -22.83
CA TYR B 488 43.36 13.41 -23.78
C TYR B 488 42.06 12.88 -23.21
N SER B 489 42.13 12.27 -22.03
CA SER B 489 40.94 11.68 -21.45
C SER B 489 39.90 12.74 -21.19
N THR B 490 40.33 13.92 -20.76
CA THR B 490 39.39 15.01 -20.52
C THR B 490 38.54 15.30 -21.78
N GLU B 491 39.19 15.62 -22.89
CA GLU B 491 38.54 15.72 -24.18
C GLU B 491 37.44 14.69 -24.37
N ILE B 492 37.81 13.41 -24.28
CA ILE B 492 36.89 12.31 -24.41
C ILE B 492 35.76 12.44 -23.40
N PHE B 493 36.08 12.28 -22.11
CA PHE B 493 35.05 12.31 -21.07
C PHE B 493 33.96 13.38 -21.29
N ARG B 494 34.39 14.57 -21.72
CA ARG B 494 33.45 15.63 -22.02
C ARG B 494 32.34 15.12 -22.97
N SER B 495 32.74 14.52 -24.09
CA SER B 495 31.79 13.90 -25.03
C SER B 495 31.20 12.56 -24.54
N ALA B 496 32.06 11.60 -24.25
CA ALA B 496 31.62 10.24 -24.05
C ALA B 496 30.67 10.19 -22.87
N PHE B 497 30.92 11.03 -21.88
CA PHE B 497 30.16 10.96 -20.66
C PHE B 497 29.31 12.17 -20.49
N TRP B 498 29.10 12.91 -21.56
CA TRP B 498 28.29 14.11 -21.50
C TRP B 498 28.67 14.97 -20.30
N MET B 499 29.95 15.34 -20.14
CA MET B 499 30.37 16.02 -18.91
C MET B 499 30.73 17.46 -19.09
N ASP B 500 30.58 18.23 -18.02
CA ASP B 500 31.06 19.60 -17.98
C ASP B 500 32.51 19.62 -17.58
N GLU B 501 33.35 20.28 -18.36
CA GLU B 501 34.73 20.40 -17.97
C GLU B 501 34.83 20.95 -16.55
N GLU B 502 33.82 21.73 -16.16
CA GLU B 502 33.77 22.32 -14.82
C GLU B 502 33.95 21.26 -13.74
N ARG B 503 33.47 20.05 -14.01
CA ARG B 503 33.43 18.97 -13.03
C ARG B 503 34.61 18.02 -13.12
N ILE B 504 35.38 18.11 -14.19
CA ILE B 504 36.55 17.26 -14.36
C ILE B 504 37.76 17.73 -13.55
N LEU B 505 38.45 16.77 -12.96
CA LEU B 505 39.60 17.07 -12.12
C LEU B 505 40.84 16.35 -12.67
N GLU B 506 41.59 17.01 -13.54
CA GLU B 506 42.81 16.43 -14.06
C GLU B 506 43.85 16.38 -12.95
N ILE B 507 43.97 15.23 -12.30
CA ILE B 507 44.91 15.09 -11.20
C ILE B 507 45.68 13.78 -11.27
N GLY B 508 45.28 12.89 -12.17
CA GLY B 508 45.87 11.57 -12.25
C GLY B 508 45.09 10.64 -11.35
N TYR B 509 45.38 9.34 -11.39
CA TYR B 509 44.58 8.39 -10.60
C TYR B 509 45.16 8.17 -9.22
N PRO B 510 44.31 8.25 -8.19
CA PRO B 510 44.82 7.97 -6.84
C PRO B 510 45.50 6.61 -6.82
N ARG B 511 45.26 5.78 -7.82
CA ARG B 511 45.77 4.44 -7.78
C ARG B 511 47.16 4.34 -8.37
N ASN B 512 47.61 5.43 -9.00
CA ASN B 512 48.91 5.43 -9.63
C ASN B 512 49.87 6.30 -8.86
N ASP B 513 49.47 6.65 -7.65
CA ASP B 513 50.32 7.37 -6.73
C ASP B 513 51.49 6.51 -6.27
N VAL B 514 51.33 5.20 -6.34
CA VAL B 514 52.39 4.31 -5.92
C VAL B 514 53.37 4.14 -7.07
N LEU B 515 52.94 4.50 -8.27
CA LEU B 515 53.83 4.38 -9.42
C LEU B 515 54.76 5.59 -9.45
N VAL B 516 54.41 6.61 -8.69
CA VAL B 516 55.26 7.77 -8.60
C VAL B 516 55.99 7.73 -7.27
N ASN B 517 55.24 7.58 -6.20
CA ASN B 517 55.80 7.68 -4.86
C ASN B 517 56.78 6.58 -4.45
N ARG B 518 56.71 5.43 -5.12
CA ARG B 518 57.33 4.23 -4.56
C ARG B 518 58.09 3.32 -5.53
N ALA B 519 58.47 3.81 -6.70
CA ALA B 519 59.17 2.93 -7.63
C ALA B 519 60.53 2.48 -7.06
N ASN B 520 61.20 3.37 -6.34
CA ASN B 520 62.56 3.14 -5.82
C ASN B 520 62.59 2.56 -4.42
N ASP B 521 61.43 2.25 -3.87
CA ASP B 521 61.33 1.71 -2.52
C ASP B 521 61.69 0.22 -2.53
N GLN B 522 62.98 -0.07 -2.46
CA GLN B 522 63.44 -1.44 -2.60
C GLN B 522 62.86 -2.41 -1.57
N GLU B 523 62.51 -1.93 -0.39
CA GLU B 523 61.93 -2.82 0.61
C GLU B 523 60.50 -3.20 0.25
N TYR B 524 59.74 -2.22 -0.18
CA TYR B 524 58.36 -2.43 -0.61
C TYR B 524 58.30 -3.33 -1.83
N LEU B 525 59.28 -3.16 -2.72
CA LEU B 525 59.34 -3.98 -3.90
C LEU B 525 59.47 -5.46 -3.51
N ASP B 526 60.28 -5.72 -2.47
CA ASP B 526 60.53 -7.06 -1.99
C ASP B 526 59.31 -7.72 -1.37
N GLU B 527 58.60 -6.99 -0.51
CA GLU B 527 57.35 -7.52 0.00
C GLU B 527 56.57 -8.13 -1.18
N ILE B 528 56.24 -7.30 -2.16
CA ILE B 528 55.48 -7.73 -3.32
C ILE B 528 56.08 -8.96 -4.00
N ARG B 529 57.41 -9.04 -4.05
CA ARG B 529 58.06 -10.13 -4.78
C ARG B 529 58.08 -11.41 -3.96
N THR B 530 57.97 -11.25 -2.65
CA THR B 530 58.01 -12.40 -1.77
C THR B 530 56.57 -12.78 -1.40
N HIS B 531 55.66 -11.82 -1.46
CA HIS B 531 54.25 -12.12 -1.32
C HIS B 531 53.86 -13.10 -2.41
N LEU B 532 54.62 -13.11 -3.50
CA LEU B 532 54.31 -13.91 -4.68
C LEU B 532 55.36 -14.99 -4.95
N ASN B 533 56.06 -15.41 -3.91
CA ASN B 533 57.09 -16.45 -4.05
C ASN B 533 57.88 -16.35 -5.34
N LEU B 534 58.51 -15.19 -5.59
CA LEU B 534 59.26 -15.02 -6.82
C LEU B 534 60.70 -15.47 -6.65
N PRO B 535 61.20 -16.25 -7.61
CA PRO B 535 62.63 -16.57 -7.68
C PRO B 535 63.44 -15.28 -7.74
N SER B 536 64.64 -15.32 -7.19
CA SER B 536 65.36 -14.11 -6.86
C SER B 536 66.16 -13.44 -7.99
N ASP B 537 66.90 -14.23 -8.77
CA ASP B 537 67.78 -13.69 -9.81
C ASP B 537 67.08 -13.43 -11.14
N LYS B 538 65.77 -13.64 -11.15
CA LYS B 538 64.98 -13.58 -12.38
C LYS B 538 64.26 -12.24 -12.56
N LYS B 539 64.37 -11.67 -13.76
CA LYS B 539 63.66 -10.45 -14.10
C LYS B 539 62.21 -10.79 -14.49
N VAL B 540 61.36 -9.79 -14.60
CA VAL B 540 59.92 -10.02 -14.60
C VAL B 540 59.16 -9.47 -15.82
N ILE B 541 58.52 -10.36 -16.57
CA ILE B 541 57.60 -9.97 -17.63
C ILE B 541 56.17 -10.11 -17.11
N MET B 542 55.35 -9.06 -17.25
CA MET B 542 53.92 -9.21 -16.96
C MET B 542 53.10 -9.23 -18.24
N TYR B 543 52.10 -10.09 -18.29
CA TYR B 543 51.31 -10.23 -19.49
C TYR B 543 49.84 -9.97 -19.14
N ALA B 544 49.18 -9.04 -19.84
CA ALA B 544 47.80 -8.68 -19.49
C ALA B 544 46.89 -8.40 -20.68
N PRO B 545 46.44 -9.46 -21.37
CA PRO B 545 45.62 -9.36 -22.58
C PRO B 545 44.17 -9.01 -22.25
N THR B 546 43.49 -8.16 -23.03
CA THR B 546 42.05 -7.95 -22.81
C THR B 546 41.29 -9.25 -23.09
N TRP B 547 40.03 -9.30 -22.69
CA TRP B 547 39.24 -10.51 -22.87
C TRP B 547 38.68 -10.62 -24.28
N ARG B 548 38.81 -11.79 -24.88
CA ARG B 548 38.24 -12.03 -26.21
C ARG B 548 37.07 -13.01 -26.12
N ASP B 549 35.93 -12.65 -26.70
CA ASP B 549 34.76 -13.53 -26.66
C ASP B 549 34.99 -14.77 -27.51
N ASP B 550 35.34 -14.56 -28.77
CA ASP B 550 35.71 -15.63 -29.69
C ASP B 550 36.39 -16.81 -29.00
N GLU B 551 37.43 -16.53 -28.24
CA GLU B 551 38.31 -17.58 -27.72
C GLU B 551 37.70 -18.47 -26.64
N PHE B 552 36.39 -18.43 -26.50
CA PHE B 552 35.72 -19.25 -25.51
C PHE B 552 35.04 -20.44 -26.16
N VAL B 553 35.41 -21.64 -25.72
CA VAL B 553 34.80 -22.86 -26.24
C VAL B 553 34.82 -23.97 -25.20
N SER B 554 33.97 -24.97 -25.41
CA SER B 554 33.91 -26.17 -24.56
C SER B 554 33.71 -25.89 -23.06
N LYS B 555 32.67 -25.12 -22.76
CA LYS B 555 32.32 -24.75 -21.38
C LYS B 555 33.47 -24.07 -20.65
N GLY B 556 34.59 -23.86 -21.35
CA GLY B 556 35.78 -23.29 -20.73
C GLY B 556 36.48 -24.26 -19.82
N LYS B 557 36.45 -25.55 -20.16
CA LYS B 557 37.13 -26.60 -19.39
C LYS B 557 38.60 -26.73 -19.76
N TYR B 558 38.89 -26.98 -21.03
CA TYR B 558 40.26 -26.89 -21.51
C TYR B 558 40.41 -25.92 -22.68
N LEU B 559 41.20 -24.87 -22.46
CA LEU B 559 41.46 -23.89 -23.51
C LEU B 559 42.68 -24.26 -24.31
N PHE B 560 42.74 -23.84 -25.57
CA PHE B 560 43.97 -24.02 -26.32
C PHE B 560 45.01 -23.08 -25.73
N GLU B 561 46.07 -23.66 -25.19
CA GLU B 561 47.15 -22.91 -24.61
C GLU B 561 47.28 -21.52 -25.23
N LEU B 562 47.45 -20.51 -24.37
CA LEU B 562 47.62 -19.11 -24.76
C LEU B 562 48.47 -18.95 -26.02
N LYS B 563 48.04 -18.11 -26.96
CA LYS B 563 48.73 -18.02 -28.24
C LYS B 563 50.12 -17.43 -28.11
N ILE B 564 50.44 -16.87 -26.94
CA ILE B 564 51.79 -16.35 -26.68
C ILE B 564 52.76 -17.50 -26.50
N ASP B 565 52.20 -18.72 -26.50
CA ASP B 565 52.95 -19.96 -26.45
C ASP B 565 53.92 -20.00 -25.28
N LEU B 566 53.45 -20.43 -24.11
CA LEU B 566 54.30 -20.45 -22.91
C LEU B 566 55.49 -21.33 -23.15
N ASP B 567 55.27 -22.46 -23.81
CA ASP B 567 56.29 -23.46 -23.97
C ASP B 567 57.53 -22.94 -24.68
N ASN B 568 57.31 -22.19 -25.75
CA ASN B 568 58.39 -21.47 -26.41
C ASN B 568 59.01 -20.48 -25.43
N LEU B 569 58.16 -19.75 -24.71
CA LEU B 569 58.62 -18.73 -23.78
C LEU B 569 59.58 -19.25 -22.72
N TYR B 570 59.23 -20.39 -22.13
CA TYR B 570 60.11 -21.15 -21.25
C TYR B 570 61.43 -21.40 -21.98
N LYS B 571 61.39 -22.16 -23.08
CA LYS B 571 62.60 -22.50 -23.82
C LYS B 571 63.49 -21.32 -24.20
N GLU B 572 62.92 -20.12 -24.31
CA GLU B 572 63.74 -18.95 -24.66
C GLU B 572 64.17 -18.13 -23.44
N LEU B 573 63.34 -18.06 -22.41
CA LEU B 573 63.57 -17.19 -21.26
C LEU B 573 63.54 -17.90 -19.92
N GLY B 574 63.25 -19.19 -19.92
CA GLY B 574 63.05 -19.90 -18.66
C GLY B 574 64.13 -19.66 -17.62
N ASP B 575 65.31 -19.31 -18.11
CA ASP B 575 66.46 -19.07 -17.25
C ASP B 575 66.39 -17.70 -16.56
N ASP B 576 66.35 -16.63 -17.36
CA ASP B 576 66.47 -15.28 -16.84
C ASP B 576 65.18 -14.60 -16.39
N TYR B 577 64.05 -15.04 -16.90
CA TYR B 577 62.81 -14.34 -16.65
C TYR B 577 61.80 -15.17 -15.88
N VAL B 578 60.87 -14.47 -15.25
CA VAL B 578 59.65 -15.07 -14.75
C VAL B 578 58.51 -14.26 -15.36
N ILE B 579 57.39 -14.90 -15.68
CA ILE B 579 56.31 -14.16 -16.32
C ILE B 579 54.97 -14.22 -15.56
N LEU B 580 54.41 -13.06 -15.27
CA LEU B 580 53.18 -12.94 -14.51
C LEU B 580 51.98 -12.90 -15.43
N LEU B 581 51.06 -13.84 -15.27
CA LEU B 581 49.87 -13.92 -16.10
C LEU B 581 48.67 -13.28 -15.44
N ARG B 582 48.31 -12.08 -15.91
CA ARG B 582 47.11 -11.39 -15.44
C ARG B 582 45.96 -11.61 -16.41
N MET B 583 45.35 -12.79 -16.30
CA MET B 583 44.30 -13.17 -17.22
C MET B 583 42.96 -12.80 -16.65
N HIS B 584 41.93 -12.92 -17.48
CA HIS B 584 40.56 -12.77 -17.06
C HIS B 584 40.17 -13.99 -16.25
N TYR B 585 39.28 -13.81 -15.29
CA TYR B 585 39.01 -14.84 -14.30
C TYR B 585 38.62 -16.20 -14.89
N LEU B 586 37.90 -16.20 -16.00
CA LEU B 586 37.48 -17.45 -16.65
C LEU B 586 38.64 -18.24 -17.28
N ILE B 587 39.52 -17.55 -18.00
CA ILE B 587 40.74 -18.16 -18.50
C ILE B 587 41.62 -18.62 -17.33
N SER B 588 41.58 -17.88 -16.23
CA SER B 588 42.47 -18.14 -15.11
C SER B 588 42.23 -19.50 -14.42
N ASN B 589 40.97 -19.88 -14.25
CA ASN B 589 40.69 -21.22 -13.72
C ASN B 589 40.49 -22.23 -14.83
N ALA B 590 41.14 -21.97 -15.97
CA ALA B 590 41.20 -22.93 -17.08
C ALA B 590 42.64 -23.15 -17.54
N LEU B 591 43.57 -22.42 -16.92
CA LEU B 591 45.01 -22.53 -17.20
C LEU B 591 45.59 -23.80 -16.62
N ASP B 592 46.49 -24.43 -17.36
CA ASP B 592 47.14 -25.62 -16.86
C ASP B 592 48.62 -25.33 -16.76
N LEU B 593 49.03 -24.73 -15.65
CA LEU B 593 50.43 -24.33 -15.48
C LEU B 593 51.31 -25.47 -14.93
N SER B 594 50.84 -26.70 -15.12
CA SER B 594 51.66 -27.87 -14.89
C SER B 594 52.83 -27.82 -15.84
N GLY B 595 54.03 -27.78 -15.28
CA GLY B 595 55.24 -27.80 -16.07
C GLY B 595 55.86 -26.43 -16.23
N TYR B 596 55.25 -25.42 -15.64
CA TYR B 596 55.80 -24.06 -15.72
C TYR B 596 56.03 -23.46 -14.35
N GLU B 597 55.83 -24.26 -13.32
CA GLU B 597 56.15 -23.84 -11.96
C GLU B 597 57.46 -23.04 -11.93
N ASN B 598 57.41 -21.88 -11.28
CA ASN B 598 58.58 -21.00 -11.14
C ASN B 598 58.97 -20.28 -12.41
N PHE B 599 58.10 -20.34 -13.40
CA PHE B 599 58.28 -19.55 -14.57
C PHE B 599 57.02 -18.75 -14.84
N ALA B 600 55.91 -19.47 -14.95
CA ALA B 600 54.60 -18.83 -15.17
C ALA B 600 53.84 -18.77 -13.85
N ILE B 601 53.67 -17.56 -13.33
CA ILE B 601 52.90 -17.38 -12.11
C ILE B 601 51.55 -16.85 -12.50
N ASP B 602 50.47 -17.49 -12.02
CA ASP B 602 49.15 -16.88 -12.16
C ASP B 602 49.09 -15.71 -11.18
N VAL B 603 48.41 -14.65 -11.58
CA VAL B 603 48.45 -13.45 -10.79
C VAL B 603 47.11 -12.78 -11.05
N SER B 604 46.22 -13.56 -11.65
CA SER B 604 44.87 -13.11 -11.97
C SER B 604 44.10 -12.60 -10.76
N ASN B 605 44.34 -13.18 -9.59
CA ASN B 605 43.53 -12.86 -8.43
C ASN B 605 44.21 -11.93 -7.46
N TYR B 606 45.27 -11.29 -7.93
CA TYR B 606 46.06 -10.40 -7.11
C TYR B 606 45.28 -9.12 -6.75
N ASN B 607 45.24 -8.79 -5.46
CA ASN B 607 44.44 -7.68 -4.96
C ASN B 607 44.77 -6.36 -5.65
N ASP B 608 46.06 -6.10 -5.84
CA ASP B 608 46.49 -4.77 -6.29
C ASP B 608 47.35 -4.74 -7.55
N VAL B 609 46.73 -4.44 -8.69
CA VAL B 609 47.43 -4.53 -9.95
C VAL B 609 48.63 -3.58 -10.03
N SER B 610 48.55 -2.44 -9.34
CA SER B 610 49.61 -1.46 -9.42
C SER B 610 50.88 -1.98 -8.80
N GLU B 611 50.75 -2.85 -7.80
CA GLU B 611 51.91 -3.46 -7.19
C GLU B 611 52.63 -4.34 -8.20
N LEU B 612 51.85 -5.11 -8.95
CA LEU B 612 52.38 -5.83 -10.09
C LEU B 612 53.22 -4.93 -11.01
N PHE B 613 52.64 -3.82 -11.47
CA PHE B 613 53.36 -2.87 -12.29
C PHE B 613 54.72 -2.57 -11.70
N LEU B 614 54.75 -2.33 -10.38
CA LEU B 614 55.98 -1.93 -9.73
C LEU B 614 57.16 -2.92 -9.86
N ILE B 615 56.88 -4.23 -9.86
CA ILE B 615 57.94 -5.20 -9.91
C ILE B 615 58.12 -5.76 -11.31
N SER B 616 57.55 -5.10 -12.30
CA SER B 616 57.58 -5.59 -13.67
C SER B 616 58.55 -4.82 -14.55
N ASP B 617 59.49 -5.55 -15.15
CA ASP B 617 60.53 -4.95 -15.97
C ASP B 617 59.98 -4.51 -17.28
N CYS B 618 59.06 -5.30 -17.82
CA CYS B 618 58.27 -4.84 -18.95
C CYS B 618 56.85 -5.42 -18.96
N LEU B 619 55.99 -4.83 -19.78
CA LEU B 619 54.62 -5.29 -19.94
C LEU B 619 54.26 -5.68 -21.38
N ILE B 620 53.57 -6.81 -21.50
CA ILE B 620 52.99 -7.19 -22.77
C ILE B 620 51.49 -7.06 -22.64
N THR B 621 50.85 -6.40 -23.59
CA THR B 621 49.40 -6.29 -23.54
C THR B 621 48.88 -6.26 -24.97
N ASP B 622 47.73 -5.64 -25.20
CA ASP B 622 47.30 -5.45 -26.57
C ASP B 622 46.39 -4.25 -26.73
N TYR B 623 45.12 -4.46 -26.42
CA TYR B 623 44.15 -3.40 -26.53
C TYR B 623 43.58 -3.02 -25.17
N SER B 624 44.43 -2.65 -24.21
CA SER B 624 43.94 -2.33 -22.89
C SER B 624 44.31 -0.94 -22.49
N SER B 625 43.63 -0.41 -21.47
CA SER B 625 43.96 0.90 -20.92
C SER B 625 45.12 0.80 -19.94
N VAL B 626 45.51 -0.41 -19.55
CA VAL B 626 46.60 -0.55 -18.59
C VAL B 626 47.92 0.03 -19.11
N MET B 627 48.15 -0.06 -20.41
CA MET B 627 49.38 0.49 -20.97
C MET B 627 49.52 1.94 -20.54
N PHE B 628 48.39 2.61 -20.36
CA PHE B 628 48.42 4.03 -20.03
C PHE B 628 48.90 4.23 -18.61
N ASP B 629 48.63 3.26 -17.74
CA ASP B 629 48.94 3.42 -16.32
C ASP B 629 50.39 3.01 -16.11
N TYR B 630 50.79 1.93 -16.78
CA TYR B 630 52.15 1.40 -16.69
C TYR B 630 53.17 2.33 -17.35
N GLY B 631 52.66 3.40 -17.95
CA GLY B 631 53.49 4.33 -18.70
C GLY B 631 54.33 5.18 -17.78
N ILE B 632 53.75 5.54 -16.64
CA ILE B 632 54.41 6.39 -15.64
C ILE B 632 55.80 5.86 -15.31
N LEU B 633 55.96 4.55 -15.44
CA LEU B 633 57.21 3.90 -15.10
C LEU B 633 58.25 3.99 -16.21
N LYS B 634 57.87 4.53 -17.36
CA LYS B 634 58.75 4.61 -18.55
C LYS B 634 59.50 3.31 -18.96
N ARG B 635 58.97 2.14 -18.59
CA ARG B 635 59.57 0.84 -18.94
C ARG B 635 59.14 0.34 -20.34
N PRO B 636 59.76 -0.76 -20.85
CA PRO B 636 59.37 -1.20 -22.19
C PRO B 636 57.95 -1.76 -22.22
N GLN B 637 57.31 -1.75 -23.40
CA GLN B 637 55.98 -2.34 -23.58
C GLN B 637 55.85 -3.04 -24.92
N PHE B 638 55.29 -4.24 -24.92
CA PHE B 638 55.06 -4.94 -26.17
C PHE B 638 53.59 -5.24 -26.33
N PHE B 639 53.11 -5.12 -27.56
CA PHE B 639 51.70 -5.33 -27.84
C PHE B 639 51.51 -6.54 -28.72
N PHE B 640 51.27 -7.67 -28.07
CA PHE B 640 51.02 -8.91 -28.78
C PHE B 640 49.59 -8.90 -29.32
N ALA B 641 49.37 -8.15 -30.40
CA ALA B 641 48.03 -7.96 -30.95
C ALA B 641 47.76 -8.95 -32.07
N TYR B 642 47.95 -10.23 -31.80
CA TYR B 642 47.86 -11.25 -32.85
C TYR B 642 46.56 -11.19 -33.63
N ASP B 643 45.46 -10.98 -32.94
CA ASP B 643 44.17 -11.04 -33.61
C ASP B 643 43.78 -9.72 -34.26
N ILE B 644 44.76 -8.88 -34.56
CA ILE B 644 44.48 -7.54 -35.01
C ILE B 644 43.86 -7.52 -36.40
N ASP B 645 44.15 -8.55 -37.19
CA ASP B 645 43.57 -8.70 -38.52
C ASP B 645 42.06 -8.56 -38.40
N LYS B 646 41.51 -9.27 -37.41
CA LYS B 646 40.08 -9.33 -37.16
C LYS B 646 39.60 -8.21 -36.23
N TYR B 647 40.16 -7.02 -36.43
CA TYR B 647 39.77 -5.83 -35.66
C TYR B 647 39.66 -4.62 -36.58
N ASP B 648 38.87 -4.76 -37.64
CA ASP B 648 38.52 -3.65 -38.54
C ASP B 648 39.66 -3.21 -39.47
N LYS B 649 40.76 -3.95 -39.45
CA LYS B 649 41.92 -3.65 -40.30
C LYS B 649 42.57 -2.30 -39.97
N GLY B 650 42.08 -1.21 -40.58
CA GLY B 650 42.53 0.13 -40.25
C GLY B 650 41.44 0.88 -39.50
N LEU B 651 41.37 0.68 -38.19
CA LEU B 651 40.24 1.18 -37.40
C LEU B 651 40.55 2.37 -36.50
N ARG B 652 39.52 3.17 -36.30
CA ARG B 652 39.57 4.34 -35.45
C ARG B 652 38.54 4.19 -34.34
N GLY B 653 38.07 2.96 -34.16
CA GLY B 653 37.22 2.61 -33.03
C GLY B 653 38.04 2.61 -31.75
N PHE B 654 39.28 3.10 -31.87
CA PHE B 654 40.13 3.44 -30.75
C PHE B 654 40.25 4.92 -30.84
N TYR B 655 40.31 5.57 -29.69
CA TYR B 655 40.43 7.02 -29.69
C TYR B 655 41.75 7.44 -30.29
N MET B 656 42.84 6.82 -29.83
CA MET B 656 44.12 7.17 -30.37
C MET B 656 44.52 6.21 -31.50
N ASN B 657 45.45 6.65 -32.34
CA ASN B 657 45.92 5.90 -33.50
C ASN B 657 46.86 4.80 -33.02
N TYR B 658 46.28 3.65 -32.78
CA TYR B 658 46.98 2.51 -32.19
C TYR B 658 48.13 2.09 -33.08
N MET B 659 48.05 2.40 -34.36
CA MET B 659 49.05 1.90 -35.27
C MET B 659 50.34 2.72 -35.18
N GLU B 660 50.31 3.87 -34.52
CA GLU B 660 51.46 4.76 -34.59
C GLU B 660 52.06 5.17 -33.26
N ASP B 661 51.25 5.68 -32.35
CA ASP B 661 51.80 6.36 -31.18
C ASP B 661 51.73 5.63 -29.83
N LEU B 662 51.75 4.30 -29.85
CA LEU B 662 52.00 3.58 -28.61
C LEU B 662 53.52 3.48 -28.35
N PRO B 663 53.92 2.99 -27.15
CA PRO B 663 55.33 3.00 -26.74
C PRO B 663 56.11 1.77 -27.10
N GLY B 664 55.70 1.01 -28.11
CA GLY B 664 56.39 -0.23 -28.40
C GLY B 664 56.06 -0.96 -29.67
N PRO B 665 56.74 -2.07 -29.90
CA PRO B 665 56.59 -2.89 -31.11
C PRO B 665 55.25 -3.58 -31.13
N ILE B 666 54.55 -3.55 -32.25
CA ILE B 666 53.39 -4.42 -32.38
C ILE B 666 53.79 -5.79 -32.93
N TYR B 667 53.54 -6.85 -32.16
CA TYR B 667 53.84 -8.22 -32.59
C TYR B 667 52.61 -9.07 -32.87
N THR B 668 52.53 -9.65 -34.08
CA THR B 668 51.37 -10.44 -34.45
C THR B 668 51.56 -11.93 -34.19
N GLU B 669 52.81 -12.34 -34.04
CA GLU B 669 53.11 -13.68 -33.56
C GLU B 669 54.08 -13.50 -32.39
N PRO B 670 54.20 -14.51 -31.51
CA PRO B 670 54.93 -14.36 -30.24
C PRO B 670 56.43 -14.67 -30.36
N TYR B 671 56.90 -15.02 -31.55
CA TYR B 671 58.26 -15.51 -31.68
C TYR B 671 59.25 -14.40 -31.86
N GLY B 672 58.91 -13.43 -32.70
CA GLY B 672 59.68 -12.21 -32.76
C GLY B 672 59.70 -11.55 -31.39
N LEU B 673 58.54 -11.56 -30.74
CA LEU B 673 58.41 -11.00 -29.41
C LEU B 673 59.39 -11.69 -28.45
N ALA B 674 59.26 -13.00 -28.33
CA ALA B 674 60.12 -13.77 -27.42
C ALA B 674 61.60 -13.49 -27.62
N LYS B 675 62.06 -13.45 -28.88
CA LYS B 675 63.45 -13.15 -29.18
C LYS B 675 63.81 -11.79 -28.61
N GLU B 676 63.09 -10.78 -29.08
CA GLU B 676 63.21 -9.39 -28.64
C GLU B 676 63.42 -9.27 -27.14
N LEU B 677 62.71 -10.11 -26.42
CA LEU B 677 62.62 -10.05 -24.97
C LEU B 677 63.90 -10.54 -24.33
N LYS B 678 64.74 -11.17 -25.13
CA LYS B 678 66.01 -11.62 -24.61
C LYS B 678 66.71 -10.39 -24.05
N ASN B 679 66.87 -9.38 -24.89
CA ASN B 679 67.67 -8.20 -24.57
C ASN B 679 66.84 -6.95 -24.26
N LEU B 680 66.60 -6.69 -22.96
CA LEU B 680 65.73 -5.57 -22.53
C LEU B 680 66.40 -4.18 -22.60
N ASP B 681 67.72 -4.15 -22.67
CA ASP B 681 68.43 -2.89 -22.84
C ASP B 681 68.33 -2.40 -24.28
N LYS B 682 68.39 -3.33 -25.22
CA LYS B 682 68.28 -2.96 -26.63
C LYS B 682 66.89 -2.39 -26.94
N VAL B 683 65.86 -2.90 -26.25
CA VAL B 683 64.50 -2.37 -26.43
C VAL B 683 64.40 -0.97 -25.85
N GLN B 684 64.65 -0.88 -24.55
CA GLN B 684 64.67 0.41 -23.86
C GLN B 684 65.37 1.51 -24.66
N GLN B 685 66.55 1.18 -25.20
CA GLN B 685 67.27 2.13 -26.02
C GLN B 685 66.45 2.43 -27.28
N GLN B 686 66.09 1.39 -28.01
CA GLN B 686 65.38 1.53 -29.27
C GLN B 686 64.16 2.44 -29.16
N TYR B 687 63.15 2.01 -28.39
CA TYR B 687 61.89 2.74 -28.33
C TYR B 687 61.89 3.92 -27.36
N GLN B 688 63.01 4.18 -26.69
CA GLN B 688 63.05 5.25 -25.68
C GLN B 688 62.33 6.52 -26.11
N GLU B 689 62.46 6.91 -27.37
CA GLU B 689 61.79 8.12 -27.82
C GLU B 689 60.29 7.92 -27.88
N LYS B 690 59.85 6.85 -28.53
CA LYS B 690 58.44 6.51 -28.57
C LYS B 690 57.88 6.42 -27.15
N ILE B 691 58.73 6.01 -26.22
CA ILE B 691 58.38 5.83 -24.82
C ILE B 691 58.27 7.16 -24.13
N ASP B 692 59.26 8.02 -24.33
CA ASP B 692 59.21 9.31 -23.66
C ASP B 692 58.03 10.15 -24.16
N ALA B 693 57.78 10.11 -25.47
CA ALA B 693 56.68 10.88 -26.06
C ALA B 693 55.32 10.33 -25.66
N PHE B 694 55.24 9.02 -25.42
CA PHE B 694 54.03 8.41 -24.90
C PHE B 694 53.77 8.95 -23.49
N TYR B 695 54.83 9.06 -22.71
CA TYR B 695 54.76 9.58 -21.35
C TYR B 695 54.35 11.04 -21.31
N ASP B 696 55.00 11.86 -22.13
CA ASP B 696 54.74 13.30 -22.13
C ASP B 696 53.27 13.60 -22.37
N ARG B 697 52.57 12.64 -22.97
CA ARG B 697 51.19 12.86 -23.39
C ARG B 697 50.20 12.28 -22.38
N PHE B 698 50.35 11.02 -22.06
CA PHE B 698 49.34 10.40 -21.25
C PHE B 698 49.69 10.34 -19.77
N CYS B 699 50.95 10.61 -19.39
CA CYS B 699 51.34 10.42 -17.98
C CYS B 699 51.96 11.62 -17.30
N SER B 700 51.94 12.77 -17.98
CA SER B 700 52.57 14.00 -17.50
C SER B 700 51.86 14.62 -16.29
N VAL B 701 50.83 13.94 -15.81
CA VAL B 701 49.97 14.52 -14.79
C VAL B 701 50.21 13.94 -13.40
N ASP B 702 50.44 12.64 -13.31
CA ASP B 702 50.52 11.98 -12.00
C ASP B 702 51.67 12.43 -11.15
N ASN B 703 51.37 13.09 -10.04
CA ASN B 703 52.40 13.51 -9.08
C ASN B 703 52.36 12.66 -7.82
N GLY B 704 51.49 11.65 -7.84
CA GLY B 704 51.36 10.72 -6.73
C GLY B 704 50.64 11.34 -5.56
N LYS B 705 50.01 12.48 -5.79
CA LYS B 705 49.31 13.18 -4.73
C LYS B 705 47.80 13.18 -4.99
N ALA B 706 47.40 12.41 -5.99
CA ALA B 706 45.98 12.21 -6.31
C ALA B 706 45.16 11.75 -5.10
N SER B 707 45.59 10.67 -4.44
CA SER B 707 44.94 10.22 -3.22
C SER B 707 44.71 11.39 -2.26
N GLN B 708 45.74 12.23 -2.15
CA GLN B 708 45.74 13.35 -1.21
C GLN B 708 44.72 14.40 -1.64
N TYR B 709 44.78 14.84 -2.89
CA TYR B 709 43.84 15.85 -3.39
C TYR B 709 42.41 15.53 -3.00
N ILE B 710 41.95 14.34 -3.38
CA ILE B 710 40.59 13.87 -3.14
C ILE B 710 40.19 13.83 -1.65
N GLY B 711 41.08 13.39 -0.77
CA GLY B 711 40.75 13.34 0.64
C GLY B 711 40.60 14.75 1.22
N ASP B 712 41.41 15.68 0.72
CA ASP B 712 41.34 17.04 1.18
C ASP B 712 40.10 17.69 0.63
N LEU B 713 39.71 17.30 -0.59
CA LEU B 713 38.48 17.79 -1.18
C LEU B 713 37.30 17.31 -0.37
N ILE B 714 37.34 16.04 0.02
CA ILE B 714 36.28 15.46 0.83
C ILE B 714 36.18 16.19 2.16
N HIS B 715 37.28 16.26 2.91
CA HIS B 715 37.33 16.93 4.22
C HIS B 715 36.98 18.43 4.16
N LYS B 716 37.56 19.16 3.22
CA LYS B 716 37.13 20.54 2.95
C LYS B 716 35.63 20.59 2.66
N ASP B 717 35.17 19.78 1.70
CA ASP B 717 33.74 19.67 1.39
C ASP B 717 32.89 19.52 2.66
N ILE B 718 33.40 18.83 3.67
CA ILE B 718 32.56 18.49 4.82
C ILE B 718 32.73 19.32 6.09
N LYS B 719 33.84 20.05 6.21
CA LYS B 719 33.87 21.15 7.17
C LYS B 719 32.68 22.05 6.85
N GLU B 720 32.66 22.62 5.65
CA GLU B 720 31.56 23.46 5.19
C GLU B 720 30.22 23.04 5.77
N GLN B 721 29.87 21.77 5.63
CA GLN B 721 28.57 21.28 6.05
C GLN B 721 28.32 21.49 7.52
N LEU B 722 29.40 21.50 8.29
CA LEU B 722 29.34 21.70 9.73
C LEU B 722 29.26 23.19 10.15
N GLU B 723 28.32 23.91 9.52
CA GLU B 723 28.04 25.31 9.80
C GLU B 723 26.72 25.75 9.14
N ALA C 313 -1.99 -18.00 -1.70
CA ALA C 313 -0.62 -18.17 -1.24
C ALA C 313 -0.40 -17.51 0.12
N PHE C 314 -0.85 -16.27 0.25
CA PHE C 314 -0.72 -15.56 1.52
C PHE C 314 -2.03 -15.57 2.32
N LYS C 315 -1.91 -15.90 3.61
CA LYS C 315 -3.08 -16.03 4.47
C LYS C 315 -3.49 -14.71 5.11
N VAL C 316 -4.77 -14.58 5.35
CA VAL C 316 -5.35 -13.30 5.78
C VAL C 316 -4.73 -12.72 7.05
N ASN C 317 -4.57 -13.54 8.09
CA ASN C 317 -4.04 -13.04 9.37
C ASN C 317 -2.60 -12.49 9.26
N GLN C 318 -1.79 -13.12 8.42
CA GLN C 318 -0.40 -12.73 8.20
C GLN C 318 -0.30 -11.43 7.40
N PHE C 319 -1.18 -11.28 6.41
CA PHE C 319 -1.27 -10.06 5.64
C PHE C 319 -1.46 -8.87 6.57
N ARG C 320 -2.36 -9.03 7.54
CA ARG C 320 -2.76 -7.95 8.42
C ARG C 320 -1.60 -7.45 9.26
N LYS C 321 -0.82 -8.40 9.79
CA LYS C 321 0.39 -8.06 10.52
C LYS C 321 1.39 -7.42 9.58
N THR C 322 1.73 -8.12 8.50
CA THR C 322 2.62 -7.54 7.50
C THR C 322 2.36 -6.05 7.31
N LEU C 323 1.14 -5.71 6.91
CA LEU C 323 0.74 -4.32 6.80
C LEU C 323 0.90 -3.50 8.09
N ARG C 324 0.57 -4.06 9.25
CA ARG C 324 0.72 -3.28 10.46
C ARG C 324 2.18 -2.90 10.66
N HIS C 325 3.07 -3.83 10.33
CA HIS C 325 4.50 -3.65 10.59
C HIS C 325 5.12 -2.66 9.59
N VAL C 326 4.59 -2.64 8.37
CA VAL C 326 5.05 -1.67 7.39
C VAL C 326 4.75 -0.28 7.92
N LYS C 327 3.55 -0.14 8.49
CA LYS C 327 3.12 1.12 9.05
C LYS C 327 4.06 1.57 10.17
N ASN C 328 4.51 0.63 10.99
CA ASN C 328 5.42 0.93 12.09
C ASN C 328 6.85 1.25 11.64
N ILE C 329 7.34 0.49 10.67
CA ILE C 329 8.68 0.71 10.12
C ILE C 329 8.79 2.07 9.46
N VAL C 330 7.80 2.42 8.64
CA VAL C 330 7.94 3.63 7.85
C VAL C 330 7.77 4.87 8.73
N LEU C 331 6.91 4.74 9.73
CA LEU C 331 6.57 5.89 10.56
C LEU C 331 7.43 5.98 11.83
N ARG C 332 8.62 5.38 11.79
CA ARG C 332 9.54 5.38 12.93
C ARG C 332 8.78 5.27 14.26
N ARG C 333 7.98 4.20 14.40
CA ARG C 333 7.12 4.00 15.57
C ARG C 333 7.83 3.13 16.60
N LYS C 334 7.66 3.46 17.88
CA LYS C 334 8.39 2.79 18.94
C LYS C 334 7.95 1.34 18.97
N ASN C 335 6.76 1.10 18.44
CA ASN C 335 6.13 -0.22 18.46
C ASN C 335 6.61 -1.20 17.41
N LYS C 336 7.54 -0.78 16.58
CA LYS C 336 8.03 -1.64 15.54
C LYS C 336 8.58 -2.92 16.15
N GLU C 337 9.05 -2.82 17.37
CA GLU C 337 9.62 -3.97 18.07
C GLU C 337 8.57 -5.06 18.23
N ARG C 338 7.32 -4.62 18.30
CA ARG C 338 6.21 -5.49 18.59
C ARG C 338 5.69 -6.10 17.31
N SER C 339 5.54 -5.26 16.28
CA SER C 339 5.00 -5.71 15.01
C SER C 339 5.87 -6.84 14.49
N LEU C 340 7.18 -6.64 14.57
CA LEU C 340 8.11 -7.68 14.21
C LEU C 340 7.81 -8.97 14.98
N TYR C 341 7.92 -8.89 16.31
CA TYR C 341 7.60 -10.02 17.17
C TYR C 341 6.36 -10.80 16.71
N ASP C 342 5.35 -10.07 16.25
CA ASP C 342 4.05 -10.67 15.96
C ASP C 342 4.09 -11.43 14.65
N LEU C 343 4.81 -10.87 13.69
CA LEU C 343 5.08 -11.54 12.42
C LEU C 343 5.91 -12.80 12.62
N THR C 344 6.96 -12.67 13.41
CA THR C 344 8.01 -13.67 13.49
C THR C 344 7.86 -14.67 14.63
N ASP C 345 6.73 -14.61 15.33
CA ASP C 345 6.56 -15.47 16.51
C ASP C 345 6.10 -16.85 16.10
N LYS C 346 6.95 -17.86 16.31
CA LYS C 346 6.65 -19.22 15.90
C LYS C 346 6.61 -20.12 17.12
N GLU C 347 5.78 -21.16 17.06
CA GLU C 347 5.67 -22.12 18.16
C GLU C 347 6.99 -22.83 18.37
N ASP C 348 7.94 -22.46 17.54
CA ASP C 348 9.19 -23.18 17.39
C ASP C 348 10.31 -22.34 17.93
N ASN C 349 9.98 -21.11 18.32
CA ASN C 349 10.97 -20.20 18.86
C ASN C 349 11.34 -20.65 20.26
N VAL C 350 10.50 -21.49 20.85
CA VAL C 350 10.63 -21.82 22.27
C VAL C 350 11.86 -22.65 22.54
N LYS C 351 12.50 -22.38 23.67
CA LYS C 351 13.63 -23.15 24.13
C LYS C 351 13.21 -23.62 25.51
N PRO C 352 12.99 -24.91 25.68
CA PRO C 352 12.41 -25.44 26.92
C PRO C 352 13.04 -24.95 28.23
N LYS C 353 14.32 -24.61 28.25
CA LYS C 353 14.87 -24.18 29.53
C LYS C 353 14.99 -22.67 29.71
N THR C 354 14.10 -21.93 29.05
CA THR C 354 14.00 -20.50 29.28
C THR C 354 12.74 -20.14 30.06
N ILE C 355 12.93 -19.36 31.12
CA ILE C 355 11.83 -18.98 32.00
C ILE C 355 11.82 -17.48 32.23
N VAL C 356 10.66 -16.84 32.10
CA VAL C 356 10.57 -15.40 32.32
C VAL C 356 9.76 -15.04 33.55
N PHE C 357 10.30 -14.16 34.37
CA PHE C 357 9.60 -13.66 35.56
C PHE C 357 9.32 -12.19 35.41
N GLU C 358 8.13 -11.76 35.79
CA GLU C 358 7.87 -10.34 35.87
C GLU C 358 6.90 -10.18 36.98
N SER C 359 7.09 -9.16 37.82
CA SER C 359 6.09 -8.91 38.85
C SER C 359 5.54 -7.50 38.77
N PHE C 360 4.28 -7.36 39.17
CA PHE C 360 3.56 -6.11 39.03
C PHE C 360 3.95 -5.35 37.77
N GLY C 361 3.83 -6.03 36.63
CA GLY C 361 4.06 -5.44 35.32
C GLY C 361 5.44 -4.85 35.14
N GLY C 362 6.43 -5.40 35.82
CA GLY C 362 7.80 -4.94 35.65
C GLY C 362 8.22 -3.78 36.54
N LYS C 363 7.46 -3.55 37.59
CA LYS C 363 7.71 -2.42 38.44
C LYS C 363 8.83 -2.75 39.38
N ASN C 364 8.99 -4.03 39.65
CA ASN C 364 9.65 -4.44 40.87
C ASN C 364 10.37 -5.74 40.69
N TYR C 365 11.23 -6.05 41.64
CA TYR C 365 11.72 -7.42 41.81
C TYR C 365 11.10 -7.80 43.14
N SER C 366 10.09 -8.66 43.13
CA SER C 366 9.29 -8.76 44.34
C SER C 366 8.28 -9.87 44.39
N ASP C 367 7.72 -10.04 45.57
CA ASP C 367 6.90 -11.20 45.94
C ASP C 367 6.98 -12.44 45.03
N SER C 368 5.88 -13.19 44.97
CA SER C 368 5.94 -14.58 44.54
C SER C 368 6.95 -14.89 43.43
N PRO C 369 6.93 -14.11 42.34
CA PRO C 369 7.96 -14.32 41.32
C PRO C 369 9.38 -14.38 41.90
N LYS C 370 9.74 -13.43 42.77
CA LYS C 370 11.06 -13.43 43.42
C LYS C 370 11.41 -14.76 44.06
N TYR C 371 10.54 -15.22 44.95
CA TYR C 371 10.78 -16.40 45.75
C TYR C 371 10.77 -17.69 44.94
N ILE C 372 9.85 -17.83 43.99
CA ILE C 372 9.90 -18.96 43.07
C ILE C 372 11.23 -18.96 42.35
N TYR C 373 11.65 -17.79 41.87
CA TYR C 373 12.94 -17.61 41.20
C TYR C 373 14.16 -17.87 42.10
N GLU C 374 14.07 -17.41 43.34
CA GLU C 374 15.17 -17.57 44.28
C GLU C 374 15.33 -19.02 44.68
N TYR C 375 14.22 -19.74 44.73
CA TYR C 375 14.25 -21.17 45.00
C TYR C 375 14.85 -21.90 43.81
N MET C 376 14.47 -21.47 42.61
CA MET C 376 14.93 -22.17 41.41
C MET C 376 16.38 -21.84 41.12
N GLN C 377 16.90 -20.83 41.77
CA GLN C 377 18.31 -20.53 41.62
C GLN C 377 19.11 -21.59 42.37
N LYS C 378 18.86 -21.67 43.69
CA LYS C 378 19.53 -22.62 44.59
C LYS C 378 19.56 -24.06 44.09
N TYR C 379 18.45 -24.53 43.53
CA TYR C 379 18.29 -25.94 43.18
C TYR C 379 18.29 -26.28 41.69
N TYR C 380 18.33 -25.29 40.83
CA TYR C 380 18.40 -25.54 39.40
C TYR C 380 19.18 -24.42 38.75
N PRO C 381 20.44 -24.25 39.14
CA PRO C 381 21.09 -23.05 38.62
C PRO C 381 21.39 -23.16 37.13
N ASN C 382 20.89 -24.22 36.49
CA ASN C 382 21.29 -24.61 35.13
C ASN C 382 20.48 -24.02 33.95
N TYR C 383 19.35 -23.38 34.25
CA TYR C 383 18.44 -22.86 33.22
C TYR C 383 18.68 -21.39 32.83
N ARG C 384 18.01 -20.95 31.77
CA ARG C 384 18.03 -19.56 31.40
C ARG C 384 16.90 -18.84 32.12
N TYR C 385 17.24 -18.03 33.12
CA TYR C 385 16.26 -17.23 33.86
C TYR C 385 16.25 -15.78 33.41
N ILE C 386 15.11 -15.29 32.97
CA ILE C 386 15.05 -13.89 32.57
C ILE C 386 14.03 -13.10 33.39
N TRP C 387 14.42 -11.90 33.83
CA TRP C 387 13.49 -10.99 34.51
C TRP C 387 13.10 -9.78 33.65
N SER C 388 11.85 -9.36 33.73
CA SER C 388 11.37 -8.27 32.89
C SER C 388 11.02 -7.06 33.75
N PHE C 389 11.48 -5.89 33.32
CA PHE C 389 11.36 -4.67 34.12
C PHE C 389 11.02 -3.46 33.25
N LYS C 390 10.34 -2.47 33.80
CA LYS C 390 10.14 -1.22 33.09
C LYS C 390 11.50 -0.60 32.90
N ASN C 391 12.28 -0.59 33.99
CA ASN C 391 13.65 -0.10 33.98
C ASN C 391 14.60 -1.14 34.56
N PRO C 392 15.18 -1.98 33.69
CA PRO C 392 16.08 -3.03 34.16
C PRO C 392 17.17 -2.47 35.10
N ASP C 393 17.54 -1.21 34.90
CA ASP C 393 18.63 -0.58 35.63
C ASP C 393 18.31 -0.33 37.09
N LYS C 394 17.11 0.15 37.37
CA LYS C 394 16.75 0.54 38.72
C LYS C 394 16.31 -0.65 39.57
N ASN C 395 16.74 -1.85 39.18
CA ASN C 395 16.38 -3.10 39.85
C ASN C 395 17.52 -4.07 39.98
N VAL C 396 17.80 -4.48 41.20
CA VAL C 396 18.88 -5.44 41.43
C VAL C 396 18.38 -6.88 41.56
N VAL C 397 18.83 -7.75 40.66
CA VAL C 397 18.49 -9.16 40.73
C VAL C 397 19.67 -10.03 41.18
N PRO C 398 19.48 -10.85 42.23
CA PRO C 398 20.56 -11.76 42.64
C PRO C 398 20.56 -13.00 41.78
N GLY C 399 21.71 -13.44 41.29
CA GLY C 399 21.78 -14.71 40.58
C GLY C 399 22.22 -14.67 39.12
N SER C 400 21.81 -15.69 38.38
CA SER C 400 22.26 -15.87 36.99
C SER C 400 21.45 -15.05 36.01
N ALA C 401 20.16 -14.88 36.32
CA ALA C 401 19.18 -14.24 35.45
C ALA C 401 19.68 -12.99 34.72
N GLU C 402 19.31 -12.88 33.45
CA GLU C 402 19.53 -11.67 32.70
C GLU C 402 18.25 -10.87 32.75
N LYS C 403 18.35 -9.55 32.71
CA LYS C 403 17.14 -8.75 32.73
C LYS C 403 16.83 -8.08 31.40
N VAL C 404 15.56 -7.74 31.18
CA VAL C 404 15.14 -7.14 29.92
C VAL C 404 14.13 -6.00 30.10
N LYS C 405 14.30 -4.93 29.32
CA LYS C 405 13.43 -3.77 29.43
C LYS C 405 12.16 -3.99 28.61
N ARG C 406 10.99 -3.84 29.24
CA ARG C 406 9.72 -4.02 28.53
C ARG C 406 9.67 -3.26 27.24
N ASN C 407 9.19 -3.92 26.18
CA ASN C 407 9.05 -3.36 24.84
C ASN C 407 10.29 -3.20 23.98
N SER C 408 11.44 -3.69 24.45
CA SER C 408 12.63 -3.78 23.63
C SER C 408 12.66 -5.10 22.85
N ALA C 409 13.55 -5.21 21.87
CA ALA C 409 13.64 -6.42 21.11
C ALA C 409 13.82 -7.60 22.06
N GLU C 410 14.89 -7.53 22.85
CA GLU C 410 15.18 -8.46 23.94
C GLU C 410 13.92 -8.99 24.61
N TYR C 411 13.04 -8.07 25.00
CA TYR C 411 11.84 -8.38 25.77
C TYR C 411 10.92 -9.37 25.05
N TYR C 412 10.71 -9.13 23.76
CA TYR C 412 9.88 -10.03 23.00
C TYR C 412 10.62 -11.33 22.71
N GLN C 413 11.94 -11.25 22.54
CA GLN C 413 12.71 -12.46 22.36
C GLN C 413 12.40 -13.34 23.54
N ALA C 414 12.49 -12.76 24.72
CA ALA C 414 12.26 -13.48 25.96
C ALA C 414 10.91 -14.21 25.95
N TYR C 415 9.83 -13.48 25.74
CA TYR C 415 8.52 -14.11 25.81
C TYR C 415 8.24 -15.02 24.63
N SER C 416 9.07 -14.95 23.61
CA SER C 416 8.87 -15.79 22.46
C SER C 416 9.51 -17.12 22.72
N GLU C 417 10.69 -17.07 23.32
CA GLU C 417 11.57 -18.23 23.50
C GLU C 417 11.29 -19.03 24.75
N ALA C 418 10.60 -18.43 25.69
CA ALA C 418 10.43 -19.04 27.02
C ALA C 418 9.39 -20.17 27.08
N SER C 419 9.76 -21.25 27.77
CA SER C 419 8.89 -22.42 27.91
C SER C 419 7.83 -22.17 28.98
N HIS C 420 8.13 -21.19 29.84
CA HIS C 420 7.33 -20.86 31.00
C HIS C 420 7.28 -19.35 31.27
N TRP C 421 6.11 -18.86 31.70
CA TRP C 421 5.97 -17.49 32.18
C TRP C 421 5.55 -17.48 33.65
N VAL C 422 6.32 -16.86 34.51
CA VAL C 422 5.88 -16.73 35.90
C VAL C 422 5.41 -15.30 36.14
N SER C 423 4.19 -15.10 36.60
CA SER C 423 3.74 -13.74 36.94
C SER C 423 2.69 -13.65 38.06
N ASN C 424 2.56 -12.45 38.64
CA ASN C 424 1.66 -12.21 39.75
C ASN C 424 0.63 -11.14 39.41
N ALA C 425 0.65 -10.70 38.15
CA ALA C 425 -0.42 -9.85 37.69
C ALA C 425 -0.55 -10.05 36.20
N ARG C 426 -1.58 -9.45 35.59
CA ARG C 426 -1.85 -9.71 34.19
C ARG C 426 -0.67 -9.31 33.32
N THR C 427 -0.32 -10.14 32.35
CA THR C 427 0.66 -9.79 31.32
C THR C 427 -0.14 -9.47 30.08
N PRO C 428 0.40 -8.60 29.21
CA PRO C 428 -0.37 -7.94 28.13
C PRO C 428 -1.01 -8.89 27.10
N LEU C 429 -2.20 -8.54 26.61
CA LEU C 429 -2.87 -9.36 25.60
C LEU C 429 -2.08 -9.49 24.30
N TYR C 430 -1.23 -8.52 24.02
CA TYR C 430 -0.47 -8.56 22.78
C TYR C 430 0.72 -9.52 22.79
N LEU C 431 1.11 -10.07 23.94
CA LEU C 431 2.11 -11.14 23.91
C LEU C 431 1.37 -12.42 23.59
N ASN C 432 1.96 -13.25 22.75
CA ASN C 432 1.28 -14.48 22.39
C ASN C 432 1.72 -15.61 23.27
N LYS C 433 0.81 -16.08 24.11
CA LYS C 433 1.06 -17.32 24.83
C LYS C 433 0.76 -18.45 23.87
N LYS C 434 1.80 -18.93 23.20
CA LYS C 434 1.71 -20.09 22.33
C LYS C 434 1.14 -21.31 23.08
N GLU C 435 0.61 -22.28 22.32
CA GLU C 435 0.09 -23.52 22.88
C GLU C 435 1.26 -24.33 23.42
N ASN C 436 2.42 -23.73 23.30
CA ASN C 436 3.70 -24.37 23.51
C ASN C 436 4.28 -24.03 24.86
N GLN C 437 3.73 -22.99 25.48
CA GLN C 437 4.29 -22.42 26.69
C GLN C 437 3.31 -22.50 27.83
N THR C 438 3.83 -22.51 29.04
CA THR C 438 2.99 -22.60 30.22
C THR C 438 3.08 -21.29 31.00
N TYR C 439 1.95 -20.60 31.12
CA TYR C 439 1.90 -19.34 31.82
C TYR C 439 1.43 -19.66 33.24
N ILE C 440 2.29 -19.56 34.24
CA ILE C 440 1.85 -19.75 35.62
C ILE C 440 1.54 -18.44 36.32
N GLN C 441 0.27 -18.27 36.69
CA GLN C 441 -0.22 -17.05 37.34
C GLN C 441 -0.36 -17.25 38.84
N THR C 442 0.50 -16.57 39.61
CA THR C 442 0.46 -16.66 41.08
C THR C 442 -0.56 -15.70 41.69
N TRP C 443 -0.89 -14.64 40.96
CA TRP C 443 -1.72 -13.55 41.47
C TRP C 443 -1.08 -12.91 42.68
N ASN C 444 -1.81 -12.07 43.40
CA ASN C 444 -1.17 -11.29 44.45
C ASN C 444 -1.88 -11.27 45.79
N GLY C 445 -3.05 -11.89 45.90
CA GLY C 445 -3.61 -12.11 47.21
C GLY C 445 -5.10 -12.36 47.33
N THR C 446 -5.49 -12.89 48.49
CA THR C 446 -6.89 -13.16 48.82
C THR C 446 -7.72 -11.92 48.67
N PRO C 447 -8.84 -12.02 47.94
CA PRO C 447 -9.59 -10.79 47.70
C PRO C 447 -10.49 -10.45 48.88
N LEU C 448 -10.72 -9.14 49.03
CA LEU C 448 -11.65 -8.59 49.96
C LEU C 448 -12.60 -7.76 49.11
N LYS C 449 -12.08 -7.13 48.08
CA LYS C 449 -12.93 -6.42 47.13
C LYS C 449 -13.22 -7.33 45.96
N ARG C 450 -14.35 -7.11 45.30
CA ARG C 450 -14.70 -7.92 44.13
C ARG C 450 -13.89 -7.55 42.92
N LEU C 451 -13.48 -8.57 42.17
CA LEU C 451 -12.64 -8.35 40.98
C LEU C 451 -13.19 -8.89 39.67
N ALA C 452 -12.54 -8.44 38.60
CA ALA C 452 -12.77 -8.93 37.26
C ALA C 452 -14.25 -9.10 37.01
N ASN C 453 -14.70 -10.34 37.06
CA ASN C 453 -16.06 -10.68 36.66
C ASN C 453 -17.11 -10.17 37.65
N ASP C 454 -16.84 -10.33 38.94
CA ASP C 454 -17.80 -9.99 39.97
C ASP C 454 -17.98 -8.50 40.12
N MET C 455 -17.05 -7.72 39.59
CA MET C 455 -17.17 -6.28 39.66
C MET C 455 -18.46 -5.87 39.00
N LYS C 456 -19.27 -5.06 39.68
CA LYS C 456 -20.58 -4.70 39.15
C LYS C 456 -20.52 -3.56 38.12
N VAL C 457 -19.90 -2.44 38.49
CA VAL C 457 -19.75 -1.31 37.57
C VAL C 457 -18.38 -0.62 37.69
N VAL C 458 -17.79 -0.31 36.54
CA VAL C 458 -16.45 0.29 36.43
C VAL C 458 -16.45 1.37 35.35
N ARG C 459 -16.40 2.64 35.74
CA ARG C 459 -16.44 3.73 34.76
C ARG C 459 -15.05 4.21 34.35
N MET C 460 -14.09 3.27 34.30
CA MET C 460 -12.72 3.61 33.91
C MET C 460 -12.66 4.14 32.48
N PRO C 461 -12.34 5.44 32.34
CA PRO C 461 -12.28 6.02 31.00
C PRO C 461 -11.35 5.18 30.12
N GLY C 462 -11.62 5.16 28.82
CA GLY C 462 -10.81 4.38 27.90
C GLY C 462 -11.37 2.98 27.65
N THR C 463 -12.24 2.52 28.56
CA THR C 463 -12.86 1.21 28.41
C THR C 463 -14.22 1.12 29.14
N THR C 464 -15.13 0.36 28.56
CA THR C 464 -16.44 0.14 29.13
C THR C 464 -16.41 -1.16 29.95
N THR C 465 -17.28 -1.27 30.96
CA THR C 465 -17.37 -2.49 31.76
C THR C 465 -17.30 -3.79 30.95
N PRO C 466 -18.24 -3.99 30.02
CA PRO C 466 -18.16 -5.27 29.28
C PRO C 466 -16.85 -5.43 28.52
N LYS C 467 -16.30 -4.36 27.94
CA LYS C 467 -15.02 -4.48 27.25
C LYS C 467 -14.00 -4.99 28.26
N TYR C 468 -13.93 -4.28 29.38
CA TYR C 468 -13.02 -4.62 30.47
C TYR C 468 -13.02 -6.12 30.82
N LYS C 469 -14.21 -6.70 30.94
CA LYS C 469 -14.35 -8.10 31.30
C LYS C 469 -13.96 -9.01 30.15
N ARG C 470 -14.44 -8.72 28.95
CA ARG C 470 -14.00 -9.51 27.81
C ARG C 470 -12.49 -9.60 27.87
N ASN C 471 -11.84 -8.47 28.15
CA ASN C 471 -10.39 -8.41 28.02
C ASN C 471 -9.64 -9.10 29.16
N PHE C 472 -10.28 -9.17 30.32
CA PHE C 472 -9.76 -9.89 31.48
C PHE C 472 -9.90 -11.37 31.18
N ASN C 473 -11.09 -11.75 30.74
CA ASN C 473 -11.38 -13.14 30.47
C ASN C 473 -10.42 -13.69 29.41
N ARG C 474 -10.09 -12.91 28.40
CA ARG C 474 -9.09 -13.34 27.45
C ARG C 474 -7.80 -13.69 28.17
N GLU C 475 -7.35 -12.80 29.04
CA GLU C 475 -6.12 -12.99 29.80
C GLU C 475 -6.16 -14.17 30.77
N THR C 476 -7.27 -14.41 31.46
CA THR C 476 -7.34 -15.56 32.36
C THR C 476 -7.40 -16.89 31.60
N SER C 477 -7.99 -16.87 30.41
CA SER C 477 -8.08 -18.11 29.66
C SER C 477 -6.68 -18.54 29.26
N ARG C 478 -5.71 -17.65 29.43
CA ARG C 478 -4.32 -17.91 29.07
C ARG C 478 -3.57 -18.53 30.21
N TRP C 479 -4.17 -18.51 31.39
CA TRP C 479 -3.49 -19.03 32.56
C TRP C 479 -3.62 -20.53 32.62
N ASP C 480 -2.48 -21.20 32.65
CA ASP C 480 -2.43 -22.64 32.77
C ASP C 480 -2.51 -23.02 34.25
N TYR C 481 -2.03 -22.13 35.13
CA TYR C 481 -2.10 -22.42 36.54
C TYR C 481 -2.31 -21.18 37.37
N LEU C 482 -3.30 -21.23 38.26
CA LEU C 482 -3.62 -20.13 39.15
C LEU C 482 -3.42 -20.55 40.58
N ILE C 483 -2.44 -19.96 41.27
CA ILE C 483 -2.24 -20.27 42.68
C ILE C 483 -3.38 -19.75 43.57
N SER C 484 -3.71 -20.51 44.60
CA SER C 484 -4.74 -20.07 45.55
C SER C 484 -4.23 -20.21 46.97
N PRO C 485 -4.60 -19.30 47.86
CA PRO C 485 -4.08 -19.40 49.21
C PRO C 485 -5.12 -19.99 50.14
N ASN C 486 -6.29 -20.34 49.61
CA ASN C 486 -7.38 -20.87 50.43
C ASN C 486 -8.60 -21.18 49.60
N ARG C 487 -9.52 -21.97 50.17
CA ARG C 487 -10.71 -22.37 49.45
C ARG C 487 -11.55 -21.15 49.17
N TYR C 488 -11.50 -20.21 50.11
CA TYR C 488 -12.21 -18.93 50.00
C TYR C 488 -11.93 -18.27 48.67
N SER C 489 -10.65 -18.09 48.39
CA SER C 489 -10.18 -17.56 47.11
C SER C 489 -10.53 -18.48 45.95
N THR C 490 -10.41 -19.79 46.16
CA THR C 490 -10.68 -20.76 45.10
C THR C 490 -12.12 -20.63 44.63
N GLU C 491 -13.06 -20.63 45.55
CA GLU C 491 -14.45 -20.50 45.15
C GLU C 491 -14.64 -19.18 44.42
N ILE C 492 -13.89 -18.16 44.84
CA ILE C 492 -14.00 -16.85 44.22
C ILE C 492 -13.38 -16.85 42.84
N PHE C 493 -12.05 -17.02 42.78
CA PHE C 493 -11.36 -17.21 41.49
C PHE C 493 -12.18 -18.02 40.48
N ARG C 494 -12.60 -19.21 40.86
CA ARG C 494 -13.41 -20.03 39.98
C ARG C 494 -14.44 -19.16 39.24
N SER C 495 -15.16 -18.31 39.96
CA SER C 495 -16.13 -17.42 39.32
C SER C 495 -15.50 -16.17 38.70
N ALA C 496 -15.00 -15.29 39.56
CA ALA C 496 -14.44 -14.01 39.16
C ALA C 496 -13.51 -14.06 37.95
N PHE C 497 -12.61 -15.06 37.92
CA PHE C 497 -11.63 -15.18 36.84
C PHE C 497 -12.05 -16.10 35.72
N TRP C 498 -13.24 -16.70 35.86
CA TRP C 498 -13.72 -17.70 34.89
C TRP C 498 -12.75 -18.87 34.91
N MET C 499 -12.57 -19.51 36.08
CA MET C 499 -11.55 -20.56 36.24
C MET C 499 -12.09 -21.98 36.21
N ASP C 500 -11.31 -22.89 35.66
CA ASP C 500 -11.62 -24.30 35.72
C ASP C 500 -10.84 -24.85 36.89
N GLU C 501 -11.54 -25.33 37.91
CA GLU C 501 -10.86 -25.71 39.15
C GLU C 501 -9.60 -26.56 38.94
N GLU C 502 -9.61 -27.37 37.88
CA GLU C 502 -8.44 -28.17 37.51
C GLU C 502 -7.15 -27.36 37.54
N ARG C 503 -7.25 -26.10 37.14
CA ARG C 503 -6.08 -25.25 36.95
C ARG C 503 -5.62 -24.54 38.22
N ILE C 504 -6.51 -24.45 39.20
CA ILE C 504 -6.18 -23.79 40.46
C ILE C 504 -5.24 -24.67 41.31
N LEU C 505 -4.27 -24.04 41.97
CA LEU C 505 -3.32 -24.74 42.82
C LEU C 505 -3.28 -24.15 44.22
N GLU C 506 -4.16 -24.60 45.10
CA GLU C 506 -4.08 -24.23 46.50
C GLU C 506 -2.78 -24.74 47.10
N ILE C 507 -1.78 -23.88 47.19
CA ILE C 507 -0.51 -24.27 47.77
C ILE C 507 -0.02 -23.14 48.67
N GLY C 508 -0.80 -22.06 48.69
CA GLY C 508 -0.42 -20.85 49.39
C GLY C 508 0.55 -20.06 48.53
N TYR C 509 0.85 -18.84 48.97
CA TYR C 509 1.66 -17.93 48.18
C TYR C 509 3.13 -18.10 48.52
N PRO C 510 3.96 -18.25 47.49
CA PRO C 510 5.40 -18.38 47.67
C PRO C 510 6.00 -17.17 48.39
N ARG C 511 5.35 -16.03 48.33
CA ARG C 511 5.88 -14.88 49.04
C ARG C 511 5.70 -15.05 50.54
N ASN C 512 4.77 -15.91 50.92
CA ASN C 512 4.46 -16.10 52.32
C ASN C 512 5.31 -17.16 52.98
N ASP C 513 6.11 -17.87 52.20
CA ASP C 513 7.02 -18.86 52.75
C ASP C 513 7.71 -18.31 54.00
N VAL C 514 8.48 -17.24 53.84
CA VAL C 514 9.24 -16.69 54.96
C VAL C 514 8.36 -16.38 56.18
N LEU C 515 7.06 -16.25 55.98
CA LEU C 515 6.16 -15.99 57.08
C LEU C 515 5.95 -17.22 57.95
N VAL C 516 6.70 -18.28 57.67
CA VAL C 516 6.49 -19.57 58.30
C VAL C 516 7.84 -20.14 58.66
N ASN C 517 8.67 -20.31 57.65
CA ASN C 517 10.02 -20.84 57.81
C ASN C 517 10.91 -19.96 58.66
N ARG C 518 10.63 -18.67 58.67
CA ARG C 518 11.55 -17.72 59.30
C ARG C 518 10.91 -16.84 60.38
N ALA C 519 9.69 -17.18 60.81
CA ALA C 519 9.05 -16.38 61.86
C ALA C 519 9.94 -16.29 63.09
N ASN C 520 10.95 -17.16 63.18
CA ASN C 520 11.77 -17.27 64.39
C ASN C 520 13.27 -17.03 64.20
N ASP C 521 13.71 -16.85 62.96
CA ASP C 521 15.15 -16.71 62.69
C ASP C 521 15.73 -15.41 63.25
N GLN C 522 16.01 -15.39 64.55
CA GLN C 522 16.47 -14.18 65.22
C GLN C 522 17.70 -13.51 64.61
N GLU C 523 18.56 -14.26 63.93
CA GLU C 523 19.71 -13.64 63.28
C GLU C 523 19.23 -12.86 62.08
N TYR C 524 18.07 -13.26 61.61
CA TYR C 524 17.49 -12.75 60.37
C TYR C 524 16.53 -11.62 60.65
N LEU C 525 15.77 -11.75 61.73
CA LEU C 525 14.90 -10.66 62.15
C LEU C 525 15.76 -9.45 62.42
N ASP C 526 16.85 -9.66 63.14
CA ASP C 526 17.77 -8.60 63.48
C ASP C 526 18.35 -7.92 62.25
N GLU C 527 18.65 -8.69 61.22
CA GLU C 527 19.23 -8.12 60.00
C GLU C 527 18.26 -7.18 59.31
N ILE C 528 16.98 -7.45 59.43
CA ILE C 528 15.97 -6.54 58.87
C ILE C 528 15.93 -5.28 59.71
N ARG C 529 15.69 -5.46 61.01
CA ARG C 529 15.58 -4.37 61.96
C ARG C 529 16.72 -3.36 61.85
N THR C 530 17.91 -3.83 61.54
CA THR C 530 19.06 -2.95 61.55
C THR C 530 19.39 -2.45 60.14
N HIS C 531 18.63 -2.93 59.15
CA HIS C 531 18.73 -2.39 57.82
C HIS C 531 17.83 -1.16 57.76
N LEU C 532 17.02 -1.02 58.79
CA LEU C 532 16.02 0.04 58.91
C LEU C 532 16.41 1.05 60.00
N ASN C 533 17.57 0.85 60.62
CA ASN C 533 18.05 1.68 61.72
C ASN C 533 17.03 1.82 62.85
N LEU C 534 16.24 0.77 63.04
CA LEU C 534 15.26 0.72 64.12
C LEU C 534 15.89 0.67 65.50
N PRO C 535 15.33 1.45 66.44
CA PRO C 535 15.64 1.39 67.88
C PRO C 535 15.75 -0.05 68.40
N SER C 536 16.36 -0.20 69.56
CA SER C 536 16.69 -1.52 70.09
C SER C 536 15.60 -2.04 71.03
N ASP C 537 15.11 -1.14 71.88
CA ASP C 537 14.20 -1.51 72.94
C ASP C 537 12.76 -1.27 72.58
N LYS C 538 12.47 -1.18 71.29
CA LYS C 538 11.14 -0.76 70.87
C LYS C 538 10.38 -1.70 69.94
N LYS C 539 9.13 -1.96 70.30
CA LYS C 539 8.22 -2.78 69.51
C LYS C 539 7.81 -2.09 68.20
N VAL C 540 7.37 -2.88 67.23
CA VAL C 540 7.06 -2.38 65.91
C VAL C 540 5.57 -2.50 65.60
N ILE C 541 4.97 -1.37 65.24
CA ILE C 541 3.62 -1.32 64.72
C ILE C 541 3.71 -1.03 63.24
N MET C 542 2.91 -1.72 62.44
CA MET C 542 2.87 -1.37 61.03
C MET C 542 1.52 -0.85 60.63
N TYR C 543 1.51 0.23 59.86
CA TYR C 543 0.28 0.79 59.38
C TYR C 543 0.34 0.68 57.87
N ALA C 544 -0.78 0.30 57.26
CA ALA C 544 -0.84 -0.01 55.84
C ALA C 544 -2.22 0.31 55.26
N PRO C 545 -2.58 1.60 55.28
CA PRO C 545 -3.85 2.09 54.74
C PRO C 545 -3.87 1.76 53.28
N THR C 546 -5.03 1.45 52.71
CA THR C 546 -5.11 1.39 51.24
C THR C 546 -5.23 2.79 50.69
N TRP C 547 -5.17 2.91 49.37
CA TRP C 547 -5.19 4.21 48.73
C TRP C 547 -6.63 4.69 48.61
N ARG C 548 -6.80 6.00 48.75
CA ARG C 548 -8.11 6.62 48.59
C ARG C 548 -7.99 7.89 47.73
N ASP C 549 -8.89 8.05 46.77
CA ASP C 549 -8.86 9.21 45.87
C ASP C 549 -9.20 10.53 46.59
N ASP C 550 -10.14 10.46 47.52
CA ASP C 550 -10.55 11.62 48.33
C ASP C 550 -9.37 12.49 48.81
N GLU C 551 -8.30 11.84 49.26
CA GLU C 551 -7.18 12.53 49.92
C GLU C 551 -6.22 13.26 48.96
N PHE C 552 -6.42 13.08 47.66
CA PHE C 552 -5.55 13.74 46.68
C PHE C 552 -6.03 15.14 46.34
N VAL C 553 -5.17 16.13 46.61
CA VAL C 553 -5.47 17.54 46.30
C VAL C 553 -4.18 18.36 46.20
N SER C 554 -4.27 19.49 45.49
CA SER C 554 -3.16 20.45 45.39
C SER C 554 -1.87 19.86 44.84
N LYS C 555 -1.92 19.32 43.63
CA LYS C 555 -0.76 18.72 42.98
C LYS C 555 -0.07 17.67 43.85
N GLY C 556 -0.72 17.26 44.93
CA GLY C 556 -0.12 16.33 45.87
C GLY C 556 1.14 16.90 46.48
N LYS C 557 1.22 18.23 46.52
CA LYS C 557 2.38 18.91 47.10
C LYS C 557 2.39 18.78 48.63
N TYR C 558 1.35 19.31 49.27
CA TYR C 558 1.24 19.25 50.73
C TYR C 558 -0.04 18.54 51.15
N LEU C 559 0.10 17.36 51.74
CA LEU C 559 -1.05 16.58 52.19
C LEU C 559 -1.50 16.99 53.57
N PHE C 560 -2.65 16.48 53.99
CA PHE C 560 -3.06 16.62 55.38
C PHE C 560 -2.57 15.42 56.15
N GLU C 561 -1.92 15.68 57.28
CA GLU C 561 -1.43 14.63 58.15
C GLU C 561 -2.47 13.52 58.26
N LEU C 562 -1.97 12.29 58.30
CA LEU C 562 -2.79 11.09 58.43
C LEU C 562 -3.91 11.26 59.46
N LYS C 563 -5.05 10.63 59.20
CA LYS C 563 -6.16 10.69 60.14
C LYS C 563 -5.77 9.99 61.43
N ILE C 564 -4.85 9.04 61.34
CA ILE C 564 -4.47 8.28 62.52
C ILE C 564 -3.89 9.18 63.59
N ASP C 565 -3.58 10.42 63.22
CA ASP C 565 -3.06 11.39 64.16
C ASP C 565 -1.74 10.88 64.78
N LEU C 566 -0.62 11.35 64.22
CA LEU C 566 0.70 10.90 64.68
C LEU C 566 1.06 11.48 66.03
N ASP C 567 0.92 12.80 66.17
CA ASP C 567 1.28 13.48 67.41
C ASP C 567 0.71 12.78 68.63
N ASN C 568 -0.53 12.32 68.51
CA ASN C 568 -1.13 11.51 69.55
C ASN C 568 -0.32 10.25 69.75
N LEU C 569 -0.22 9.44 68.70
CA LEU C 569 0.46 8.16 68.77
C LEU C 569 1.82 8.27 69.44
N TYR C 570 2.49 9.40 69.20
CA TYR C 570 3.83 9.65 69.74
C TYR C 570 3.74 9.76 71.25
N LYS C 571 2.83 10.61 71.72
CA LYS C 571 2.51 10.79 73.13
C LYS C 571 2.17 9.48 73.82
N GLU C 572 1.31 8.69 73.18
CA GLU C 572 0.78 7.44 73.75
C GLU C 572 1.75 6.26 73.71
N LEU C 573 2.19 5.95 72.50
CA LEU C 573 2.91 4.72 72.24
C LEU C 573 4.41 4.98 72.22
N GLY C 574 4.77 6.24 72.24
CA GLY C 574 6.14 6.63 71.97
C GLY C 574 7.21 5.91 72.77
N ASP C 575 7.01 5.83 74.08
CA ASP C 575 8.08 5.33 74.92
C ASP C 575 8.19 3.81 74.84
N ASP C 576 7.39 3.21 73.96
CA ASP C 576 7.34 1.75 73.84
C ASP C 576 7.15 1.24 72.41
N TYR C 577 6.85 2.13 71.47
CA TYR C 577 6.61 1.72 70.09
C TYR C 577 7.37 2.53 69.06
N VAL C 578 7.55 1.91 67.91
CA VAL C 578 7.97 2.62 66.72
C VAL C 578 6.94 2.20 65.68
N ILE C 579 6.43 3.17 64.90
CA ILE C 579 5.39 2.83 63.90
C ILE C 579 5.85 2.88 62.45
N LEU C 580 5.80 1.73 61.80
CA LEU C 580 6.17 1.60 60.40
C LEU C 580 5.02 2.00 59.47
N LEU C 581 5.21 3.05 58.69
CA LEU C 581 4.16 3.59 57.84
C LEU C 581 4.36 3.11 56.43
N ARG C 582 3.49 2.22 55.96
CA ARG C 582 3.56 1.78 54.58
C ARG C 582 2.43 2.42 53.75
N MET C 583 2.71 3.61 53.24
CA MET C 583 1.71 4.37 52.52
C MET C 583 1.81 4.15 51.02
N HIS C 584 0.91 4.79 50.28
CA HIS C 584 0.97 4.76 48.82
C HIS C 584 2.18 5.54 48.33
N TYR C 585 2.69 5.20 47.15
CA TYR C 585 3.93 5.82 46.67
C TYR C 585 3.82 7.35 46.59
N LEU C 586 2.61 7.85 46.34
CA LEU C 586 2.37 9.27 46.16
C LEU C 586 2.23 9.98 47.48
N ILE C 587 1.63 9.32 48.46
CA ILE C 587 1.56 9.87 49.81
C ILE C 587 2.94 9.87 50.46
N SER C 588 3.78 8.90 50.12
CA SER C 588 5.10 8.84 50.73
C SER C 588 5.89 10.10 50.42
N ASN C 589 6.24 10.30 49.14
CA ASN C 589 7.08 11.44 48.78
C ASN C 589 6.46 12.79 49.10
N ALA C 590 5.31 12.75 49.78
CA ALA C 590 4.57 13.96 50.15
C ALA C 590 4.42 14.15 51.66
N LEU C 591 4.99 13.24 52.43
CA LEU C 591 4.72 13.14 53.87
C LEU C 591 5.89 13.73 54.67
N ASP C 592 5.59 14.64 55.59
CA ASP C 592 6.65 15.27 56.36
C ASP C 592 6.78 14.75 57.79
N LEU C 593 7.62 13.74 57.97
CA LEU C 593 7.84 13.10 59.27
C LEU C 593 8.97 13.76 60.02
N SER C 594 8.99 15.08 60.02
CA SER C 594 10.02 15.78 60.76
C SER C 594 9.57 16.11 62.17
N GLY C 595 10.27 15.52 63.13
CA GLY C 595 9.98 15.72 64.54
C GLY C 595 9.46 14.43 65.09
N TYR C 596 9.35 13.44 64.21
CA TYR C 596 8.86 12.13 64.56
C TYR C 596 9.93 11.10 64.32
N GLU C 597 11.12 11.61 64.04
CA GLU C 597 12.30 10.79 63.84
C GLU C 597 12.43 9.73 64.92
N ASN C 598 12.65 8.49 64.53
CA ASN C 598 12.75 7.40 65.49
C ASN C 598 11.43 6.90 66.05
N PHE C 599 10.34 7.53 65.62
CA PHE C 599 9.03 7.02 65.97
C PHE C 599 8.27 6.50 64.73
N ALA C 600 7.96 7.40 63.81
CA ALA C 600 7.37 6.97 62.55
C ALA C 600 8.47 6.86 61.51
N ILE C 601 8.61 5.68 60.92
CA ILE C 601 9.63 5.44 59.92
C ILE C 601 8.94 5.25 58.58
N ASP C 602 9.25 6.08 57.60
CA ASP C 602 8.63 5.87 56.30
C ASP C 602 9.15 4.57 55.72
N VAL C 603 8.22 3.69 55.38
CA VAL C 603 8.58 2.33 55.01
C VAL C 603 7.91 1.96 53.69
N SER C 604 7.31 2.96 53.05
CA SER C 604 6.58 2.79 51.80
C SER C 604 7.39 2.10 50.69
N ASN C 605 8.68 2.44 50.61
CA ASN C 605 9.54 2.03 49.49
C ASN C 605 10.29 0.73 49.68
N TYR C 606 9.93 -0.05 50.69
CA TYR C 606 10.68 -1.26 51.03
C TYR C 606 10.45 -2.34 49.99
N ASN C 607 11.53 -2.99 49.56
CA ASN C 607 11.45 -3.98 48.49
C ASN C 607 10.65 -5.24 48.85
N ASP C 608 10.55 -5.55 50.13
CA ASP C 608 9.91 -6.79 50.56
C ASP C 608 8.98 -6.69 51.79
N VAL C 609 7.68 -6.63 51.51
CA VAL C 609 6.69 -6.44 52.56
C VAL C 609 6.65 -7.62 53.52
N SER C 610 6.99 -8.80 53.03
CA SER C 610 6.96 -9.98 53.89
C SER C 610 7.95 -9.84 55.05
N GLU C 611 9.17 -9.40 54.75
CA GLU C 611 10.14 -9.08 55.80
C GLU C 611 9.52 -8.13 56.84
N LEU C 612 8.92 -7.04 56.37
CA LEU C 612 8.21 -6.10 57.24
C LEU C 612 7.24 -6.76 58.25
N PHE C 613 6.51 -7.75 57.75
CA PHE C 613 5.55 -8.43 58.58
C PHE C 613 6.28 -9.17 59.68
N LEU C 614 7.23 -10.00 59.27
CA LEU C 614 8.01 -10.81 60.19
C LEU C 614 8.37 -10.08 61.47
N ILE C 615 8.53 -8.76 61.38
CA ILE C 615 9.07 -7.97 62.48
C ILE C 615 8.03 -7.10 63.17
N SER C 616 6.77 -7.20 62.75
CA SER C 616 5.72 -6.38 63.35
C SER C 616 4.94 -7.12 64.41
N ASP C 617 4.67 -6.41 65.49
CA ASP C 617 3.98 -7.01 66.61
C ASP C 617 2.48 -6.89 66.36
N CYS C 618 2.08 -5.83 65.68
CA CYS C 618 0.72 -5.80 65.16
C CYS C 618 0.65 -4.95 63.90
N LEU C 619 -0.52 -4.92 63.30
CA LEU C 619 -0.68 -4.36 61.98
C LEU C 619 -2.01 -3.63 61.87
N ILE C 620 -1.96 -2.31 61.93
CA ILE C 620 -3.12 -1.48 61.66
C ILE C 620 -3.36 -1.41 60.17
N THR C 621 -4.60 -1.45 59.72
CA THR C 621 -4.88 -1.33 58.31
C THR C 621 -6.36 -1.06 58.13
N ASP C 622 -6.89 -1.13 56.92
CA ASP C 622 -8.34 -1.03 56.81
C ASP C 622 -8.93 -2.04 55.85
N TYR C 623 -9.31 -1.59 54.68
CA TYR C 623 -9.86 -2.50 53.70
C TYR C 623 -8.74 -2.95 52.77
N SER C 624 -8.01 -3.98 53.18
CA SER C 624 -6.87 -4.42 52.38
C SER C 624 -6.57 -5.91 52.40
N SER C 625 -6.11 -6.40 51.25
CA SER C 625 -5.76 -7.79 51.06
C SER C 625 -4.59 -8.25 51.91
N VAL C 626 -3.88 -7.33 52.54
CA VAL C 626 -2.74 -7.73 53.33
C VAL C 626 -3.12 -8.38 54.67
N MET C 627 -4.34 -8.16 55.15
CA MET C 627 -4.71 -8.72 56.46
C MET C 627 -4.57 -10.23 56.39
N PHE C 628 -4.77 -10.78 55.20
CA PHE C 628 -4.74 -12.23 55.02
C PHE C 628 -3.31 -12.76 55.06
N ASP C 629 -2.37 -11.98 54.57
CA ASP C 629 -1.00 -12.45 54.57
C ASP C 629 -0.44 -12.41 55.99
N TYR C 630 -0.78 -11.36 56.70
CA TYR C 630 -0.34 -11.17 58.07
C TYR C 630 -0.97 -12.23 58.98
N GLY C 631 -2.21 -12.63 58.65
CA GLY C 631 -2.93 -13.62 59.42
C GLY C 631 -2.12 -14.85 59.80
N ILE C 632 -1.23 -15.25 58.88
CA ILE C 632 -0.36 -16.42 59.03
C ILE C 632 0.43 -16.42 60.34
N LEU C 633 0.74 -15.23 60.85
CA LEU C 633 1.57 -15.10 62.05
C LEU C 633 0.77 -15.15 63.34
N LYS C 634 -0.55 -15.15 63.23
CA LYS C 634 -1.41 -15.22 64.41
C LYS C 634 -1.06 -14.12 65.41
N ARG C 635 -1.09 -12.88 64.92
CA ARG C 635 -0.82 -11.68 65.71
C ARG C 635 -2.02 -10.72 65.65
N PRO C 636 -2.11 -9.79 66.61
CA PRO C 636 -3.28 -8.89 66.63
C PRO C 636 -3.36 -8.00 65.39
N GLN C 637 -4.56 -7.80 64.87
CA GLN C 637 -4.77 -6.78 63.85
C GLN C 637 -5.78 -5.76 64.36
N PHE C 638 -5.62 -4.51 63.95
CA PHE C 638 -6.64 -3.48 64.12
C PHE C 638 -7.05 -2.95 62.76
N PHE C 639 -8.27 -2.44 62.67
CA PHE C 639 -8.76 -1.95 61.41
C PHE C 639 -9.27 -0.54 61.61
N PHE C 640 -8.41 0.41 61.31
CA PHE C 640 -8.74 1.80 61.45
C PHE C 640 -9.48 2.25 60.19
N ALA C 641 -10.77 1.93 60.15
CA ALA C 641 -11.63 2.22 59.02
C ALA C 641 -12.39 3.54 59.18
N TYR C 642 -11.64 4.64 59.26
CA TYR C 642 -12.17 5.93 59.67
C TYR C 642 -13.22 6.54 58.73
N ASP C 643 -13.30 6.00 57.53
CA ASP C 643 -14.30 6.47 56.57
C ASP C 643 -15.18 5.31 56.16
N ILE C 644 -15.53 4.47 57.12
CA ILE C 644 -16.33 3.28 56.81
C ILE C 644 -17.76 3.64 56.41
N ASP C 645 -18.25 4.77 56.89
CA ASP C 645 -19.60 5.19 56.53
C ASP C 645 -19.68 5.60 55.08
N LYS C 646 -18.71 6.37 54.61
CA LYS C 646 -18.62 6.67 53.19
C LYS C 646 -18.81 5.37 52.40
N TYR C 647 -17.84 4.48 52.51
CA TYR C 647 -17.88 3.19 51.82
C TYR C 647 -19.23 2.48 51.87
N ASP C 648 -20.04 2.70 50.85
CA ASP C 648 -21.27 1.95 50.58
C ASP C 648 -22.08 1.46 51.80
N LYS C 649 -22.07 2.23 52.88
CA LYS C 649 -22.80 1.85 54.09
C LYS C 649 -22.42 0.44 54.57
N GLY C 650 -23.42 -0.43 54.68
CA GLY C 650 -23.19 -1.83 55.00
C GLY C 650 -22.93 -2.61 53.72
N LEU C 651 -21.77 -2.33 53.12
CA LEU C 651 -21.50 -2.76 51.75
C LEU C 651 -21.36 -4.27 51.57
N ARG C 652 -21.89 -4.75 50.46
CA ARG C 652 -21.75 -6.13 50.04
C ARG C 652 -20.82 -6.12 48.83
N GLY C 653 -20.09 -5.03 48.66
CA GLY C 653 -19.08 -4.90 47.63
C GLY C 653 -17.80 -5.59 48.06
N PHE C 654 -17.88 -6.25 49.21
CA PHE C 654 -16.84 -7.15 49.72
C PHE C 654 -17.38 -8.59 49.64
N TYR C 655 -16.50 -9.55 49.76
CA TYR C 655 -16.91 -10.94 49.71
C TYR C 655 -17.19 -11.40 51.11
N MET C 656 -16.16 -11.40 51.93
CA MET C 656 -16.32 -11.76 53.34
C MET C 656 -17.14 -10.71 54.08
N ASN C 657 -17.72 -11.12 55.21
CA ASN C 657 -18.49 -10.21 56.03
C ASN C 657 -17.57 -9.39 56.92
N TYR C 658 -17.42 -8.11 56.58
CA TYR C 658 -16.45 -7.24 57.22
C TYR C 658 -16.73 -6.99 58.69
N MET C 659 -17.96 -6.65 59.01
CA MET C 659 -18.31 -6.26 60.37
C MET C 659 -18.18 -7.38 61.39
N GLU C 660 -17.60 -8.51 61.00
CA GLU C 660 -17.63 -9.66 61.88
C GLU C 660 -16.38 -10.55 61.90
N ASP C 661 -16.01 -11.10 60.75
CA ASP C 661 -14.93 -12.11 60.73
C ASP C 661 -13.55 -11.63 60.29
N LEU C 662 -13.11 -10.48 60.79
CA LEU C 662 -11.69 -10.10 60.77
C LEU C 662 -11.12 -10.16 62.21
N PRO C 663 -9.78 -10.32 62.35
CA PRO C 663 -9.21 -10.82 63.59
C PRO C 663 -8.89 -9.70 64.59
N GLY C 664 -9.65 -8.61 64.51
CA GLY C 664 -9.44 -7.49 65.41
C GLY C 664 -10.61 -6.54 65.35
N PRO C 665 -10.55 -5.48 66.14
CA PRO C 665 -11.64 -4.51 66.24
C PRO C 665 -11.66 -3.57 65.05
N ILE C 666 -12.81 -2.95 64.80
CA ILE C 666 -12.90 -1.83 63.86
C ILE C 666 -12.96 -0.51 64.62
N TYR C 667 -11.95 0.34 64.46
CA TYR C 667 -11.99 1.70 65.01
C TYR C 667 -12.26 2.74 63.90
N THR C 668 -12.93 3.83 64.25
CA THR C 668 -13.23 4.87 63.27
C THR C 668 -12.61 6.21 63.69
N GLU C 669 -12.41 6.32 64.99
CA GLU C 669 -11.65 7.38 65.60
C GLU C 669 -10.37 6.69 66.03
N PRO C 670 -9.22 7.39 66.00
CA PRO C 670 -7.97 6.67 66.24
C PRO C 670 -7.52 6.81 67.69
N TYR C 671 -8.38 7.33 68.56
CA TYR C 671 -7.97 7.61 69.92
C TYR C 671 -8.15 6.42 70.85
N GLY C 672 -9.18 5.63 70.56
CA GLY C 672 -9.39 4.38 71.29
C GLY C 672 -8.43 3.34 70.74
N LEU C 673 -8.09 3.48 69.46
CA LEU C 673 -7.14 2.58 68.82
C LEU C 673 -5.85 2.71 69.59
N ALA C 674 -5.34 3.93 69.63
CA ALA C 674 -4.13 4.26 70.38
C ALA C 674 -4.13 3.71 71.82
N LYS C 675 -5.12 4.06 72.64
CA LYS C 675 -5.10 3.58 74.01
C LYS C 675 -5.12 2.04 74.04
N GLU C 676 -6.07 1.44 73.35
CA GLU C 676 -6.17 -0.03 73.28
C GLU C 676 -4.83 -0.64 72.91
N LEU C 677 -4.12 0.05 72.01
CA LEU C 677 -2.84 -0.39 71.47
C LEU C 677 -1.72 -0.39 72.50
N LYS C 678 -2.02 0.10 73.70
CA LYS C 678 -1.03 0.25 74.75
C LYS C 678 -0.65 -1.08 75.37
N ASN C 679 -1.63 -1.99 75.46
CA ASN C 679 -1.40 -3.34 75.96
C ASN C 679 -1.75 -4.44 74.95
N LEU C 680 -0.80 -4.73 74.05
CA LEU C 680 -0.95 -5.80 73.07
C LEU C 680 -1.47 -7.12 73.63
N ASP C 681 -0.95 -7.49 74.79
CA ASP C 681 -1.24 -8.79 75.41
C ASP C 681 -2.70 -8.90 75.85
N LYS C 682 -3.30 -7.78 76.20
CA LYS C 682 -4.73 -7.76 76.47
C LYS C 682 -5.51 -7.99 75.19
N VAL C 683 -4.94 -7.55 74.07
CA VAL C 683 -5.61 -7.68 72.79
C VAL C 683 -5.36 -9.03 72.17
N GLN C 684 -4.12 -9.50 72.29
CA GLN C 684 -3.77 -10.84 71.84
C GLN C 684 -4.66 -11.87 72.52
N GLN C 685 -5.09 -11.54 73.74
CA GLN C 685 -5.96 -12.41 74.54
C GLN C 685 -7.44 -12.17 74.28
N GLN C 686 -7.86 -10.92 74.36
CA GLN C 686 -9.26 -10.57 74.17
C GLN C 686 -9.73 -10.98 72.78
N TYR C 687 -8.77 -11.19 71.90
CA TYR C 687 -9.04 -11.42 70.48
C TYR C 687 -8.42 -12.68 69.95
N GLN C 688 -7.71 -13.40 70.80
CA GLN C 688 -7.11 -14.66 70.40
C GLN C 688 -8.15 -15.49 69.68
N GLU C 689 -9.37 -15.49 70.22
CA GLU C 689 -10.44 -16.24 69.59
C GLU C 689 -10.61 -15.81 68.13
N LYS C 690 -10.93 -14.56 67.90
CA LYS C 690 -11.11 -14.13 66.52
C LYS C 690 -9.85 -14.33 65.63
N ILE C 691 -8.66 -14.16 66.19
CA ILE C 691 -7.43 -14.39 65.42
C ILE C 691 -7.34 -15.82 64.87
N ASP C 692 -7.57 -16.80 65.74
CA ASP C 692 -7.45 -18.20 65.37
C ASP C 692 -8.48 -18.61 64.34
N ALA C 693 -9.73 -18.18 64.52
CA ALA C 693 -10.79 -18.48 63.56
C ALA C 693 -10.42 -17.94 62.17
N PHE C 694 -9.91 -16.71 62.15
CA PHE C 694 -9.41 -16.09 60.93
C PHE C 694 -8.29 -16.93 60.35
N TYR C 695 -7.31 -17.26 61.17
CA TYR C 695 -6.17 -18.04 60.69
C TYR C 695 -6.62 -19.34 60.03
N ASP C 696 -7.67 -19.95 60.57
CA ASP C 696 -8.14 -21.22 60.03
C ASP C 696 -8.80 -21.05 58.68
N ARG C 697 -9.68 -20.06 58.56
CA ARG C 697 -10.39 -19.82 57.31
C ARG C 697 -9.47 -19.43 56.16
N PHE C 698 -8.38 -18.73 56.47
CA PHE C 698 -7.62 -18.06 55.44
C PHE C 698 -6.11 -18.36 55.37
N CYS C 699 -5.55 -18.98 56.39
CA CYS C 699 -4.09 -19.05 56.45
C CYS C 699 -3.56 -20.44 56.70
N SER C 700 -4.47 -21.38 56.87
CA SER C 700 -4.13 -22.73 57.28
C SER C 700 -3.82 -23.59 56.07
N VAL C 701 -3.19 -22.99 55.08
CA VAL C 701 -2.95 -23.67 53.81
C VAL C 701 -1.54 -23.36 53.32
N ASP C 702 -0.77 -22.62 54.11
CA ASP C 702 0.59 -22.24 53.72
C ASP C 702 1.65 -23.13 54.36
N ASN C 703 2.11 -24.12 53.61
CA ASN C 703 3.13 -25.09 54.03
C ASN C 703 4.47 -24.45 54.35
N GLY C 704 4.74 -23.31 53.72
CA GLY C 704 6.06 -22.73 53.74
C GLY C 704 6.82 -23.23 52.52
N LYS C 705 6.19 -24.11 51.76
CA LYS C 705 6.83 -24.75 50.61
C LYS C 705 6.24 -24.35 49.26
N ALA C 706 5.51 -23.24 49.21
CA ALA C 706 4.84 -22.80 47.98
C ALA C 706 5.78 -22.61 46.80
N SER C 707 6.90 -21.93 47.01
CA SER C 707 7.84 -21.66 45.91
C SER C 707 8.52 -22.95 45.48
N GLN C 708 8.74 -23.86 46.41
CA GLN C 708 9.31 -25.14 46.04
C GLN C 708 8.35 -25.90 45.15
N TYR C 709 7.08 -25.89 45.52
CA TYR C 709 6.06 -26.50 44.67
C TYR C 709 6.12 -25.94 43.24
N ILE C 710 5.98 -24.62 43.10
CA ILE C 710 6.08 -23.99 41.79
C ILE C 710 7.42 -24.37 41.16
N GLY C 711 8.52 -24.09 41.84
CA GLY C 711 9.82 -24.46 41.32
C GLY C 711 9.85 -25.84 40.68
N ASP C 712 9.25 -26.81 41.36
CA ASP C 712 9.35 -28.21 40.98
C ASP C 712 8.38 -28.61 39.88
N LEU C 713 7.25 -27.92 39.81
CA LEU C 713 6.31 -28.13 38.72
C LEU C 713 6.96 -27.65 37.42
N ILE C 714 7.71 -26.56 37.51
CA ILE C 714 8.40 -26.05 36.34
C ILE C 714 9.44 -27.03 35.84
N HIS C 715 10.28 -27.49 36.76
CA HIS C 715 11.32 -28.47 36.47
C HIS C 715 10.75 -29.70 35.76
N LYS C 716 9.73 -30.28 36.38
CA LYS C 716 9.00 -31.40 35.82
C LYS C 716 8.55 -31.11 34.41
N ASP C 717 7.91 -29.97 34.22
CA ASP C 717 7.40 -29.60 32.90
C ASP C 717 8.51 -29.60 31.86
N ILE C 718 9.69 -29.13 32.25
CA ILE C 718 10.80 -29.02 31.30
C ILE C 718 11.75 -30.24 31.32
N LYS C 719 11.27 -31.35 31.86
CA LYS C 719 11.89 -32.65 31.63
C LYS C 719 11.17 -33.32 30.45
N GLU C 720 9.84 -33.27 30.45
CA GLU C 720 9.05 -33.82 29.35
C GLU C 720 9.30 -33.02 28.08
N GLN C 721 9.36 -31.70 28.22
CA GLN C 721 9.65 -30.84 27.08
C GLN C 721 11.07 -31.06 26.60
N LEU C 722 11.82 -31.90 27.31
CA LEU C 722 13.16 -32.31 26.88
C LEU C 722 13.23 -33.70 26.20
N GLU C 723 12.74 -33.74 24.95
CA GLU C 723 12.78 -34.93 24.08
C GLU C 723 12.51 -34.57 22.62
N ALA D 313 9.30 16.30 3.31
CA ALA D 313 7.93 16.42 2.85
C ALA D 313 7.29 15.06 2.62
N PHE D 314 7.28 14.23 3.65
CA PHE D 314 6.58 12.94 3.60
C PHE D 314 5.10 13.04 4.02
N LYS D 315 4.17 13.16 3.10
CA LYS D 315 2.78 13.22 3.50
C LYS D 315 2.37 11.97 4.33
N VAL D 316 2.29 12.12 5.66
CA VAL D 316 2.05 10.97 6.55
C VAL D 316 0.57 10.56 6.73
N ASN D 317 -0.36 11.50 6.61
CA ASN D 317 -1.76 11.08 6.57
C ASN D 317 -2.06 10.30 5.30
N GLN D 318 -1.49 10.75 4.20
CA GLN D 318 -1.66 10.08 2.93
C GLN D 318 -1.20 8.64 3.03
N PHE D 319 -0.05 8.46 3.67
CA PHE D 319 0.55 7.15 3.72
C PHE D 319 -0.36 6.20 4.49
N ARG D 320 -1.04 6.72 5.52
CA ARG D 320 -1.91 5.86 6.31
C ARG D 320 -3.20 5.53 5.57
N LYS D 321 -3.68 6.47 4.78
CA LYS D 321 -4.92 6.25 4.05
C LYS D 321 -4.69 5.24 2.94
N THR D 322 -3.47 5.21 2.42
CA THR D 322 -3.15 4.28 1.35
C THR D 322 -3.15 2.87 1.88
N LEU D 323 -2.43 2.65 2.98
CA LEU D 323 -2.34 1.32 3.58
C LEU D 323 -3.71 0.81 3.88
N ARG D 324 -4.49 1.61 4.62
CA ARG D 324 -5.85 1.22 4.94
C ARG D 324 -6.60 0.83 3.68
N HIS D 325 -6.53 1.65 2.65
CA HIS D 325 -7.26 1.34 1.42
C HIS D 325 -6.78 0.06 0.73
N VAL D 326 -5.51 -0.26 0.90
CA VAL D 326 -4.92 -1.42 0.27
C VAL D 326 -5.38 -2.65 1.04
N LYS D 327 -5.39 -2.52 2.37
CA LYS D 327 -5.91 -3.57 3.22
C LYS D 327 -7.39 -3.88 2.89
N ASN D 328 -8.17 -2.84 2.64
CA ASN D 328 -9.53 -3.05 2.19
C ASN D 328 -9.63 -3.74 0.83
N ILE D 329 -8.87 -3.26 -0.14
CA ILE D 329 -8.95 -3.86 -1.45
C ILE D 329 -8.62 -5.34 -1.38
N VAL D 330 -7.55 -5.68 -0.65
CA VAL D 330 -7.12 -7.07 -0.63
C VAL D 330 -8.05 -8.02 0.14
N LEU D 331 -8.46 -7.67 1.36
CA LEU D 331 -9.34 -8.57 2.14
C LEU D 331 -10.79 -8.34 1.75
N ARG D 332 -11.02 -7.99 0.49
CA ARG D 332 -12.36 -7.79 -0.08
C ARG D 332 -13.40 -7.11 0.86
N ARG D 333 -12.92 -6.30 1.80
CA ARG D 333 -13.75 -5.54 2.74
C ARG D 333 -14.83 -4.65 2.07
N LYS D 334 -15.98 -4.52 2.73
CA LYS D 334 -17.07 -3.73 2.17
C LYS D 334 -16.70 -2.24 2.18
N ASN D 335 -15.88 -1.86 3.14
CA ASN D 335 -15.49 -0.47 3.30
C ASN D 335 -14.50 0.03 2.26
N LYS D 336 -14.18 -0.80 1.28
CA LYS D 336 -13.25 -0.36 0.24
C LYS D 336 -13.75 0.92 -0.39
N GLU D 337 -15.05 1.00 -0.63
CA GLU D 337 -15.63 2.23 -1.15
C GLU D 337 -15.18 3.48 -0.40
N ARG D 338 -15.03 3.34 0.90
CA ARG D 338 -14.84 4.46 1.80
C ARG D 338 -13.39 4.93 1.83
N SER D 339 -12.48 3.96 1.80
CA SER D 339 -11.05 4.22 1.92
C SER D 339 -10.52 4.76 0.59
N LEU D 340 -11.20 4.39 -0.49
CA LEU D 340 -10.96 5.01 -1.78
C LEU D 340 -11.33 6.49 -1.71
N TYR D 341 -12.56 6.78 -1.32
CA TYR D 341 -12.99 8.16 -1.13
C TYR D 341 -12.06 8.92 -0.20
N ASP D 342 -11.59 8.31 0.90
CA ASP D 342 -10.72 9.02 1.85
C ASP D 342 -9.40 9.43 1.19
N LEU D 343 -8.93 8.62 0.26
CA LEU D 343 -7.65 8.84 -0.42
C LEU D 343 -7.76 9.92 -1.44
N THR D 344 -8.85 9.91 -2.16
CA THR D 344 -8.98 10.68 -3.37
C THR D 344 -9.71 11.99 -3.11
N ASP D 345 -10.46 12.04 -2.01
CA ASP D 345 -11.25 13.22 -1.68
C ASP D 345 -10.40 14.47 -1.66
N LYS D 346 -10.73 15.41 -2.54
CA LYS D 346 -10.01 16.67 -2.62
C LYS D 346 -10.99 17.85 -2.76
N GLU D 347 -10.57 18.99 -2.25
CA GLU D 347 -11.35 20.22 -2.36
C GLU D 347 -11.85 20.53 -3.78
N ASP D 348 -11.09 20.15 -4.79
CA ASP D 348 -11.46 20.45 -6.17
C ASP D 348 -12.66 19.63 -6.64
N ASN D 349 -12.88 18.49 -5.99
CA ASN D 349 -14.00 17.63 -6.35
C ASN D 349 -15.32 18.39 -6.26
N VAL D 350 -15.35 19.45 -5.47
CA VAL D 350 -16.60 20.13 -5.14
C VAL D 350 -17.19 20.92 -6.29
N LYS D 351 -18.43 20.60 -6.65
CA LYS D 351 -19.19 21.36 -7.63
C LYS D 351 -20.20 22.23 -6.90
N PRO D 352 -20.19 23.54 -7.16
CA PRO D 352 -20.97 24.56 -6.44
C PRO D 352 -22.48 24.33 -6.42
N LYS D 353 -23.01 23.70 -7.46
CA LYS D 353 -24.46 23.54 -7.53
C LYS D 353 -24.97 22.15 -7.14
N THR D 354 -24.13 21.36 -6.45
CA THR D 354 -24.58 20.07 -5.94
C THR D 354 -24.94 20.20 -4.50
N ILE D 355 -26.17 19.83 -4.15
CA ILE D 355 -26.64 19.80 -2.78
C ILE D 355 -27.08 18.40 -2.34
N VAL D 356 -26.65 17.97 -1.16
CA VAL D 356 -27.15 16.71 -0.60
C VAL D 356 -28.06 16.84 0.62
N PHE D 357 -29.03 15.92 0.66
CA PHE D 357 -30.03 15.83 1.71
C PHE D 357 -30.01 14.46 2.35
N GLU D 358 -30.14 14.41 3.66
CA GLU D 358 -30.41 13.16 4.34
C GLU D 358 -31.15 13.49 5.59
N SER D 359 -32.20 12.73 5.90
CA SER D 359 -32.83 12.86 7.22
C SER D 359 -32.79 11.56 8.02
N PHE D 360 -32.48 11.71 9.29
CA PHE D 360 -32.43 10.60 10.22
C PHE D 360 -31.53 9.46 9.72
N GLY D 361 -30.29 9.80 9.40
CA GLY D 361 -29.29 8.83 9.00
C GLY D 361 -29.72 8.09 7.76
N GLY D 362 -30.71 8.66 7.07
CA GLY D 362 -31.17 8.18 5.78
C GLY D 362 -32.23 7.09 5.79
N LYS D 363 -33.19 7.22 6.70
CA LYS D 363 -34.29 6.25 6.72
C LYS D 363 -35.53 6.78 6.01
N ASN D 364 -35.67 8.10 5.94
CA ASN D 364 -36.88 8.71 5.39
C ASN D 364 -36.62 9.71 4.33
N TYR D 365 -37.64 9.97 3.55
CA TYR D 365 -37.72 11.23 2.88
C TYR D 365 -38.69 12.01 3.76
N SER D 366 -38.16 12.82 4.67
CA SER D 366 -38.99 13.40 5.74
C SER D 366 -38.52 14.70 6.38
N ASP D 367 -39.41 15.28 7.17
CA ASP D 367 -39.25 16.56 7.84
C ASP D 367 -38.26 17.60 7.24
N SER D 368 -37.56 18.35 8.08
CA SER D 368 -36.90 19.60 7.68
C SER D 368 -36.08 19.55 6.39
N PRO D 369 -35.31 18.46 6.18
CA PRO D 369 -34.61 18.39 4.89
C PRO D 369 -35.58 18.24 3.71
N LYS D 370 -36.66 17.50 3.92
CA LYS D 370 -37.67 17.31 2.89
C LYS D 370 -38.27 18.66 2.48
N TYR D 371 -38.71 19.42 3.48
CA TYR D 371 -39.31 20.72 3.27
C TYR D 371 -38.34 21.72 2.65
N ILE D 372 -37.10 21.75 3.14
CA ILE D 372 -36.11 22.61 2.54
C ILE D 372 -36.04 22.26 1.07
N TYR D 373 -35.81 20.97 0.80
CA TYR D 373 -35.74 20.49 -0.57
C TYR D 373 -36.99 20.75 -1.43
N GLU D 374 -38.19 20.54 -0.88
CA GLU D 374 -39.39 20.76 -1.67
C GLU D 374 -39.56 22.23 -2.04
N TYR D 375 -39.11 23.12 -1.16
CA TYR D 375 -39.05 24.55 -1.48
C TYR D 375 -38.05 24.87 -2.61
N MET D 376 -36.80 24.47 -2.40
CA MET D 376 -35.72 24.72 -3.33
C MET D 376 -36.00 24.16 -4.74
N GLN D 377 -36.76 23.06 -4.77
CA GLN D 377 -37.15 22.42 -6.02
C GLN D 377 -38.04 23.30 -6.85
N LYS D 378 -38.81 24.15 -6.17
CA LYS D 378 -39.84 24.95 -6.82
C LYS D 378 -39.32 26.31 -7.27
N TYR D 379 -38.26 26.77 -6.62
CA TYR D 379 -37.73 28.10 -6.91
C TYR D 379 -36.35 28.12 -7.56
N TYR D 380 -35.52 27.14 -7.21
CA TYR D 380 -34.18 27.06 -7.78
C TYR D 380 -33.96 25.73 -8.45
N PRO D 381 -34.72 25.44 -9.50
CA PRO D 381 -34.83 24.08 -10.02
C PRO D 381 -33.60 23.57 -10.76
N ASN D 382 -32.64 24.42 -11.05
CA ASN D 382 -31.55 24.00 -11.94
C ASN D 382 -30.26 23.55 -11.24
N TYR D 383 -30.27 23.47 -9.90
CA TYR D 383 -29.13 22.94 -9.15
C TYR D 383 -29.21 21.41 -9.16
N ARG D 384 -28.11 20.72 -8.83
CA ARG D 384 -28.12 19.26 -8.79
C ARG D 384 -28.45 18.72 -7.40
N TYR D 385 -29.62 18.11 -7.27
CA TYR D 385 -30.09 17.62 -5.98
C TYR D 385 -29.80 16.12 -5.78
N ILE D 386 -29.29 15.76 -4.60
CA ILE D 386 -29.04 14.36 -4.28
C ILE D 386 -29.59 13.99 -2.91
N TRP D 387 -30.34 12.89 -2.84
CA TRP D 387 -30.77 12.34 -1.55
C TRP D 387 -30.06 11.01 -1.15
N SER D 388 -29.72 10.90 0.12
CA SER D 388 -28.99 9.74 0.62
C SER D 388 -29.97 8.90 1.36
N PHE D 389 -29.99 7.60 1.12
CA PHE D 389 -30.97 6.73 1.80
C PHE D 389 -30.30 5.43 2.18
N LYS D 390 -30.74 4.82 3.28
CA LYS D 390 -30.25 3.50 3.59
C LYS D 390 -30.63 2.54 2.47
N ASN D 391 -31.87 2.65 2.02
CA ASN D 391 -32.38 1.91 0.86
C ASN D 391 -33.08 2.88 -0.09
N PRO D 392 -32.42 3.28 -1.17
CA PRO D 392 -33.14 4.23 -2.04
C PRO D 392 -34.40 3.63 -2.66
N ASP D 393 -34.41 2.33 -2.93
CA ASP D 393 -35.52 1.75 -3.67
C ASP D 393 -36.85 1.82 -2.94
N LYS D 394 -36.80 1.89 -1.61
CA LYS D 394 -38.02 1.90 -0.79
C LYS D 394 -38.46 3.31 -0.45
N ASN D 395 -37.87 4.30 -1.10
CA ASN D 395 -38.18 5.70 -0.82
C ASN D 395 -38.49 6.49 -2.07
N VAL D 396 -39.71 7.01 -2.16
CA VAL D 396 -40.08 7.82 -3.30
C VAL D 396 -39.75 9.32 -3.14
N VAL D 397 -38.98 9.88 -4.06
CA VAL D 397 -38.71 11.32 -4.01
C VAL D 397 -39.28 12.11 -5.20
N PRO D 398 -40.01 13.20 -4.92
CA PRO D 398 -40.52 14.11 -5.95
C PRO D 398 -39.37 14.84 -6.63
N GLY D 399 -39.56 15.26 -7.88
CA GLY D 399 -38.62 16.18 -8.52
C GLY D 399 -37.40 15.58 -9.19
N SER D 400 -36.42 16.45 -9.45
CA SER D 400 -35.25 16.09 -10.24
C SER D 400 -34.18 15.34 -9.45
N ALA D 401 -34.30 15.37 -8.13
CA ALA D 401 -33.29 14.80 -7.23
C ALA D 401 -33.03 13.32 -7.46
N GLU D 402 -31.76 12.95 -7.58
CA GLU D 402 -31.38 11.55 -7.69
C GLU D 402 -31.10 11.00 -6.30
N LYS D 403 -31.35 9.70 -6.09
CA LYS D 403 -31.09 9.07 -4.79
C LYS D 403 -29.82 8.19 -4.79
N VAL D 404 -29.15 8.09 -3.63
CA VAL D 404 -27.92 7.31 -3.49
C VAL D 404 -27.95 6.42 -2.26
N LYS D 405 -27.40 5.22 -2.37
CA LYS D 405 -27.44 4.29 -1.24
C LYS D 405 -26.27 4.50 -0.30
N ARG D 406 -26.50 4.47 1.01
CA ARG D 406 -25.39 4.75 1.90
C ARG D 406 -24.23 3.81 1.63
N ASN D 407 -23.01 4.31 1.80
CA ASN D 407 -21.84 3.49 1.66
C ASN D 407 -21.55 2.97 0.26
N SER D 408 -22.44 3.28 -0.69
CA SER D 408 -22.20 2.98 -2.08
C SER D 408 -21.23 4.02 -2.65
N ALA D 409 -20.59 3.75 -3.78
CA ALA D 409 -19.57 4.68 -4.27
C ALA D 409 -20.19 6.00 -4.70
N GLU D 410 -21.43 5.91 -5.16
CA GLU D 410 -22.24 7.06 -5.50
C GLU D 410 -22.52 7.96 -4.29
N TYR D 411 -22.62 7.35 -3.10
CA TYR D 411 -22.76 8.08 -1.83
C TYR D 411 -21.58 9.02 -1.62
N TYR D 412 -20.39 8.44 -1.60
CA TYR D 412 -19.17 9.20 -1.40
C TYR D 412 -18.93 10.21 -2.52
N GLN D 413 -19.03 9.80 -3.77
CA GLN D 413 -18.85 10.77 -4.82
C GLN D 413 -19.68 11.99 -4.45
N ALA D 414 -20.89 11.71 -3.93
CA ALA D 414 -21.95 12.72 -3.66
C ALA D 414 -21.62 13.66 -2.53
N TYR D 415 -21.20 13.12 -1.40
CA TYR D 415 -20.76 13.99 -0.32
C TYR D 415 -19.43 14.68 -0.64
N SER D 416 -18.57 14.03 -1.41
CA SER D 416 -17.34 14.66 -1.85
C SER D 416 -17.63 15.83 -2.76
N GLU D 417 -18.57 15.65 -3.69
CA GLU D 417 -18.87 16.67 -4.67
C GLU D 417 -19.64 17.84 -4.14
N ALA D 418 -20.65 17.54 -3.32
CA ALA D 418 -21.65 18.52 -2.92
C ALA D 418 -21.07 19.75 -2.25
N SER D 419 -21.68 20.90 -2.48
CA SER D 419 -21.18 22.16 -1.92
C SER D 419 -21.90 22.50 -0.64
N HIS D 420 -23.05 21.86 -0.45
CA HIS D 420 -23.87 22.02 0.75
C HIS D 420 -24.41 20.68 1.23
N TRP D 421 -24.18 20.37 2.50
CA TRP D 421 -24.83 19.24 3.10
C TRP D 421 -25.94 19.75 3.96
N VAL D 422 -27.12 19.18 3.76
CA VAL D 422 -28.28 19.51 4.58
C VAL D 422 -28.78 18.23 5.21
N SER D 423 -28.79 18.19 6.54
CA SER D 423 -29.42 17.09 7.25
C SER D 423 -29.91 17.53 8.61
N ASN D 424 -30.62 16.63 9.28
CA ASN D 424 -31.33 16.94 10.50
C ASN D 424 -30.88 16.02 11.62
N ALA D 425 -29.76 15.35 11.42
CA ALA D 425 -29.19 14.53 12.47
C ALA D 425 -27.69 14.55 12.30
N ARG D 426 -26.98 13.65 12.94
CA ARG D 426 -25.54 13.64 12.81
C ARG D 426 -25.12 12.86 11.61
N THR D 427 -24.28 13.45 10.76
CA THR D 427 -23.76 12.71 9.64
C THR D 427 -22.42 12.11 10.05
N PRO D 428 -22.02 10.97 9.45
CA PRO D 428 -20.86 10.17 9.89
C PRO D 428 -19.53 10.92 9.93
N LEU D 429 -18.68 10.58 10.89
CA LEU D 429 -17.43 11.30 11.00
C LEU D 429 -16.43 10.84 9.97
N TYR D 430 -16.71 9.73 9.28
CA TYR D 430 -15.80 9.26 8.25
C TYR D 430 -16.04 10.01 6.94
N LEU D 431 -17.09 10.83 6.90
CA LEU D 431 -17.26 11.74 5.78
C LEU D 431 -16.50 13.02 6.06
N ASN D 432 -15.82 13.56 5.05
CA ASN D 432 -14.99 14.74 5.25
C ASN D 432 -15.68 16.02 4.84
N LYS D 433 -15.76 16.96 5.77
CA LYS D 433 -16.35 18.27 5.47
C LYS D 433 -15.30 19.35 5.24
N LYS D 434 -15.06 19.67 3.97
CA LYS D 434 -13.95 20.53 3.58
C LYS D 434 -14.13 21.99 3.96
N GLU D 435 -13.05 22.77 3.91
CA GLU D 435 -13.10 24.18 4.31
C GLU D 435 -13.88 24.94 3.26
N ASN D 436 -14.62 24.15 2.49
CA ASN D 436 -15.00 24.40 1.11
C ASN D 436 -16.49 24.12 0.91
N GLN D 437 -17.02 23.21 1.73
CA GLN D 437 -18.40 22.84 1.67
C GLN D 437 -19.12 23.32 2.92
N THR D 438 -20.43 23.55 2.79
CA THR D 438 -21.22 24.13 3.87
C THR D 438 -22.26 23.17 4.42
N TYR D 439 -22.07 22.77 5.68
CA TYR D 439 -22.88 21.76 6.36
C TYR D 439 -23.94 22.47 7.18
N ILE D 440 -25.18 22.45 6.70
CA ILE D 440 -26.29 23.09 7.40
C ILE D 440 -27.05 22.07 8.24
N GLN D 441 -26.98 22.20 9.56
CA GLN D 441 -27.64 21.25 10.44
C GLN D 441 -28.94 21.79 11.02
N THR D 442 -30.06 21.15 10.68
CA THR D 442 -31.37 21.57 11.19
C THR D 442 -31.74 20.95 12.54
N TRP D 443 -31.02 19.92 12.94
CA TRP D 443 -31.44 19.15 14.10
C TRP D 443 -32.89 18.72 13.99
N ASN D 444 -33.46 18.28 15.10
CA ASN D 444 -34.70 17.56 14.99
C ASN D 444 -35.67 17.82 16.12
N GLY D 445 -35.65 19.02 16.68
CA GLY D 445 -36.67 19.45 17.61
C GLY D 445 -36.17 20.22 18.81
N THR D 446 -37.08 20.83 19.55
CA THR D 446 -36.77 21.59 20.74
C THR D 446 -36.60 20.61 21.88
N PRO D 447 -35.43 20.62 22.56
CA PRO D 447 -35.02 19.58 23.52
C PRO D 447 -35.84 19.56 24.80
N LEU D 448 -36.06 18.35 25.32
CA LEU D 448 -36.64 18.25 26.64
C LEU D 448 -35.64 17.59 27.55
N LYS D 449 -35.18 16.40 27.21
CA LYS D 449 -34.18 15.75 28.04
C LYS D 449 -32.82 16.34 27.72
N ARG D 450 -31.86 16.26 28.63
CA ARG D 450 -30.59 16.87 28.31
C ARG D 450 -29.88 15.97 27.32
N LEU D 451 -29.14 16.59 26.40
CA LEU D 451 -28.44 15.86 25.36
C LEU D 451 -27.01 16.32 25.25
N ALA D 452 -26.30 15.74 24.30
CA ALA D 452 -24.93 16.11 24.00
C ALA D 452 -24.14 16.35 25.26
N ASN D 453 -23.47 17.49 25.30
CA ASN D 453 -22.61 17.87 26.41
C ASN D 453 -23.29 17.78 27.79
N ASP D 454 -24.48 18.31 27.92
CA ASP D 454 -25.10 18.48 29.23
C ASP D 454 -25.36 17.19 29.98
N MET D 455 -25.05 16.04 29.37
CA MET D 455 -25.39 14.75 29.99
C MET D 455 -24.48 14.40 31.17
N LYS D 456 -24.95 13.53 32.05
CA LYS D 456 -24.13 13.11 33.20
C LYS D 456 -23.54 11.72 32.97
N VAL D 457 -24.39 10.75 32.65
CA VAL D 457 -23.93 9.41 32.30
C VAL D 457 -24.43 8.99 30.91
N VAL D 458 -23.66 8.11 30.27
CA VAL D 458 -24.05 7.47 29.01
C VAL D 458 -23.29 6.14 28.93
N ARG D 459 -23.69 5.17 29.75
CA ARG D 459 -23.07 3.86 29.72
C ARG D 459 -23.49 3.12 28.45
N MET D 460 -23.74 3.89 27.39
CA MET D 460 -24.18 3.35 26.11
C MET D 460 -23.17 2.40 25.49
N PRO D 461 -23.66 1.47 24.67
CA PRO D 461 -22.89 0.37 24.09
C PRO D 461 -21.49 0.75 23.62
N GLY D 462 -20.50 -0.04 24.02
CA GLY D 462 -19.14 0.05 23.52
C GLY D 462 -18.54 1.44 23.45
N THR D 463 -18.99 2.33 24.33
CA THR D 463 -18.44 3.70 24.41
C THR D 463 -18.56 4.38 25.80
N THR D 464 -17.48 5.02 26.19
CA THR D 464 -17.39 5.78 27.44
C THR D 464 -18.05 7.16 27.31
N THR D 465 -18.74 7.60 28.36
CA THR D 465 -19.33 8.94 28.38
C THR D 465 -18.49 9.99 27.63
N PRO D 466 -17.24 10.24 28.08
CA PRO D 466 -16.42 11.24 27.39
C PRO D 466 -16.13 10.93 25.92
N LYS D 467 -15.74 9.71 25.56
CA LYS D 467 -15.47 9.45 24.15
C LYS D 467 -16.72 9.71 23.32
N TYR D 468 -17.88 9.43 23.89
CA TYR D 468 -19.15 9.78 23.26
C TYR D 468 -19.26 11.28 23.07
N LYS D 469 -18.89 12.05 24.08
CA LYS D 469 -18.96 13.50 23.99
C LYS D 469 -17.83 14.02 23.11
N ARG D 470 -16.66 13.40 23.17
CA ARG D 470 -15.58 13.83 22.29
C ARG D 470 -16.05 13.76 20.86
N ASN D 471 -16.78 12.70 20.54
CA ASN D 471 -17.22 12.49 19.18
C ASN D 471 -18.41 13.30 18.83
N PHE D 472 -19.22 13.67 19.81
CA PHE D 472 -20.31 14.58 19.50
C PHE D 472 -19.70 15.92 19.09
N ASN D 473 -18.73 16.35 19.89
CA ASN D 473 -18.07 17.63 19.73
C ASN D 473 -17.44 17.72 18.35
N ARG D 474 -16.89 16.61 17.91
CA ARG D 474 -16.30 16.54 16.61
C ARG D 474 -17.33 16.82 15.54
N GLU D 475 -18.46 16.14 15.63
CA GLU D 475 -19.53 16.41 14.69
C GLU D 475 -20.05 17.85 14.77
N THR D 476 -20.49 18.29 15.94
CA THR D 476 -21.06 19.64 16.07
C THR D 476 -20.14 20.75 15.61
N SER D 477 -18.85 20.50 15.52
CA SER D 477 -17.95 21.56 15.10
C SER D 477 -17.95 21.69 13.58
N ARG D 478 -18.36 20.63 12.90
CA ARG D 478 -18.46 20.67 11.45
C ARG D 478 -19.65 21.50 11.05
N TRP D 479 -20.57 21.69 11.98
CA TRP D 479 -21.81 22.39 11.69
C TRP D 479 -21.57 23.86 11.37
N ASP D 480 -21.86 24.23 10.13
CA ASP D 480 -21.74 25.60 9.70
C ASP D 480 -22.89 26.44 10.23
N TYR D 481 -24.11 25.99 9.96
CA TYR D 481 -25.30 26.67 10.45
C TYR D 481 -26.12 25.66 11.19
N LEU D 482 -26.72 26.05 12.31
CA LEU D 482 -27.52 25.15 13.11
C LEU D 482 -28.84 25.82 13.40
N ILE D 483 -29.96 25.20 13.02
CA ILE D 483 -31.26 25.84 13.10
C ILE D 483 -31.88 25.80 14.50
N SER D 484 -32.37 26.95 14.97
CA SER D 484 -33.01 27.03 16.28
C SER D 484 -34.53 27.35 16.27
N PRO D 485 -35.27 26.81 17.25
CA PRO D 485 -36.71 27.09 17.32
C PRO D 485 -37.08 28.20 18.32
N ASN D 486 -36.20 28.51 19.27
CA ASN D 486 -36.57 29.36 20.38
C ASN D 486 -35.39 29.72 21.27
N ARG D 487 -35.40 30.93 21.83
CA ARG D 487 -34.26 31.35 22.64
C ARG D 487 -33.94 30.28 23.68
N TYR D 488 -34.99 29.65 24.22
CA TYR D 488 -34.81 28.55 25.15
C TYR D 488 -33.84 27.55 24.56
N SER D 489 -34.13 27.12 23.34
CA SER D 489 -33.31 26.14 22.62
C SER D 489 -31.92 26.63 22.29
N THR D 490 -31.83 27.87 21.82
CA THR D 490 -30.55 28.45 21.49
C THR D 490 -29.61 28.46 22.68
N GLU D 491 -30.12 28.86 23.84
CA GLU D 491 -29.30 28.91 25.04
C GLU D 491 -28.86 27.50 25.41
N ILE D 492 -29.69 26.53 25.02
CA ILE D 492 -29.44 25.13 25.30
C ILE D 492 -28.47 24.55 24.29
N PHE D 493 -28.66 24.89 23.02
CA PHE D 493 -27.73 24.47 21.99
C PHE D 493 -26.32 24.97 22.30
N ARG D 494 -26.20 26.27 22.48
CA ARG D 494 -24.91 26.88 22.74
C ARG D 494 -24.08 26.07 23.72
N SER D 495 -24.68 25.59 24.79
CA SER D 495 -23.97 24.75 25.76
C SER D 495 -23.91 23.29 25.35
N ALA D 496 -25.05 22.72 25.00
CA ALA D 496 -25.16 21.29 24.72
C ALA D 496 -24.23 20.90 23.59
N PHE D 497 -24.20 21.71 22.54
CA PHE D 497 -23.50 21.38 21.30
C PHE D 497 -22.20 22.11 21.07
N TRP D 498 -21.68 22.77 22.09
CA TRP D 498 -20.43 23.51 22.00
C TRP D 498 -20.46 24.68 21.00
N MET D 499 -21.66 25.02 20.53
CA MET D 499 -21.91 26.02 19.49
C MET D 499 -21.57 27.46 19.83
N ASP D 500 -21.26 28.24 18.79
CA ASP D 500 -21.13 29.70 18.90
C ASP D 500 -22.38 30.32 18.32
N GLU D 501 -23.05 31.16 19.10
CA GLU D 501 -24.35 31.72 18.69
C GLU D 501 -24.34 32.31 17.28
N GLU D 502 -23.15 32.68 16.80
CA GLU D 502 -23.02 33.31 15.50
C GLU D 502 -23.55 32.38 14.43
N ARG D 503 -23.37 31.08 14.65
CA ARG D 503 -23.73 30.06 13.67
C ARG D 503 -25.17 29.59 13.80
N ILE D 504 -25.78 29.91 14.93
CA ILE D 504 -27.17 29.56 15.19
C ILE D 504 -28.15 30.43 14.41
N LEU D 505 -29.27 29.83 14.02
CA LEU D 505 -30.29 30.55 13.27
C LEU D 505 -31.68 30.30 13.90
N GLU D 506 -32.08 31.17 14.83
CA GLU D 506 -33.44 31.11 15.42
C GLU D 506 -34.49 31.53 14.40
N ILE D 507 -34.98 30.58 13.63
CA ILE D 507 -35.92 30.90 12.56
C ILE D 507 -37.06 29.87 12.49
N GLY D 508 -37.10 28.98 13.48
CA GLY D 508 -38.05 27.88 13.48
C GLY D 508 -37.60 26.71 12.63
N TYR D 509 -38.32 25.59 12.72
CA TYR D 509 -37.99 24.40 11.94
C TYR D 509 -38.83 24.39 10.69
N PRO D 510 -38.17 24.22 9.54
CA PRO D 510 -38.82 24.12 8.24
C PRO D 510 -39.96 23.10 8.19
N ARG D 511 -39.88 22.02 8.95
CA ARG D 511 -40.90 21.00 8.86
C ARG D 511 -42.18 21.52 9.47
N ASN D 512 -42.05 22.59 10.25
CA ASN D 512 -43.21 23.24 10.85
C ASN D 512 -43.67 24.42 10.00
N ASP D 513 -43.53 24.30 8.69
CA ASP D 513 -44.07 25.30 7.80
C ASP D 513 -45.56 25.08 7.76
N VAL D 514 -45.95 23.88 7.34
CA VAL D 514 -47.35 23.53 7.21
C VAL D 514 -48.14 23.88 8.45
N LEU D 515 -47.55 23.65 9.62
CA LEU D 515 -48.23 23.91 10.91
C LEU D 515 -48.65 25.36 11.11
N VAL D 516 -48.57 26.16 10.04
CA VAL D 516 -48.81 27.57 10.12
C VAL D 516 -49.52 28.01 8.85
N ASN D 517 -48.98 27.56 7.71
CA ASN D 517 -49.44 28.00 6.41
C ASN D 517 -50.72 27.31 5.93
N ARG D 518 -50.76 25.98 6.11
CA ARG D 518 -51.86 25.14 5.66
C ARG D 518 -52.75 24.71 6.81
N ALA D 519 -52.67 25.44 7.93
CA ALA D 519 -53.40 25.06 9.14
C ALA D 519 -54.91 25.14 8.94
N ASN D 520 -55.33 25.84 7.88
CA ASN D 520 -56.76 26.03 7.60
C ASN D 520 -57.20 25.55 6.22
N ASP D 521 -56.23 25.28 5.36
CA ASP D 521 -56.46 24.72 4.02
C ASP D 521 -57.25 23.40 4.10
N GLN D 522 -58.56 23.51 4.22
CA GLN D 522 -59.45 22.37 4.43
C GLN D 522 -59.30 21.24 3.43
N GLU D 523 -59.26 21.58 2.15
CA GLU D 523 -59.21 20.56 1.11
C GLU D 523 -57.98 19.70 1.30
N TYR D 524 -56.95 20.30 1.88
CA TYR D 524 -55.69 19.64 2.16
C TYR D 524 -55.86 18.71 3.34
N LEU D 525 -56.46 19.22 4.41
CA LEU D 525 -56.78 18.39 5.56
C LEU D 525 -57.51 17.14 5.07
N ASP D 526 -58.47 17.33 4.17
CA ASP D 526 -59.33 16.26 3.66
C ASP D 526 -58.62 15.16 2.85
N GLU D 527 -57.52 15.52 2.18
CA GLU D 527 -56.70 14.56 1.44
C GLU D 527 -55.86 13.71 2.39
N ILE D 528 -55.38 14.33 3.46
CA ILE D 528 -54.62 13.63 4.48
C ILE D 528 -55.47 12.55 5.12
N ARG D 529 -56.65 12.94 5.59
CA ARG D 529 -57.52 12.04 6.31
C ARG D 529 -57.98 10.87 5.44
N THR D 530 -58.23 11.12 4.15
CA THR D 530 -58.67 10.07 3.25
C THR D 530 -57.49 9.33 2.62
N HIS D 531 -56.29 9.81 2.90
CA HIS D 531 -55.07 9.10 2.56
C HIS D 531 -54.83 8.09 3.66
N LEU D 532 -55.71 8.11 4.64
CA LEU D 532 -55.61 7.27 5.84
C LEU D 532 -56.89 6.50 6.15
N ASN D 533 -57.94 6.73 5.35
CA ASN D 533 -59.22 6.03 5.53
C ASN D 533 -59.84 6.26 6.90
N LEU D 534 -59.99 7.53 7.30
CA LEU D 534 -60.51 7.85 8.64
C LEU D 534 -62.02 8.05 8.66
N PRO D 535 -62.65 7.75 9.81
CA PRO D 535 -64.08 7.95 10.07
C PRO D 535 -64.51 9.38 9.72
N SER D 536 -65.56 9.52 8.94
CA SER D 536 -66.01 10.86 8.53
C SER D 536 -66.62 11.63 9.69
N ASP D 537 -66.68 11.00 10.86
CA ASP D 537 -67.52 11.46 11.95
C ASP D 537 -66.82 11.63 13.28
N LYS D 538 -65.55 11.24 13.36
CA LYS D 538 -64.86 11.28 14.64
C LYS D 538 -63.74 12.30 14.74
N LYS D 539 -63.46 12.70 15.98
CA LYS D 539 -62.33 13.54 16.27
C LYS D 539 -61.11 12.64 16.41
N VAL D 540 -59.92 13.20 16.23
CA VAL D 540 -58.70 12.40 16.17
C VAL D 540 -57.75 12.64 17.34
N ILE D 541 -57.47 11.58 18.09
CA ILE D 541 -56.52 11.66 19.18
C ILE D 541 -55.23 11.00 18.75
N MET D 542 -54.11 11.71 18.90
CA MET D 542 -52.83 11.16 18.51
C MET D 542 -51.99 10.84 19.74
N TYR D 543 -51.48 9.61 19.80
CA TYR D 543 -50.71 9.15 20.93
C TYR D 543 -49.32 8.82 20.46
N ALA D 544 -48.34 9.57 20.96
CA ALA D 544 -46.96 9.48 20.50
C ALA D 544 -46.03 9.34 21.69
N PRO D 545 -45.95 8.13 22.25
CA PRO D 545 -45.00 7.93 23.35
C PRO D 545 -43.59 8.30 22.91
N THR D 546 -42.63 8.13 23.82
CA THR D 546 -41.25 8.16 23.43
C THR D 546 -40.66 6.90 23.96
N TRP D 547 -39.54 6.52 23.36
CA TRP D 547 -38.99 5.17 23.39
C TRP D 547 -38.51 4.63 24.74
N ARG D 548 -38.83 3.37 24.98
CA ARG D 548 -38.44 2.68 26.20
C ARG D 548 -37.71 1.36 25.86
N ASP D 549 -37.09 0.76 26.88
CA ASP D 549 -36.27 -0.43 26.70
C ASP D 549 -37.08 -1.69 27.03
N GLU D 561 -49.62 -5.78 25.78
CA GLU D 561 -50.56 -4.72 25.39
C GLU D 561 -50.09 -3.37 25.91
N LEU D 562 -50.72 -2.31 25.42
CA LEU D 562 -50.31 -0.93 25.72
C LEU D 562 -50.67 -0.43 27.12
N LYS D 563 -49.80 0.40 27.69
CA LYS D 563 -50.03 0.90 29.03
C LYS D 563 -51.32 1.71 29.13
N ILE D 564 -51.71 2.30 28.01
CA ILE D 564 -52.84 3.23 27.92
C ILE D 564 -54.20 2.55 27.98
N ASP D 565 -54.20 1.22 27.86
CA ASP D 565 -55.42 0.43 27.92
C ASP D 565 -56.36 0.75 26.76
N LEU D 566 -56.14 0.08 25.63
CA LEU D 566 -56.96 0.25 24.42
C LEU D 566 -58.36 -0.30 24.60
N ASP D 567 -58.45 -1.43 25.27
CA ASP D 567 -59.75 -1.99 25.52
C ASP D 567 -60.60 -0.95 26.21
N ASN D 568 -59.95 -0.09 26.99
CA ASN D 568 -60.66 0.88 27.80
C ASN D 568 -60.96 2.14 27.04
N LEU D 569 -60.00 2.61 26.26
CA LEU D 569 -60.14 3.86 25.52
C LEU D 569 -61.29 3.72 24.53
N TYR D 570 -61.42 2.51 24.02
CA TYR D 570 -62.47 2.10 23.10
C TYR D 570 -63.81 2.20 23.79
N LYS D 571 -64.02 1.37 24.80
CA LYS D 571 -65.22 1.50 25.65
C LYS D 571 -65.51 2.94 26.07
N GLU D 572 -64.48 3.76 26.24
CA GLU D 572 -64.69 5.13 26.68
C GLU D 572 -64.93 6.16 25.57
N LEU D 573 -64.11 6.11 24.53
CA LEU D 573 -64.09 7.14 23.51
C LEU D 573 -64.44 6.63 22.12
N GLY D 574 -65.09 5.47 22.03
CA GLY D 574 -65.33 4.84 20.74
C GLY D 574 -66.27 5.64 19.85
N ASP D 575 -67.14 6.42 20.51
CA ASP D 575 -68.25 7.10 19.87
C ASP D 575 -67.88 8.44 19.24
N ASP D 576 -66.83 9.09 19.73
CA ASP D 576 -66.47 10.42 19.23
C ASP D 576 -65.07 10.44 18.65
N TYR D 577 -64.24 9.50 19.08
CA TYR D 577 -62.86 9.55 18.70
C TYR D 577 -62.38 8.31 17.99
N VAL D 578 -61.35 8.52 17.19
CA VAL D 578 -60.51 7.47 16.69
C VAL D 578 -59.14 7.94 17.17
N ILE D 579 -58.21 7.03 17.42
CA ILE D 579 -56.90 7.39 17.97
C ILE D 579 -55.74 6.88 17.12
N LEU D 580 -54.86 7.80 16.72
CA LEU D 580 -53.64 7.49 15.96
C LEU D 580 -52.50 7.11 16.89
N LEU D 581 -51.85 5.98 16.64
CA LEU D 581 -50.74 5.53 17.47
C LEU D 581 -49.48 5.67 16.67
N ARG D 582 -48.55 6.50 17.12
CA ARG D 582 -47.28 6.63 16.42
C ARG D 582 -46.15 6.20 17.31
N MET D 583 -45.79 4.91 17.22
CA MET D 583 -44.90 4.28 18.18
C MET D 583 -43.48 4.18 17.68
N HIS D 584 -42.81 3.09 18.08
CA HIS D 584 -41.48 2.77 17.60
C HIS D 584 -41.54 1.50 16.73
N TYR D 585 -40.87 1.53 15.58
CA TYR D 585 -41.00 0.48 14.56
C TYR D 585 -41.05 -0.93 15.13
N LEU D 586 -40.31 -1.16 16.21
CA LEU D 586 -40.22 -2.49 16.80
C LEU D 586 -41.37 -2.85 17.72
N ILE D 587 -42.02 -1.84 18.27
CA ILE D 587 -43.21 -2.06 19.09
C ILE D 587 -44.43 -2.01 18.18
N SER D 588 -44.29 -1.36 17.03
CA SER D 588 -45.41 -1.19 16.10
C SER D 588 -45.92 -2.51 15.54
N ASN D 589 -45.01 -3.34 15.05
CA ASN D 589 -45.42 -4.63 14.50
C ASN D 589 -45.50 -5.75 15.54
N ALA D 590 -45.79 -5.37 16.78
CA ALA D 590 -46.15 -6.31 17.83
C ALA D 590 -47.55 -5.97 18.35
N LEU D 591 -48.15 -4.93 17.77
CA LEU D 591 -49.50 -4.48 18.12
C LEU D 591 -50.55 -5.17 17.28
N ASP D 592 -51.19 -6.18 17.87
CA ASP D 592 -52.31 -6.84 17.22
C ASP D 592 -53.58 -5.99 17.40
N LEU D 593 -53.70 -4.93 16.59
CA LEU D 593 -54.82 -4.01 16.72
C LEU D 593 -56.12 -4.57 16.15
N SER D 594 -56.40 -5.84 16.46
CA SER D 594 -57.60 -6.48 15.94
C SER D 594 -58.70 -6.27 16.94
N GLY D 595 -59.87 -5.90 16.42
CA GLY D 595 -60.99 -5.53 17.27
C GLY D 595 -60.90 -4.06 17.60
N TYR D 596 -59.94 -3.38 16.98
CA TYR D 596 -59.75 -1.95 17.16
C TYR D 596 -59.72 -1.25 15.81
N GLU D 597 -59.83 -2.04 14.75
CA GLU D 597 -59.94 -1.50 13.40
C GLU D 597 -61.04 -0.43 13.36
N ASN D 598 -60.75 0.69 12.72
CA ASN D 598 -61.69 1.80 12.69
C ASN D 598 -61.73 2.58 14.00
N PHE D 599 -60.83 2.23 14.91
CA PHE D 599 -60.68 3.00 16.14
C PHE D 599 -59.24 3.32 16.46
N ALA D 600 -58.41 2.28 16.50
CA ALA D 600 -57.00 2.49 16.72
C ALA D 600 -56.26 2.31 15.39
N ILE D 601 -55.59 3.37 14.95
CA ILE D 601 -54.92 3.29 13.66
C ILE D 601 -53.43 3.39 13.84
N ASP D 602 -52.72 2.28 13.66
CA ASP D 602 -51.28 2.37 13.60
C ASP D 602 -50.94 3.29 12.46
N VAL D 603 -49.97 4.14 12.70
CA VAL D 603 -49.66 5.25 11.82
C VAL D 603 -48.18 5.48 12.05
N SER D 604 -47.52 4.44 12.53
CA SER D 604 -46.12 4.54 12.88
C SER D 604 -45.27 4.75 11.64
N ASN D 605 -45.54 3.96 10.60
CA ASN D 605 -44.68 3.97 9.42
C ASN D 605 -45.07 5.01 8.38
N TYR D 606 -45.84 6.01 8.81
CA TYR D 606 -46.27 7.15 7.98
C TYR D 606 -45.09 8.09 7.85
N ASN D 607 -45.08 8.94 6.85
CA ASN D 607 -43.91 9.79 6.65
C ASN D 607 -43.91 11.14 7.31
N ASP D 608 -44.76 12.03 6.82
CA ASP D 608 -44.82 13.38 7.37
C ASP D 608 -45.68 13.44 8.64
N VAL D 609 -45.00 13.56 9.77
CA VAL D 609 -45.63 13.63 11.08
C VAL D 609 -46.37 14.96 11.25
N SER D 610 -45.94 15.97 10.49
CA SER D 610 -46.57 17.28 10.59
C SER D 610 -47.98 17.24 10.05
N GLU D 611 -48.22 16.39 9.04
CA GLU D 611 -49.55 16.23 8.46
C GLU D 611 -50.48 15.61 9.49
N LEU D 612 -49.98 14.63 10.24
CA LEU D 612 -50.71 14.06 11.36
C LEU D 612 -51.14 15.14 12.38
N PHE D 613 -50.24 16.04 12.73
CA PHE D 613 -50.60 17.05 13.71
C PHE D 613 -51.76 17.88 13.18
N LEU D 614 -51.77 18.13 11.88
CA LEU D 614 -52.70 19.09 11.31
C LEU D 614 -54.14 18.62 11.45
N ILE D 615 -54.28 17.30 11.44
CA ILE D 615 -55.57 16.65 11.49
C ILE D 615 -55.84 16.13 12.91
N SER D 616 -54.94 16.47 13.84
CA SER D 616 -55.04 16.00 15.22
C SER D 616 -55.71 17.01 16.16
N ASP D 617 -56.75 16.53 16.85
CA ASP D 617 -57.60 17.40 17.67
C ASP D 617 -57.02 17.61 19.04
N CYS D 618 -56.20 16.67 19.48
CA CYS D 618 -55.36 16.86 20.66
C CYS D 618 -54.27 15.82 20.54
N LEU D 619 -53.21 15.99 21.35
CA LEU D 619 -52.08 15.06 21.33
C LEU D 619 -51.86 14.47 22.72
N ILE D 620 -51.63 13.17 22.79
CA ILE D 620 -51.16 12.55 24.02
C ILE D 620 -49.69 12.16 23.86
N THR D 621 -48.83 12.69 24.72
CA THR D 621 -47.44 12.27 24.69
C THR D 621 -46.92 12.10 26.11
N ASP D 622 -45.61 12.09 26.27
CA ASP D 622 -45.04 12.07 27.61
C ASP D 622 -43.81 12.96 27.70
N TYR D 623 -42.66 12.39 27.42
CA TYR D 623 -41.43 13.13 27.45
C TYR D 623 -40.90 13.16 26.05
N SER D 624 -41.41 14.07 25.22
CA SER D 624 -41.05 14.09 23.81
C SER D 624 -40.98 15.50 23.26
N SER D 625 -40.14 15.69 22.26
CA SER D 625 -39.98 17.01 21.71
C SER D 625 -41.09 17.32 20.73
N VAL D 626 -41.94 16.34 20.41
CA VAL D 626 -43.06 16.62 19.52
C VAL D 626 -44.05 17.53 20.23
N MET D 627 -43.96 17.61 21.55
CA MET D 627 -44.89 18.46 22.27
C MET D 627 -44.69 19.93 21.96
N PHE D 628 -43.50 20.30 21.52
CA PHE D 628 -43.23 21.69 21.17
C PHE D 628 -43.72 21.97 19.75
N ASP D 629 -43.49 21.04 18.84
CA ASP D 629 -43.96 21.20 17.49
C ASP D 629 -45.48 21.36 17.50
N TYR D 630 -46.17 20.47 18.19
CA TYR D 630 -47.62 20.43 18.24
C TYR D 630 -48.27 21.68 18.86
N GLY D 631 -47.60 22.26 19.85
CA GLY D 631 -48.05 23.46 20.52
C GLY D 631 -48.30 24.67 19.62
N ILE D 632 -47.60 24.74 18.50
CA ILE D 632 -47.82 25.81 17.51
C ILE D 632 -49.29 25.88 17.08
N LEU D 633 -50.03 24.80 17.26
CA LEU D 633 -51.45 24.72 16.88
C LEU D 633 -52.39 25.18 18.01
N LYS D 634 -51.85 25.31 19.22
CA LYS D 634 -52.61 25.82 20.36
C LYS D 634 -53.78 24.90 20.72
N ARG D 635 -53.68 23.65 20.32
CA ARG D 635 -54.66 22.64 20.70
C ARG D 635 -54.19 22.01 22.00
N PRO D 636 -55.03 21.18 22.66
CA PRO D 636 -54.71 20.59 23.97
C PRO D 636 -53.71 19.44 23.92
N GLN D 637 -52.88 19.32 24.95
CA GLN D 637 -52.04 18.13 25.10
C GLN D 637 -52.25 17.45 26.44
N PHE D 638 -52.15 16.13 26.43
CA PHE D 638 -52.23 15.34 27.65
C PHE D 638 -50.91 14.60 27.83
N PHE D 639 -50.32 14.70 29.00
CA PHE D 639 -49.08 13.98 29.21
C PHE D 639 -49.24 12.72 30.06
N PHE D 640 -49.26 11.57 29.41
CA PHE D 640 -49.51 10.31 30.09
C PHE D 640 -48.17 9.73 30.47
N ALA D 641 -47.73 10.05 31.69
CA ALA D 641 -46.39 9.69 32.14
C ALA D 641 -46.45 8.57 33.16
N TYR D 642 -46.74 7.37 32.68
CA TYR D 642 -46.84 6.22 33.57
C TYR D 642 -45.51 5.93 34.29
N ASP D 643 -44.39 6.11 33.59
CA ASP D 643 -43.09 5.88 34.21
C ASP D 643 -42.41 7.15 34.76
N ILE D 644 -43.17 7.99 35.45
CA ILE D 644 -42.61 9.21 36.06
C ILE D 644 -41.98 8.91 37.41
N ASP D 645 -42.30 7.74 37.97
CA ASP D 645 -41.70 7.29 39.21
C ASP D 645 -40.30 6.72 38.95
N LYS D 646 -40.20 5.79 38.01
CA LYS D 646 -38.92 5.18 37.63
C LYS D 646 -38.07 6.13 36.78
N TYR D 647 -38.28 7.43 36.96
CA TYR D 647 -37.50 8.45 36.27
C TYR D 647 -36.94 9.43 37.28
N ASP D 648 -36.19 8.89 38.24
CA ASP D 648 -35.43 9.68 39.20
C ASP D 648 -36.32 10.63 40.03
N LYS D 649 -37.51 10.17 40.38
CA LYS D 649 -38.41 10.93 41.25
C LYS D 649 -38.66 12.35 40.74
N GLY D 650 -38.12 13.32 41.46
CA GLY D 650 -38.16 14.71 41.02
C GLY D 650 -37.01 14.96 40.07
N LEU D 651 -37.26 14.78 38.79
CA LEU D 651 -36.20 14.73 37.78
C LEU D 651 -35.81 16.09 37.21
N ARG D 652 -34.52 16.39 37.31
CA ARG D 652 -33.93 17.62 36.75
C ARG D 652 -33.30 17.36 35.37
N GLY D 653 -33.34 16.11 34.92
CA GLY D 653 -32.81 15.76 33.63
C GLY D 653 -33.60 16.41 32.51
N PHE D 654 -34.33 17.46 32.84
CA PHE D 654 -35.19 18.16 31.90
C PHE D 654 -34.92 19.66 31.94
N TYR D 655 -34.35 20.16 30.86
CA TYR D 655 -34.10 21.59 30.64
C TYR D 655 -35.23 22.52 31.05
N MET D 656 -36.45 22.00 31.16
CA MET D 656 -37.54 22.82 31.65
C MET D 656 -38.22 22.13 32.83
N ASN D 657 -39.03 22.87 33.58
CA ASN D 657 -39.69 22.31 34.73
C ASN D 657 -40.93 21.55 34.28
N TYR D 658 -40.84 20.23 34.28
CA TYR D 658 -41.84 19.38 33.64
C TYR D 658 -43.13 19.29 34.43
N MET D 659 -43.02 19.36 35.74
CA MET D 659 -44.17 19.13 36.59
C MET D 659 -45.04 20.38 36.63
N GLU D 660 -44.43 21.51 36.31
CA GLU D 660 -45.09 22.79 36.50
C GLU D 660 -45.72 23.36 35.23
N ASP D 661 -44.89 23.87 34.32
CA ASP D 661 -45.37 24.53 33.12
C ASP D 661 -45.30 23.68 31.85
N LEU D 662 -46.41 22.99 31.56
CA LEU D 662 -46.68 22.42 30.24
C LEU D 662 -48.19 22.47 29.97
N PRO D 663 -48.59 22.43 28.69
CA PRO D 663 -49.91 22.95 28.33
C PRO D 663 -51.07 22.05 28.72
N GLY D 664 -50.81 20.99 29.46
CA GLY D 664 -51.85 20.04 29.76
C GLY D 664 -51.63 19.30 31.06
N PRO D 665 -52.61 18.46 31.43
CA PRO D 665 -52.59 17.68 32.67
C PRO D 665 -51.57 16.56 32.58
N ILE D 666 -50.90 16.25 33.69
CA ILE D 666 -50.07 15.06 33.75
C ILE D 666 -50.85 13.87 34.36
N TYR D 667 -50.88 12.75 33.65
CA TYR D 667 -51.58 11.58 34.11
C TYR D 667 -50.67 10.40 34.25
N THR D 668 -50.75 9.68 35.37
CA THR D 668 -49.92 8.48 35.51
C THR D 668 -50.77 7.23 35.34
N GLU D 669 -52.07 7.41 35.41
CA GLU D 669 -52.99 6.33 35.13
C GLU D 669 -53.82 6.73 33.89
N PRO D 670 -54.11 5.77 33.00
CA PRO D 670 -54.68 6.14 31.72
C PRO D 670 -56.18 6.19 31.82
N TYR D 671 -56.69 5.96 33.02
CA TYR D 671 -58.13 5.83 33.19
C TYR D 671 -58.85 7.14 33.35
N GLY D 672 -58.22 8.06 34.06
CA GLY D 672 -58.77 9.39 34.24
C GLY D 672 -58.39 10.27 33.06
N LEU D 673 -57.36 9.84 32.35
CA LEU D 673 -56.96 10.46 31.09
C LEU D 673 -58.15 10.33 30.16
N ALA D 674 -58.76 9.14 30.19
CA ALA D 674 -59.87 8.82 29.31
C ALA D 674 -61.09 9.66 29.59
N LYS D 675 -61.53 9.68 30.85
CA LYS D 675 -62.70 10.45 31.21
C LYS D 675 -62.48 11.91 30.85
N GLU D 676 -61.36 12.46 31.29
CA GLU D 676 -61.02 13.85 31.02
C GLU D 676 -61.15 14.14 29.55
N LEU D 677 -60.69 13.19 28.76
CA LEU D 677 -60.61 13.29 27.31
C LEU D 677 -61.97 13.19 26.59
N LYS D 678 -63.02 12.83 27.33
CA LYS D 678 -64.36 12.66 26.74
C LYS D 678 -64.94 13.96 26.18
N ASN D 679 -64.60 15.08 26.82
CA ASN D 679 -65.01 16.42 26.37
C ASN D 679 -63.78 17.31 26.27
N LEU D 680 -63.38 17.63 25.05
CA LEU D 680 -62.12 18.34 24.83
C LEU D 680 -62.15 19.80 25.22
N ASP D 681 -63.34 20.39 25.20
CA ASP D 681 -63.46 21.85 25.31
C ASP D 681 -63.32 22.35 26.74
N LYS D 682 -63.65 21.51 27.71
CA LYS D 682 -63.42 21.85 29.09
C LYS D 682 -61.92 21.96 29.32
N VAL D 683 -61.19 21.05 28.67
CA VAL D 683 -59.74 21.02 28.74
C VAL D 683 -59.13 22.28 28.08
N GLN D 684 -59.71 22.68 26.96
CA GLN D 684 -59.20 23.85 26.23
C GLN D 684 -59.20 25.11 27.08
N GLN D 685 -60.31 25.37 27.77
CA GLN D 685 -60.47 26.55 28.63
C GLN D 685 -59.62 26.40 29.86
N GLN D 686 -59.71 25.23 30.47
CA GLN D 686 -59.01 24.95 31.70
C GLN D 686 -57.51 25.16 31.53
N TYR D 687 -57.05 25.20 30.28
CA TYR D 687 -55.63 25.32 29.96
C TYR D 687 -55.32 26.37 28.93
N GLN D 688 -56.27 27.23 28.59
CA GLN D 688 -55.97 28.19 27.54
C GLN D 688 -54.84 29.10 27.99
N GLU D 689 -54.78 29.36 29.28
CA GLU D 689 -53.72 30.22 29.82
C GLU D 689 -52.39 29.51 29.74
N LYS D 690 -52.35 28.26 30.21
CA LYS D 690 -51.15 27.43 30.15
C LYS D 690 -50.73 27.16 28.70
N ILE D 691 -51.71 26.95 27.83
CA ILE D 691 -51.44 26.66 26.43
C ILE D 691 -50.72 27.82 25.78
N ASP D 692 -51.30 29.01 25.86
CA ASP D 692 -50.69 30.23 25.33
C ASP D 692 -49.31 30.52 25.91
N ALA D 693 -49.15 30.29 27.22
CA ALA D 693 -47.88 30.55 27.89
C ALA D 693 -46.80 29.71 27.25
N PHE D 694 -47.20 28.51 26.82
CA PHE D 694 -46.38 27.54 26.09
C PHE D 694 -46.09 28.02 24.66
N TYR D 695 -47.14 28.39 23.94
CA TYR D 695 -47.01 28.93 22.59
C TYR D 695 -46.06 30.12 22.58
N ASP D 696 -46.08 30.90 23.65
CA ASP D 696 -45.34 32.16 23.69
C ASP D 696 -43.85 31.99 24.05
N ARG D 697 -43.50 30.85 24.60
CA ARG D 697 -42.12 30.58 24.95
C ARG D 697 -41.43 29.79 23.84
N PHE D 698 -42.13 28.75 23.37
CA PHE D 698 -41.54 27.77 22.47
C PHE D 698 -42.01 27.87 21.02
N CYS D 699 -43.10 28.56 20.74
CA CYS D 699 -43.65 28.54 19.39
C CYS D 699 -43.79 29.90 18.73
N SER D 700 -43.35 30.93 19.43
CA SER D 700 -43.54 32.31 19.00
C SER D 700 -42.47 32.75 18.02
N VAL D 701 -41.75 31.78 17.47
CA VAL D 701 -40.66 32.05 16.55
C VAL D 701 -40.84 31.30 15.24
N ASP D 702 -41.71 30.30 15.21
CA ASP D 702 -42.01 29.58 13.98
C ASP D 702 -42.92 30.41 13.07
N ASN D 703 -42.36 30.89 11.97
CA ASN D 703 -43.06 31.77 11.03
C ASN D 703 -43.62 31.04 9.83
N GLY D 704 -43.25 29.78 9.68
CA GLY D 704 -43.62 29.02 8.49
C GLY D 704 -42.84 29.49 7.28
N LYS D 705 -41.93 30.42 7.50
CA LYS D 705 -41.08 30.92 6.42
C LYS D 705 -39.72 30.21 6.39
N ALA D 706 -39.52 29.26 7.30
CA ALA D 706 -38.21 28.67 7.51
C ALA D 706 -37.58 28.04 6.25
N SER D 707 -38.30 27.12 5.60
CA SER D 707 -37.80 26.51 4.36
C SER D 707 -37.28 27.58 3.40
N GLN D 708 -38.00 28.70 3.34
CA GLN D 708 -37.61 29.85 2.55
C GLN D 708 -36.23 30.27 3.01
N TYR D 709 -36.11 30.72 4.25
CA TYR D 709 -34.83 31.25 4.76
C TYR D 709 -33.63 30.35 4.46
N ILE D 710 -33.77 29.05 4.69
CA ILE D 710 -32.71 28.12 4.34
C ILE D 710 -32.51 28.11 2.81
N GLY D 711 -33.52 27.63 2.08
CA GLY D 711 -33.47 27.62 0.63
C GLY D 711 -32.75 28.83 0.05
N ASP D 712 -33.10 30.01 0.55
CA ASP D 712 -32.45 31.25 0.13
C ASP D 712 -30.97 31.27 0.54
N LEU D 713 -30.72 31.18 1.84
CA LEU D 713 -29.37 31.13 2.36
C LEU D 713 -28.48 30.27 1.47
N ILE D 714 -28.89 29.02 1.21
CA ILE D 714 -28.14 28.16 0.30
C ILE D 714 -27.95 28.76 -1.08
N HIS D 715 -29.01 29.33 -1.65
CA HIS D 715 -28.93 29.93 -2.97
C HIS D 715 -27.91 31.07 -3.03
N LYS D 716 -28.05 32.00 -2.09
CA LYS D 716 -27.09 33.08 -1.92
C LYS D 716 -25.70 32.49 -1.77
N ASP D 717 -25.59 31.50 -0.88
CA ASP D 717 -24.30 30.84 -0.59
C ASP D 717 -23.60 30.33 -1.86
N ILE D 718 -24.36 29.81 -2.83
CA ILE D 718 -23.74 29.23 -4.01
C ILE D 718 -23.55 30.25 -5.13
N LYS D 719 -24.00 31.48 -4.90
CA LYS D 719 -23.68 32.58 -5.81
C LYS D 719 -22.27 33.05 -5.54
N GLU D 720 -21.96 33.39 -4.29
CA GLU D 720 -20.61 33.85 -3.96
C GLU D 720 -19.58 32.87 -4.48
N GLN D 721 -19.79 31.59 -4.18
CA GLN D 721 -18.84 30.55 -4.55
C GLN D 721 -18.96 30.17 -6.01
N LEU D 722 -19.52 31.06 -6.82
CA LEU D 722 -19.67 30.83 -8.25
C LEU D 722 -19.23 32.08 -9.01
N GLU D 723 -18.40 32.89 -8.35
CA GLU D 723 -18.00 34.19 -8.88
C GLU D 723 -16.47 34.40 -8.91
N HIS D 724 -15.81 34.33 -7.75
CA HIS D 724 -14.38 34.55 -7.70
C HIS D 724 -13.60 33.45 -8.44
S SO4 E . 5.12 -7.46 -11.05
O1 SO4 E . 5.61 -6.71 -9.90
O2 SO4 E . 6.01 -7.18 -12.17
O3 SO4 E . 5.16 -8.88 -10.72
O4 SO4 E . 3.75 -7.09 -11.39
S SO4 F . 2.53 -5.30 -48.90
O1 SO4 F . 1.96 -5.36 -47.55
O2 SO4 F . 1.56 -4.64 -49.78
O3 SO4 F . 3.79 -4.56 -48.87
O4 SO4 F . 2.77 -6.66 -49.36
CL CL G . -15.41 8.12 -32.01
CL CL H . -0.27 -6.71 -37.66
CL CL I . 6.87 -5.04 -29.97
CL CL J . -0.58 -18.34 -5.42
CL CL K . -3.48 -14.58 -24.15
CL CL L . 4.35 -23.09 -54.10
CL CL M . 1.86 14.47 -59.20
CL CL N . 1.31 -9.68 -45.80
S SO4 O . 4.17 3.68 -12.59
O1 SO4 O . 3.92 5.11 -12.76
O2 SO4 O . 5.35 3.33 -13.40
O3 SO4 O . 4.43 3.36 -11.18
O4 SO4 O . 3.01 2.95 -13.10
S SO4 P . 40.39 -1.77 -20.68
O1 SO4 P . 39.39 -1.28 -19.73
O2 SO4 P . 40.77 -0.69 -21.59
O3 SO4 P . 41.56 -2.27 -19.95
O4 SO4 P . 39.82 -2.85 -21.50
CL CL Q . 28.16 13.94 11.13
CL CL R . 29.41 -12.46 2.94
CL CL S . 50.17 -21.90 -23.13
CL CL T . 37.92 -6.66 6.89
CL CL U . 38.28 2.96 -19.22
S SO4 V . -7.85 -5.10 10.81
O1 SO4 V . -8.89 -4.08 10.84
O2 SO4 V . -6.62 -4.56 10.22
O3 SO4 V . -7.53 -5.54 12.17
O4 SO4 V . -8.32 -6.24 10.03
S SO4 W . -2.69 4.77 12.97
O1 SO4 W . -1.58 4.03 13.57
O2 SO4 W . -2.37 6.19 13.01
O3 SO4 W . -2.91 4.38 11.58
O4 SO4 W . -3.90 4.49 13.74
CL CL X . 16.09 -25.19 25.72
CL CL Y . 16.46 1.11 32.03
CL CL Z . 1.24 -2.08 16.70
CL CL AA . -2.49 -15.44 23.80
CL CL BA . -14.26 -20.23 53.38
N1 C2G CA . -41.17 12.07 16.13
C2 C2G CA . -42.22 11.12 15.51
N3 C2G CA . -42.99 10.18 16.38
C4 C2G CA . -42.75 10.12 17.84
C5 C2G CA . -41.71 11.02 18.46
C6 C2G CA . -40.94 11.98 17.58
O2 C2G CA . -42.48 11.13 14.14
N4 C2G CA . -43.46 9.20 18.70
C1' C2G CA . -40.36 13.04 15.37
C2' C2G CA . -40.82 14.49 15.63
O2' C2G CA . -40.87 15.27 14.45
C3' C2G CA . -39.88 15.05 16.66
C4' C2G CA . -38.58 14.24 16.48
O4' C2G CA . -38.96 12.98 15.82
O3' C2G CA . -39.67 16.44 16.55
C5' C2G CA . -37.88 13.95 17.83
O5' C2G CA . -38.78 13.85 18.92
PA C2G CA . -38.36 12.94 20.26
O1A C2G CA . -39.54 11.87 20.67
O2A C2G CA . -38.03 13.77 21.42
O3A C2G CA . -37.02 12.08 19.79
PB C2G CA . -35.48 12.66 19.96
O1B C2G CA . -34.61 12.09 18.68
O2B C2G CA . -34.95 12.21 21.25
O3B C2G CA . -35.44 14.33 19.92
O1G C2G CA . -33.60 18.21 20.24
C1G C2G CA . -34.56 17.48 20.93
C2G C2G CA . -34.07 16.02 20.90
O2G C2G CA . -33.46 15.80 19.67
C3G C2G CA . -35.28 15.08 21.09
CL CL DA . 1.19 7.13 0.02
CL CL EA . -21.45 22.87 -10.52
CL CL FA . -32.18 -0.30 -1.88
C1 EDO GA . -28.38 12.33 16.45
O1 EDO GA . -27.64 11.82 15.31
C2 EDO GA . -28.41 11.34 17.63
O2 EDO GA . -27.59 11.76 18.74
#